data_1PY0
# 
_entry.id   1PY0 
# 
_audit_conform.dict_name       mmcif_pdbx.dic 
_audit_conform.dict_version    5.398 
_audit_conform.dict_location   http://mmcif.pdb.org/dictionaries/ascii/mmcif_pdbx.dic 
# 
loop_
_database_2.database_id 
_database_2.database_code 
_database_2.pdbx_database_accession 
_database_2.pdbx_DOI 
PDB   1PY0         pdb_00001py0 10.2210/pdb1py0/pdb 
RCSB  RCSB019686   ?            ?                   
WWPDB D_1000019686 ?            ?                   
# 
loop_
_pdbx_audit_revision_history.ordinal 
_pdbx_audit_revision_history.data_content_type 
_pdbx_audit_revision_history.major_revision 
_pdbx_audit_revision_history.minor_revision 
_pdbx_audit_revision_history.revision_date 
1 'Structure model' 1 0 2004-12-07 
2 'Structure model' 1 1 2008-04-29 
3 'Structure model' 1 2 2011-07-13 
4 'Structure model' 1 3 2021-10-27 
5 'Structure model' 1 4 2023-08-16 
6 'Structure model' 1 5 2024-10-30 
# 
_pdbx_audit_revision_details.ordinal             1 
_pdbx_audit_revision_details.revision_ordinal    1 
_pdbx_audit_revision_details.data_content_type   'Structure model' 
_pdbx_audit_revision_details.provider            repository 
_pdbx_audit_revision_details.type                'Initial release' 
_pdbx_audit_revision_details.description         ? 
_pdbx_audit_revision_details.details             ? 
# 
loop_
_pdbx_audit_revision_group.ordinal 
_pdbx_audit_revision_group.revision_ordinal 
_pdbx_audit_revision_group.data_content_type 
_pdbx_audit_revision_group.group 
1 2 'Structure model' 'Version format compliance' 
2 3 'Structure model' 'Version format compliance' 
3 4 'Structure model' 'Database references'       
4 4 'Structure model' 'Derived calculations'      
5 5 'Structure model' 'Data collection'           
6 5 'Structure model' 'Refinement description'    
7 6 'Structure model' 'Structure summary'         
# 
loop_
_pdbx_audit_revision_category.ordinal 
_pdbx_audit_revision_category.revision_ordinal 
_pdbx_audit_revision_category.data_content_type 
_pdbx_audit_revision_category.category 
1  4 'Structure model' database_2                    
2  4 'Structure model' pdbx_struct_conn_angle        
3  4 'Structure model' struct_conn                   
4  4 'Structure model' struct_ref_seq_dif            
5  4 'Structure model' struct_site                   
6  5 'Structure model' chem_comp_atom                
7  5 'Structure model' chem_comp_bond                
8  5 'Structure model' pdbx_initial_refinement_model 
9  6 'Structure model' pdbx_entry_details            
10 6 'Structure model' pdbx_modification_feature     
# 
loop_
_pdbx_audit_revision_item.ordinal 
_pdbx_audit_revision_item.revision_ordinal 
_pdbx_audit_revision_item.data_content_type 
_pdbx_audit_revision_item.item 
1  4 'Structure model' '_database_2.pdbx_DOI'                        
2  4 'Structure model' '_database_2.pdbx_database_accession'         
3  4 'Structure model' '_pdbx_struct_conn_angle.ptnr1_auth_comp_id'  
4  4 'Structure model' '_pdbx_struct_conn_angle.ptnr1_auth_seq_id'   
5  4 'Structure model' '_pdbx_struct_conn_angle.ptnr1_label_atom_id' 
6  4 'Structure model' '_pdbx_struct_conn_angle.ptnr1_label_comp_id' 
7  4 'Structure model' '_pdbx_struct_conn_angle.ptnr1_label_seq_id'  
8  4 'Structure model' '_pdbx_struct_conn_angle.ptnr3_auth_comp_id'  
9  4 'Structure model' '_pdbx_struct_conn_angle.ptnr3_auth_seq_id'   
10 4 'Structure model' '_pdbx_struct_conn_angle.ptnr3_label_atom_id' 
11 4 'Structure model' '_pdbx_struct_conn_angle.ptnr3_label_comp_id' 
12 4 'Structure model' '_pdbx_struct_conn_angle.ptnr3_label_seq_id'  
13 4 'Structure model' '_pdbx_struct_conn_angle.value'               
14 4 'Structure model' '_struct_conn.pdbx_dist_value'                
15 4 'Structure model' '_struct_conn.pdbx_leaving_atom_flag'         
16 4 'Structure model' '_struct_conn.ptnr1_auth_comp_id'             
17 4 'Structure model' '_struct_conn.ptnr1_auth_seq_id'              
18 4 'Structure model' '_struct_conn.ptnr1_label_asym_id'            
19 4 'Structure model' '_struct_conn.ptnr1_label_atom_id'            
20 4 'Structure model' '_struct_conn.ptnr1_label_comp_id'            
21 4 'Structure model' '_struct_conn.ptnr1_label_seq_id'             
22 4 'Structure model' '_struct_conn.ptnr2_auth_comp_id'             
23 4 'Structure model' '_struct_conn.ptnr2_auth_seq_id'              
24 4 'Structure model' '_struct_conn.ptnr2_label_asym_id'            
25 4 'Structure model' '_struct_conn.ptnr2_label_atom_id'            
26 4 'Structure model' '_struct_conn.ptnr2_label_comp_id'            
27 4 'Structure model' '_struct_conn.ptnr2_label_seq_id'             
28 4 'Structure model' '_struct_ref_seq_dif.details'                 
29 4 'Structure model' '_struct_site.pdbx_auth_asym_id'              
30 4 'Structure model' '_struct_site.pdbx_auth_comp_id'              
31 4 'Structure model' '_struct_site.pdbx_auth_seq_id'               
# 
_pdbx_database_status.status_code                     REL 
_pdbx_database_status.entry_id                        1PY0 
_pdbx_database_status.recvd_initial_deposition_date   2003-07-07 
_pdbx_database_status.deposit_site                    RCSB 
_pdbx_database_status.process_site                    RCSB 
_pdbx_database_status.SG_entry                        . 
_pdbx_database_status.pdb_format_compatible           Y 
_pdbx_database_status.status_code_mr                  ? 
_pdbx_database_status.status_code_sf                  ? 
_pdbx_database_status.status_code_cs                  ? 
_pdbx_database_status.status_code_nmr_data            ? 
_pdbx_database_status.methods_development_category    ? 
# 
loop_
_audit_author.name 
_audit_author.pdbx_ordinal 
'Prudencio, M.'   1  
'Rohovec, J.'     2  
'Peters, J.A.'    3  
'Tocheva, E.'     4  
'Boulanger, M.J.' 5  
'Murphy, M.E.'    6  
'Hupkes, H.J.'    7  
'Kosters, W.'     8  
'Impagliazzo, A.' 9  
'Ubbink, M.'      10 
# 
_citation.id                        primary 
_citation.title                     'A caged lanthanide complex as a paramagnetic shift agent for protein NMR.' 
_citation.journal_abbrev            Chemistry 
_citation.journal_volume            10 
_citation.page_first                3252 
_citation.page_last                 3260 
_citation.year                      2004 
_citation.journal_id_ASTM           ? 
_citation.country                   GE 
_citation.journal_id_ISSN           0947-6539 
_citation.journal_id_CSD            ? 
_citation.book_publisher            ? 
_citation.pdbx_database_id_PubMed   15224334 
_citation.pdbx_database_id_DOI      10.1002/chem.200306019 
# 
loop_
_citation_author.citation_id 
_citation_author.name 
_citation_author.ordinal 
_citation_author.identifier_ORCID 
primary 'Prudencio, M.'   1  ? 
primary 'Rohovec, J.'     2  ? 
primary 'Peters, J.A.'    3  ? 
primary 'Tocheva, E.'     4  ? 
primary 'Boulanger, M.J.' 5  ? 
primary 'Murphy, M.E.'    6  ? 
primary 'Hupkes, H.J.'    7  ? 
primary 'Kosters, W.'     8  ? 
primary 'Impagliazzo, A.' 9  ? 
primary 'Ubbink, M.'      10 ? 
# 
loop_
_entity.id 
_entity.type 
_entity.src_method 
_entity.pdbx_description 
_entity.formula_weight 
_entity.pdbx_number_of_molecules 
_entity.pdbx_ec 
_entity.pdbx_mutation 
_entity.pdbx_fragment 
_entity.details 
1 polymer     man Pseudoazurin                                                                        13489.726 1  ? 'E51C, E54C' 
? ? 
2 non-polymer syn 'ZINC ION'                                                                          65.409    1  ? ?            
? ? 
3 non-polymer syn 'YTTRIUM ION'                                                                       88.906    1  ? ?            
? ? 
4 non-polymer syn 'SULFATE ION'                                                                       96.063    1  ? ?            
? ? 
5 non-polymer syn '7,10,13-TRI(CARBOXYMETHYL)-5,15-DIOXO-4,7,10,13,16-PENTAAZA-1,19-DITHIANONADECANE' 511.613   1  ? ?            
? ? 
6 water       nat water                                                                               18.015    71 ? ?            
? ? 
# 
_entity_name_com.entity_id   1 
_entity_name_com.name        'Cupredoxin, Blue copper protein' 
# 
_entity_poly.entity_id                      1 
_entity_poly.type                           'polypeptide(L)' 
_entity_poly.nstd_linkage                   no 
_entity_poly.nstd_monomer                   no 
_entity_poly.pdbx_seq_one_letter_code       
;ASENIEVHMLNKGAEGAMVFEPAYIKANPGDTVTFIPVDKGHNVESIKDMIPCGACKFKSKINENYVLTVTQPGAYLVKC
TPHYAMGMIALIAVGDSPANLDQIVSAKKPKIVQERLEKVIASAK
;
_entity_poly.pdbx_seq_one_letter_code_can   
;ASENIEVHMLNKGAEGAMVFEPAYIKANPGDTVTFIPVDKGHNVESIKDMIPCGACKFKSKINENYVLTVTQPGAYLVKC
TPHYAMGMIALIAVGDSPANLDQIVSAKKPKIVQERLEKVIASAK
;
_entity_poly.pdbx_strand_id                 A 
_entity_poly.pdbx_target_identifier         ? 
# 
loop_
_pdbx_entity_nonpoly.entity_id 
_pdbx_entity_nonpoly.name 
_pdbx_entity_nonpoly.comp_id 
2 'ZINC ION'                                                                          ZN  
3 'YTTRIUM ION'                                                                       Y1  
4 'SULFATE ION'                                                                       SO4 
5 '7,10,13-TRI(CARBOXYMETHYL)-5,15-DIOXO-4,7,10,13,16-PENTAAZA-1,19-DITHIANONADECANE' YMA 
6 water                                                                               HOH 
# 
loop_
_entity_poly_seq.entity_id 
_entity_poly_seq.num 
_entity_poly_seq.mon_id 
_entity_poly_seq.hetero 
1 1   ALA n 
1 2   SER n 
1 3   GLU n 
1 4   ASN n 
1 5   ILE n 
1 6   GLU n 
1 7   VAL n 
1 8   HIS n 
1 9   MET n 
1 10  LEU n 
1 11  ASN n 
1 12  LYS n 
1 13  GLY n 
1 14  ALA n 
1 15  GLU n 
1 16  GLY n 
1 17  ALA n 
1 18  MET n 
1 19  VAL n 
1 20  PHE n 
1 21  GLU n 
1 22  PRO n 
1 23  ALA n 
1 24  TYR n 
1 25  ILE n 
1 26  LYS n 
1 27  ALA n 
1 28  ASN n 
1 29  PRO n 
1 30  GLY n 
1 31  ASP n 
1 32  THR n 
1 33  VAL n 
1 34  THR n 
1 35  PHE n 
1 36  ILE n 
1 37  PRO n 
1 38  VAL n 
1 39  ASP n 
1 40  LYS n 
1 41  GLY n 
1 42  HIS n 
1 43  ASN n 
1 44  VAL n 
1 45  GLU n 
1 46  SER n 
1 47  ILE n 
1 48  LYS n 
1 49  ASP n 
1 50  MET n 
1 51  ILE n 
1 52  PRO n 
1 53  CYS n 
1 54  GLY n 
1 55  ALA n 
1 56  CYS n 
1 57  LYS n 
1 58  PHE n 
1 59  LYS n 
1 60  SER n 
1 61  LYS n 
1 62  ILE n 
1 63  ASN n 
1 64  GLU n 
1 65  ASN n 
1 66  TYR n 
1 67  VAL n 
1 68  LEU n 
1 69  THR n 
1 70  VAL n 
1 71  THR n 
1 72  GLN n 
1 73  PRO n 
1 74  GLY n 
1 75  ALA n 
1 76  TYR n 
1 77  LEU n 
1 78  VAL n 
1 79  LYS n 
1 80  CYS n 
1 81  THR n 
1 82  PRO n 
1 83  HIS n 
1 84  TYR n 
1 85  ALA n 
1 86  MET n 
1 87  GLY n 
1 88  MET n 
1 89  ILE n 
1 90  ALA n 
1 91  LEU n 
1 92  ILE n 
1 93  ALA n 
1 94  VAL n 
1 95  GLY n 
1 96  ASP n 
1 97  SER n 
1 98  PRO n 
1 99  ALA n 
1 100 ASN n 
1 101 LEU n 
1 102 ASP n 
1 103 GLN n 
1 104 ILE n 
1 105 VAL n 
1 106 SER n 
1 107 ALA n 
1 108 LYS n 
1 109 LYS n 
1 110 PRO n 
1 111 LYS n 
1 112 ILE n 
1 113 VAL n 
1 114 GLN n 
1 115 GLU n 
1 116 ARG n 
1 117 LEU n 
1 118 GLU n 
1 119 LYS n 
1 120 VAL n 
1 121 ILE n 
1 122 ALA n 
1 123 SER n 
1 124 ALA n 
1 125 LYS n 
# 
_entity_src_gen.entity_id                          1 
_entity_src_gen.pdbx_src_id                        1 
_entity_src_gen.pdbx_alt_source_flag               sample 
_entity_src_gen.pdbx_seq_type                      ? 
_entity_src_gen.pdbx_beg_seq_num                   ? 
_entity_src_gen.pdbx_end_seq_num                   ? 
_entity_src_gen.gene_src_common_name               ? 
_entity_src_gen.gene_src_genus                     Alcaligenes 
_entity_src_gen.pdbx_gene_src_gene                 ? 
_entity_src_gen.gene_src_species                   ? 
_entity_src_gen.gene_src_strain                    S-6 
_entity_src_gen.gene_src_tissue                    ? 
_entity_src_gen.gene_src_tissue_fraction           ? 
_entity_src_gen.gene_src_details                   ? 
_entity_src_gen.pdbx_gene_src_fragment             ? 
_entity_src_gen.pdbx_gene_src_scientific_name      'Alcaligenes faecalis' 
_entity_src_gen.pdbx_gene_src_ncbi_taxonomy_id     511 
_entity_src_gen.pdbx_gene_src_variant              ? 
_entity_src_gen.pdbx_gene_src_cell_line            ? 
_entity_src_gen.pdbx_gene_src_atcc                 ? 
_entity_src_gen.pdbx_gene_src_organ                ? 
_entity_src_gen.pdbx_gene_src_organelle            ? 
_entity_src_gen.pdbx_gene_src_cell                 ? 
_entity_src_gen.pdbx_gene_src_cellular_location    ? 
_entity_src_gen.host_org_common_name               ? 
_entity_src_gen.pdbx_host_org_scientific_name      'Escherichia coli BL21(DE3)' 
_entity_src_gen.pdbx_host_org_ncbi_taxonomy_id     469008 
_entity_src_gen.host_org_genus                     Escherichia 
_entity_src_gen.pdbx_host_org_gene                 ? 
_entity_src_gen.pdbx_host_org_organ                ? 
_entity_src_gen.host_org_species                   'Escherichia coli' 
_entity_src_gen.pdbx_host_org_tissue               ? 
_entity_src_gen.pdbx_host_org_tissue_fraction      ? 
_entity_src_gen.pdbx_host_org_strain               'BL21 (DE3)' 
_entity_src_gen.pdbx_host_org_variant              ? 
_entity_src_gen.pdbx_host_org_cell_line            ? 
_entity_src_gen.pdbx_host_org_atcc                 ? 
_entity_src_gen.pdbx_host_org_culture_collection   ? 
_entity_src_gen.pdbx_host_org_cell                 ? 
_entity_src_gen.pdbx_host_org_organelle            ? 
_entity_src_gen.pdbx_host_org_cellular_location    ? 
_entity_src_gen.pdbx_host_org_vector_type          Plasmid 
_entity_src_gen.pdbx_host_org_vector               ? 
_entity_src_gen.host_org_details                   ? 
_entity_src_gen.expression_system_id               ? 
_entity_src_gen.plasmid_name                       pET24c 
_entity_src_gen.plasmid_details                    ? 
_entity_src_gen.pdbx_description                   ? 
# 
loop_
_chem_comp.id 
_chem_comp.type 
_chem_comp.mon_nstd_flag 
_chem_comp.name 
_chem_comp.pdbx_synonyms 
_chem_comp.formula 
_chem_comp.formula_weight 
ALA 'L-peptide linking' y ALANINE                                                                             ? 'C3 H7 N O2'       
89.093  
ARG 'L-peptide linking' y ARGININE                                                                            ? 'C6 H15 N4 O2 1'   
175.209 
ASN 'L-peptide linking' y ASPARAGINE                                                                          ? 'C4 H8 N2 O3'      
132.118 
ASP 'L-peptide linking' y 'ASPARTIC ACID'                                                                     ? 'C4 H7 N O4'       
133.103 
CYS 'L-peptide linking' y CYSTEINE                                                                            ? 'C3 H7 N O2 S'     
121.158 
GLN 'L-peptide linking' y GLUTAMINE                                                                           ? 'C5 H10 N2 O3'     
146.144 
GLU 'L-peptide linking' y 'GLUTAMIC ACID'                                                                     ? 'C5 H9 N O4'       
147.129 
GLY 'peptide linking'   y GLYCINE                                                                             ? 'C2 H5 N O2'       
75.067  
HIS 'L-peptide linking' y HISTIDINE                                                                           ? 'C6 H10 N3 O2 1'   
156.162 
HOH non-polymer         . WATER                                                                               ? 'H2 O'             
18.015  
ILE 'L-peptide linking' y ISOLEUCINE                                                                          ? 'C6 H13 N O2'      
131.173 
LEU 'L-peptide linking' y LEUCINE                                                                             ? 'C6 H13 N O2'      
131.173 
LYS 'L-peptide linking' y LYSINE                                                                              ? 'C6 H15 N2 O2 1'   
147.195 
MET 'L-peptide linking' y METHIONINE                                                                          ? 'C5 H11 N O2 S'    
149.211 
PHE 'L-peptide linking' y PHENYLALANINE                                                                       ? 'C9 H11 N O2'      
165.189 
PRO 'L-peptide linking' y PROLINE                                                                             ? 'C5 H9 N O2'       
115.130 
SER 'L-peptide linking' y SERINE                                                                              ? 'C3 H7 N O3'       
105.093 
SO4 non-polymer         . 'SULFATE ION'                                                                       ? 'O4 S -2'          
96.063  
THR 'L-peptide linking' y THREONINE                                                                           ? 'C4 H9 N O3'       
119.119 
TYR 'L-peptide linking' y TYROSINE                                                                            ? 'C9 H11 N O3'      
181.189 
VAL 'L-peptide linking' y VALINE                                                                              ? 'C5 H11 N O2'      
117.146 
Y1  non-polymer         . 'YTTRIUM ION'                                                                       ? 'Y 2'              
88.906  
YMA non-polymer         . '7,10,13-TRI(CARBOXYMETHYL)-5,15-DIOXO-4,7,10,13,16-PENTAAZA-1,19-DITHIANONADECANE' ? 'C18 H33 N5 O8 S2' 
511.613 
ZN  non-polymer         . 'ZINC ION'                                                                          ? 'Zn 2'             
65.409  
# 
loop_
_pdbx_poly_seq_scheme.asym_id 
_pdbx_poly_seq_scheme.entity_id 
_pdbx_poly_seq_scheme.seq_id 
_pdbx_poly_seq_scheme.mon_id 
_pdbx_poly_seq_scheme.ndb_seq_num 
_pdbx_poly_seq_scheme.pdb_seq_num 
_pdbx_poly_seq_scheme.auth_seq_num 
_pdbx_poly_seq_scheme.pdb_mon_id 
_pdbx_poly_seq_scheme.auth_mon_id 
_pdbx_poly_seq_scheme.pdb_strand_id 
_pdbx_poly_seq_scheme.pdb_ins_code 
_pdbx_poly_seq_scheme.hetero 
A 1 1   ALA 1   -1  -1  ALA ALA A . n 
A 1 2   SER 2   0   0   SER SER A . n 
A 1 3   GLU 3   1   1   GLU GLU A . n 
A 1 4   ASN 4   2   2   ASN ASN A . n 
A 1 5   ILE 5   3   3   ILE ILE A . n 
A 1 6   GLU 6   4   4   GLU GLU A . n 
A 1 7   VAL 7   5   5   VAL VAL A . n 
A 1 8   HIS 8   6   6   HIS HIS A . n 
A 1 9   MET 9   7   7   MET MET A . n 
A 1 10  LEU 10  8   8   LEU LEU A . n 
A 1 11  ASN 11  9   9   ASN ASN A . n 
A 1 12  LYS 12  10  10  LYS LYS A . n 
A 1 13  GLY 13  11  11  GLY GLY A . n 
A 1 14  ALA 14  12  12  ALA ALA A . n 
A 1 15  GLU 15  13  13  GLU GLU A . n 
A 1 16  GLY 16  14  14  GLY GLY A . n 
A 1 17  ALA 17  15  15  ALA ALA A . n 
A 1 18  MET 18  16  16  MET MET A . n 
A 1 19  VAL 19  17  17  VAL VAL A . n 
A 1 20  PHE 20  18  18  PHE PHE A . n 
A 1 21  GLU 21  19  19  GLU GLU A . n 
A 1 22  PRO 22  20  20  PRO PRO A . n 
A 1 23  ALA 23  21  21  ALA ALA A . n 
A 1 24  TYR 24  22  22  TYR TYR A . n 
A 1 25  ILE 25  23  23  ILE ILE A . n 
A 1 26  LYS 26  24  24  LYS LYS A . n 
A 1 27  ALA 27  25  25  ALA ALA A . n 
A 1 28  ASN 28  26  26  ASN ASN A . n 
A 1 29  PRO 29  27  27  PRO PRO A . n 
A 1 30  GLY 30  28  28  GLY GLY A . n 
A 1 31  ASP 31  29  29  ASP ASP A . n 
A 1 32  THR 32  30  30  THR THR A . n 
A 1 33  VAL 33  31  31  VAL VAL A . n 
A 1 34  THR 34  32  32  THR THR A . n 
A 1 35  PHE 35  33  33  PHE PHE A . n 
A 1 36  ILE 36  34  34  ILE ILE A . n 
A 1 37  PRO 37  35  35  PRO PRO A . n 
A 1 38  VAL 38  36  36  VAL VAL A . n 
A 1 39  ASP 39  37  37  ASP ASP A . n 
A 1 40  LYS 40  38  38  LYS LYS A . n 
A 1 41  GLY 41  39  39  GLY GLY A . n 
A 1 42  HIS 42  40  40  HIS HIS A . n 
A 1 43  ASN 43  41  41  ASN ASN A . n 
A 1 44  VAL 44  42  42  VAL VAL A . n 
A 1 45  GLU 45  43  43  GLU GLU A . n 
A 1 46  SER 46  44  44  SER SER A . n 
A 1 47  ILE 47  45  45  ILE ILE A . n 
A 1 48  LYS 48  46  46  LYS LYS A . n 
A 1 49  ASP 49  47  47  ASP ASP A . n 
A 1 50  MET 50  48  48  MET MET A . n 
A 1 51  ILE 51  49  49  ILE ILE A . n 
A 1 52  PRO 52  50  50  PRO PRO A . n 
A 1 53  CYS 53  51  51  CYS CYS A . n 
A 1 54  GLY 54  52  52  GLY GLY A . n 
A 1 55  ALA 55  53  53  ALA ALA A . n 
A 1 56  CYS 56  54  54  CYS CYS A . n 
A 1 57  LYS 57  55  55  LYS LYS A . n 
A 1 58  PHE 58  56  56  PHE PHE A . n 
A 1 59  LYS 59  57  57  LYS LYS A . n 
A 1 60  SER 60  58  58  SER SER A . n 
A 1 61  LYS 61  59  59  LYS LYS A . n 
A 1 62  ILE 62  60  60  ILE ILE A . n 
A 1 63  ASN 63  61  61  ASN ASN A . n 
A 1 64  GLU 64  62  62  GLU GLU A . n 
A 1 65  ASN 65  63  63  ASN ASN A . n 
A 1 66  TYR 66  64  64  TYR TYR A . n 
A 1 67  VAL 67  65  65  VAL VAL A . n 
A 1 68  LEU 68  66  66  LEU LEU A . n 
A 1 69  THR 69  67  67  THR THR A . n 
A 1 70  VAL 70  68  68  VAL VAL A . n 
A 1 71  THR 71  69  69  THR THR A . n 
A 1 72  GLN 72  70  70  GLN GLN A . n 
A 1 73  PRO 73  71  71  PRO PRO A . n 
A 1 74  GLY 74  72  72  GLY GLY A . n 
A 1 75  ALA 75  73  73  ALA ALA A . n 
A 1 76  TYR 76  74  74  TYR TYR A . n 
A 1 77  LEU 77  75  75  LEU LEU A . n 
A 1 78  VAL 78  76  76  VAL VAL A . n 
A 1 79  LYS 79  77  77  LYS LYS A . n 
A 1 80  CYS 80  78  78  CYS CYS A . n 
A 1 81  THR 81  79  79  THR THR A . n 
A 1 82  PRO 82  80  80  PRO PRO A . n 
A 1 83  HIS 83  81  81  HIS HIS A . n 
A 1 84  TYR 84  82  82  TYR TYR A . n 
A 1 85  ALA 85  83  83  ALA ALA A . n 
A 1 86  MET 86  84  84  MET MET A . n 
A 1 87  GLY 87  85  85  GLY GLY A . n 
A 1 88  MET 88  86  86  MET MET A . n 
A 1 89  ILE 89  87  87  ILE ILE A . n 
A 1 90  ALA 90  88  88  ALA ALA A . n 
A 1 91  LEU 91  89  89  LEU LEU A . n 
A 1 92  ILE 92  90  90  ILE ILE A . n 
A 1 93  ALA 93  91  91  ALA ALA A . n 
A 1 94  VAL 94  92  92  VAL VAL A . n 
A 1 95  GLY 95  93  93  GLY GLY A . n 
A 1 96  ASP 96  94  94  ASP ASP A . n 
A 1 97  SER 97  95  95  SER SER A . n 
A 1 98  PRO 98  96  96  PRO PRO A . n 
A 1 99  ALA 99  97  97  ALA ALA A . n 
A 1 100 ASN 100 98  98  ASN ASN A . n 
A 1 101 LEU 101 99  99  LEU LEU A . n 
A 1 102 ASP 102 100 100 ASP ASP A . n 
A 1 103 GLN 103 101 101 GLN GLN A . n 
A 1 104 ILE 104 102 102 ILE ILE A . n 
A 1 105 VAL 105 103 103 VAL VAL A . n 
A 1 106 SER 106 104 104 SER SER A . n 
A 1 107 ALA 107 105 105 ALA ALA A . n 
A 1 108 LYS 108 106 106 LYS LYS A . n 
A 1 109 LYS 109 107 107 LYS LYS A . n 
A 1 110 PRO 110 108 108 PRO PRO A . n 
A 1 111 LYS 111 109 109 LYS LYS A . n 
A 1 112 ILE 112 110 110 ILE ILE A . n 
A 1 113 VAL 113 111 111 VAL VAL A . n 
A 1 114 GLN 114 112 112 GLN GLN A . n 
A 1 115 GLU 115 113 113 GLU GLU A . n 
A 1 116 ARG 116 114 114 ARG ARG A . n 
A 1 117 LEU 117 115 115 LEU LEU A . n 
A 1 118 GLU 118 116 116 GLU GLU A . n 
A 1 119 LYS 119 117 117 LYS LYS A . n 
A 1 120 VAL 120 118 118 VAL VAL A . n 
A 1 121 ILE 121 119 119 ILE ILE A . n 
A 1 122 ALA 122 120 120 ALA ALA A . n 
A 1 123 SER 123 121 ?   ?   ?   A . n 
A 1 124 ALA 124 122 ?   ?   ?   A . n 
A 1 125 LYS 125 123 ?   ?   ?   A . n 
# 
loop_
_pdbx_nonpoly_scheme.asym_id 
_pdbx_nonpoly_scheme.entity_id 
_pdbx_nonpoly_scheme.mon_id 
_pdbx_nonpoly_scheme.ndb_seq_num 
_pdbx_nonpoly_scheme.pdb_seq_num 
_pdbx_nonpoly_scheme.auth_seq_num 
_pdbx_nonpoly_scheme.pdb_mon_id 
_pdbx_nonpoly_scheme.auth_mon_id 
_pdbx_nonpoly_scheme.pdb_strand_id 
_pdbx_nonpoly_scheme.pdb_ins_code 
B 2 ZN  1  124 121 ZN  ZN  A . 
C 3 Y1  1  125 122 Y1  Y   A . 
D 4 SO4 1  126 123 SO4 SO4 A . 
E 5 YMA 1  195 195 YMA YMA A . 
F 6 HOH 1  196 124 HOH HOH A . 
F 6 HOH 2  197 125 HOH HOH A . 
F 6 HOH 3  198 126 HOH HOH A . 
F 6 HOH 4  199 127 HOH HOH A . 
F 6 HOH 5  200 128 HOH HOH A . 
F 6 HOH 6  201 129 HOH HOH A . 
F 6 HOH 7  202 130 HOH HOH A . 
F 6 HOH 8  203 131 HOH HOH A . 
F 6 HOH 9  204 132 HOH HOH A . 
F 6 HOH 10 205 133 HOH HOH A . 
F 6 HOH 11 206 134 HOH HOH A . 
F 6 HOH 12 207 135 HOH HOH A . 
F 6 HOH 13 208 136 HOH HOH A . 
F 6 HOH 14 209 137 HOH HOH A . 
F 6 HOH 15 210 138 HOH HOH A . 
F 6 HOH 16 211 139 HOH HOH A . 
F 6 HOH 17 212 140 HOH HOH A . 
F 6 HOH 18 213 141 HOH HOH A . 
F 6 HOH 19 214 142 HOH HOH A . 
F 6 HOH 20 215 143 HOH HOH A . 
F 6 HOH 21 216 144 HOH HOH A . 
F 6 HOH 22 217 145 HOH HOH A . 
F 6 HOH 23 218 146 HOH HOH A . 
F 6 HOH 24 219 147 HOH HOH A . 
F 6 HOH 25 220 148 HOH HOH A . 
F 6 HOH 26 221 149 HOH HOH A . 
F 6 HOH 27 222 150 HOH HOH A . 
F 6 HOH 28 223 151 HOH HOH A . 
F 6 HOH 29 224 152 HOH HOH A . 
F 6 HOH 30 225 153 HOH HOH A . 
F 6 HOH 31 226 154 HOH HOH A . 
F 6 HOH 32 227 155 HOH HOH A . 
F 6 HOH 33 228 156 HOH HOH A . 
F 6 HOH 34 229 157 HOH HOH A . 
F 6 HOH 35 230 158 HOH HOH A . 
F 6 HOH 36 231 159 HOH HOH A . 
F 6 HOH 37 232 160 HOH HOH A . 
F 6 HOH 38 233 161 HOH HOH A . 
F 6 HOH 39 234 162 HOH HOH A . 
F 6 HOH 40 235 163 HOH HOH A . 
F 6 HOH 41 236 164 HOH HOH A . 
F 6 HOH 42 237 165 HOH HOH A . 
F 6 HOH 43 238 166 HOH HOH A . 
F 6 HOH 44 239 167 HOH HOH A . 
F 6 HOH 45 240 168 HOH HOH A . 
F 6 HOH 46 241 169 HOH HOH A . 
F 6 HOH 47 242 170 HOH HOH A . 
F 6 HOH 48 243 171 HOH HOH A . 
F 6 HOH 49 244 172 HOH HOH A . 
F 6 HOH 50 245 173 HOH HOH A . 
F 6 HOH 51 246 174 HOH HOH A . 
F 6 HOH 52 247 175 HOH HOH A . 
F 6 HOH 53 248 176 HOH HOH A . 
F 6 HOH 54 249 177 HOH HOH A . 
F 6 HOH 55 250 178 HOH HOH A . 
F 6 HOH 56 251 179 HOH HOH A . 
F 6 HOH 57 252 180 HOH HOH A . 
F 6 HOH 58 253 181 HOH HOH A . 
F 6 HOH 59 254 182 HOH HOH A . 
F 6 HOH 60 255 183 HOH HOH A . 
F 6 HOH 61 256 184 HOH HOH A . 
F 6 HOH 62 257 185 HOH HOH A . 
F 6 HOH 63 258 186 HOH HOH A . 
F 6 HOH 64 259 187 HOH HOH A . 
F 6 HOH 65 260 188 HOH HOH A . 
F 6 HOH 66 261 189 HOH HOH A . 
F 6 HOH 67 262 190 HOH HOH A . 
F 6 HOH 68 263 191 HOH HOH A . 
F 6 HOH 69 264 192 HOH HOH A . 
F 6 HOH 70 265 193 HOH HOH A . 
F 6 HOH 71 266 194 HOH HOH A . 
# 
loop_
_software.name 
_software.classification 
_software.version 
_software.citation_id 
_software.pdbx_ordinal 
REFMAC    refinement       5.1.24 ? 1 
DENZO     'data reduction' .      ? 2 
SCALEPACK 'data scaling'   .      ? 3 
AMoRE     phasing          .      ? 4 
# 
_cell.entry_id           1PY0 
_cell.length_a           42.700 
_cell.length_b           42.700 
_cell.length_c           116.900 
_cell.angle_alpha        90.00 
_cell.angle_beta         90.00 
_cell.angle_gamma        120.00 
_cell.Z_PDB              6 
_cell.pdbx_unique_axis   ? 
# 
_symmetry.entry_id                         1PY0 
_symmetry.space_group_name_H-M             'P 65' 
_symmetry.pdbx_full_space_group_name_H-M   ? 
_symmetry.cell_setting                     ? 
_symmetry.Int_Tables_number                170 
_symmetry.space_group_name_Hall            ? 
# 
_exptl.entry_id          1PY0 
_exptl.method            'X-RAY DIFFRACTION' 
_exptl.crystals_number   1 
# 
_exptl_crystal.id                    1 
_exptl_crystal.density_meas          ? 
_exptl_crystal.density_Matthews      2.28 
_exptl_crystal.density_percent_sol   46.07 
_exptl_crystal.description           ? 
_exptl_crystal.F_000                 ? 
_exptl_crystal.preparation           ? 
# 
_exptl_crystal_grow.crystal_id      1 
_exptl_crystal_grow.method          'VAPOR DIFFUSION, HANGING DROP' 
_exptl_crystal_grow.temp            291 
_exptl_crystal_grow.temp_details    ? 
_exptl_crystal_grow.pH              6.5 
_exptl_crystal_grow.pdbx_details    
'2.4M ammonium sulfate, 50mM sodium phosphate buffer, pH 6.5, VAPOR DIFFUSION, HANGING DROP, temperature 291K' 
_exptl_crystal_grow.pdbx_pH_range   . 
# 
_diffrn.id                     1 
_diffrn.ambient_temp           100 
_diffrn.ambient_temp_details   ? 
_diffrn.crystal_id             1 
# 
_diffrn_detector.diffrn_id              1 
_diffrn_detector.detector               'IMAGE PLATE' 
_diffrn_detector.type                   MARRESEARCH 
_diffrn_detector.pdbx_collection_date   2003-03-16 
_diffrn_detector.details                'Osmic confocal max-flux optical mirrors' 
# 
_diffrn_radiation.diffrn_id                        1 
_diffrn_radiation.wavelength_id                    1 
_diffrn_radiation.pdbx_monochromatic_or_laue_m_l   M 
_diffrn_radiation.monochromator                    ? 
_diffrn_radiation.pdbx_diffrn_protocol             'SINGLE WAVELENGTH' 
_diffrn_radiation.pdbx_scattering_type             x-ray 
# 
_diffrn_radiation_wavelength.id           1 
_diffrn_radiation_wavelength.wavelength   1.5418 
_diffrn_radiation_wavelength.wt           1.0 
# 
_diffrn_source.diffrn_id                   1 
_diffrn_source.source                      'ROTATING ANODE' 
_diffrn_source.type                        'RIGAKU RU300' 
_diffrn_source.pdbx_synchrotron_site       ? 
_diffrn_source.pdbx_synchrotron_beamline   ? 
_diffrn_source.pdbx_wavelength             1.5418 
_diffrn_source.pdbx_wavelength_list        ? 
# 
_reflns.entry_id                     1PY0 
_reflns.observed_criterion_sigma_F   ? 
_reflns.observed_criterion_sigma_I   ? 
_reflns.d_resolution_high            2.0 
_reflns.d_resolution_low             37.0 
_reflns.number_all                   ? 
_reflns.number_obs                   39506 
_reflns.percent_possible_obs         99.2 
_reflns.pdbx_Rmerge_I_obs            0.057 
_reflns.pdbx_Rsym_value              ? 
_reflns.pdbx_netI_over_sigmaI        25.3 
_reflns.B_iso_Wilson_estimate        28.5 
_reflns.pdbx_redundancy              4.2 
_reflns.R_free_details               ? 
_reflns.limit_h_max                  ? 
_reflns.limit_h_min                  ? 
_reflns.limit_k_max                  ? 
_reflns.limit_k_min                  ? 
_reflns.limit_l_max                  ? 
_reflns.limit_l_min                  ? 
_reflns.observed_criterion_F_max     ? 
_reflns.observed_criterion_F_min     ? 
_reflns.pdbx_chi_squared             ? 
_reflns.pdbx_scaling_rejects         ? 
_reflns.pdbx_diffrn_id               1 
_reflns.pdbx_ordinal                 1 
# 
_reflns_shell.d_res_high             2.0 
_reflns_shell.d_res_low              2.07 
_reflns_shell.percent_possible_all   99.1 
_reflns_shell.Rmerge_I_obs           0.34 
_reflns_shell.pdbx_Rsym_value        ? 
_reflns_shell.meanI_over_sigI_obs    5.4 
_reflns_shell.pdbx_redundancy        4 
_reflns_shell.percent_possible_obs   ? 
_reflns_shell.number_unique_all      815 
_reflns_shell.number_measured_all    ? 
_reflns_shell.number_measured_obs    ? 
_reflns_shell.number_unique_obs      ? 
_reflns_shell.pdbx_chi_squared       ? 
_reflns_shell.pdbx_diffrn_id         ? 
_reflns_shell.pdbx_ordinal           1 
# 
_refine.entry_id                                 1PY0 
_refine.ls_number_reflns_obs                     6540 
_refine.ls_number_reflns_all                     ? 
_refine.pdbx_ls_sigma_I                          ? 
_refine.pdbx_ls_sigma_F                          ? 
_refine.pdbx_data_cutoff_high_absF               ? 
_refine.pdbx_data_cutoff_low_absF                ? 
_refine.pdbx_data_cutoff_high_rms_absF           ? 
_refine.ls_d_res_low                             37.01 
_refine.ls_d_res_high                            2.00 
_refine.ls_percent_reflns_obs                    87.13 
_refine.ls_R_factor_obs                          0.19614 
_refine.ls_R_factor_all                          ? 
_refine.ls_R_factor_R_work                       0.19299 
_refine.ls_R_factor_R_free                       0.23182 
_refine.ls_R_factor_R_free_error                 ? 
_refine.ls_R_factor_R_free_error_details         ? 
_refine.ls_percent_reflns_R_free                 8.1 
_refine.ls_number_reflns_R_free                  573 
_refine.ls_number_parameters                     ? 
_refine.ls_number_restraints                     ? 
_refine.occupancy_min                            ? 
_refine.occupancy_max                            ? 
_refine.correlation_coeff_Fo_to_Fc               0.947 
_refine.correlation_coeff_Fo_to_Fc_free          0.926 
_refine.B_iso_mean                               28.290 
_refine.aniso_B[1][1]                            0.11 
_refine.aniso_B[2][2]                            0.11 
_refine.aniso_B[3][3]                            -0.17 
_refine.aniso_B[1][2]                            0.06 
_refine.aniso_B[1][3]                            0.00 
_refine.aniso_B[2][3]                            0.00 
_refine.solvent_model_details                    'BABINET MODEL WITH MASK' 
_refine.solvent_model_param_ksol                 ? 
_refine.solvent_model_param_bsol                 ? 
_refine.pdbx_solvent_vdw_probe_radii             1.40 
_refine.pdbx_solvent_ion_probe_radii             0.80 
_refine.pdbx_solvent_shrinkage_radii             0.80 
_refine.pdbx_ls_cross_valid_method               THROUGHOUT 
_refine.details                                  ? 
_refine.pdbx_starting_model                      'PDB entry 1PAZ' 
_refine.pdbx_method_to_determine_struct          'MOLECULAR REPLACEMENT' 
_refine.pdbx_isotropic_thermal_model             Isotropic 
_refine.pdbx_stereochemistry_target_values       ? 
_refine.pdbx_stereochem_target_val_spec_case     ? 
_refine.pdbx_R_Free_selection_details            'RANDOM, EXCLUDING REFLECTIONS RELATED BY TWIN OPERATOR' 
_refine.pdbx_overall_ESU_R                       0.272 
_refine.pdbx_overall_ESU_R_Free                  0.198 
_refine.overall_SU_ML                            0.128 
_refine.overall_SU_B                             4.567 
_refine.ls_redundancy_reflns_obs                 ? 
_refine.B_iso_min                                ? 
_refine.B_iso_max                                ? 
_refine.overall_SU_R_Cruickshank_DPI             ? 
_refine.overall_SU_R_free                        ? 
_refine.ls_wR_factor_R_free                      ? 
_refine.ls_wR_factor_R_work                      ? 
_refine.overall_FOM_free_R_set                   ? 
_refine.overall_FOM_work_R_set                   ? 
_refine.pdbx_refine_id                           'X-RAY DIFFRACTION' 
_refine.pdbx_diffrn_id                           1 
_refine.pdbx_TLS_residual_ADP_flag               ? 
_refine.pdbx_overall_phase_error                 ? 
_refine.pdbx_overall_SU_R_free_Cruickshank_DPI   ? 
_refine.pdbx_overall_SU_R_Blow_DPI               ? 
_refine.pdbx_overall_SU_R_free_Blow_DPI          ? 
# 
_refine_hist.pdbx_refine_id                   'X-RAY DIFFRACTION' 
_refine_hist.cycle_id                         LAST 
_refine_hist.pdbx_number_atoms_protein        921 
_refine_hist.pdbx_number_atoms_nucleic_acid   0 
_refine_hist.pdbx_number_atoms_ligand         40 
_refine_hist.number_atoms_solvent             71 
_refine_hist.number_atoms_total               1032 
_refine_hist.d_res_high                       2.00 
_refine_hist.d_res_low                        37.01 
# 
loop_
_refine_ls_restr.type 
_refine_ls_restr.dev_ideal 
_refine_ls_restr.dev_ideal_target 
_refine_ls_restr.weight 
_refine_ls_restr.number 
_refine_ls_restr.pdbx_refine_id 
_refine_ls_restr.pdbx_restraint_function 
r_bond_refined_d         0.016  0.022 ? 980  'X-RAY DIFFRACTION' ? 
r_bond_other_d           ?      ?     ? ?    'X-RAY DIFFRACTION' ? 
r_angle_refined_deg      1.970  2.007 ? 1317 'X-RAY DIFFRACTION' ? 
r_angle_other_deg        ?      ?     ? ?    'X-RAY DIFFRACTION' ? 
r_dihedral_angle_1_deg   13.784 5.000 ? 121  'X-RAY DIFFRACTION' ? 
r_dihedral_angle_2_deg   ?      ?     ? ?    'X-RAY DIFFRACTION' ? 
r_chiral_restr           0.108  0.200 ? 150  'X-RAY DIFFRACTION' ? 
r_gen_planes_refined     0.006  0.020 ? 712  'X-RAY DIFFRACTION' ? 
r_gen_planes_other       ?      ?     ? ?    'X-RAY DIFFRACTION' ? 
r_nbd_refined            0.210  0.200 ? 457  'X-RAY DIFFRACTION' ? 
r_nbd_other              ?      ?     ? ?    'X-RAY DIFFRACTION' ? 
r_nbtor_other            ?      ?     ? ?    'X-RAY DIFFRACTION' ? 
r_xyhbond_nbd_refined    0.152  0.200 ? 78   'X-RAY DIFFRACTION' ? 
r_xyhbond_nbd_other      ?      ?     ? ?    'X-RAY DIFFRACTION' ? 
r_symmetry_vdw_refined   0.229  0.200 ? 32   'X-RAY DIFFRACTION' ? 
r_symmetry_vdw_other     ?      ?     ? ?    'X-RAY DIFFRACTION' ? 
r_symmetry_hbond_refined 0.055  0.200 ? 3    'X-RAY DIFFRACTION' ? 
r_symmetry_hbond_other   ?      ?     ? ?    'X-RAY DIFFRACTION' ? 
r_mcbond_it              0.802  1.500 ? 610  'X-RAY DIFFRACTION' ? 
r_mcangle_it             1.431  2.000 ? 989  'X-RAY DIFFRACTION' ? 
r_scbond_it              2.791  3.000 ? 370  'X-RAY DIFFRACTION' ? 
r_scangle_it             4.357  4.500 ? 328  'X-RAY DIFFRACTION' ? 
r_rigid_bond_restr       ?      ?     ? ?    'X-RAY DIFFRACTION' ? 
r_sphericity_free        ?      ?     ? ?    'X-RAY DIFFRACTION' ? 
r_sphericity_bonded      ?      ?     ? ?    'X-RAY DIFFRACTION' ? 
# 
_refine_ls_shell.pdbx_total_number_of_bins_used   20 
_refine_ls_shell.d_res_high                       2.000 
_refine_ls_shell.d_res_low                        2.052 
_refine_ls_shell.number_reflns_R_work             446 
_refine_ls_shell.R_factor_R_work                  0.242 
_refine_ls_shell.percent_reflns_obs               ? 
_refine_ls_shell.R_factor_R_free                  0.276 
_refine_ls_shell.R_factor_R_free_error            ? 
_refine_ls_shell.percent_reflns_R_free            ? 
_refine_ls_shell.number_reflns_R_free             39 
_refine_ls_shell.number_reflns_obs                815 
_refine_ls_shell.redundancy_reflns_obs            ? 
_refine_ls_shell.number_reflns_all                ? 
_refine_ls_shell.pdbx_refine_id                   'X-RAY DIFFRACTION' 
_refine_ls_shell.R_factor_all                     ? 
# 
_struct.entry_id                  1PY0 
_struct.title                     'Crystal structure of E51C/E54C Psaz from A.faecalis with CLaNP probe' 
_struct.pdbx_model_details        ? 
_struct.pdbx_CASP_flag            ? 
_struct.pdbx_model_type_details   ? 
# 
_struct_keywords.entry_id        1PY0 
_struct_keywords.pdbx_keywords   'ELECTRON TRANSPORT' 
_struct_keywords.text            'cupredoxin, NMR probe, ELECTRON TRANSPORT' 
# 
loop_
_struct_asym.id 
_struct_asym.pdbx_blank_PDB_chainid_flag 
_struct_asym.pdbx_modified 
_struct_asym.entity_id 
_struct_asym.details 
A N N 1 ? 
B N N 2 ? 
C N N 3 ? 
D N N 4 ? 
E N N 5 ? 
F N N 6 ? 
# 
_struct_ref.id                         1 
_struct_ref.db_name                    UNP 
_struct_ref.db_code                    AZUP_ALCFA 
_struct_ref.pdbx_db_accession          P04377 
_struct_ref.entity_id                  1 
_struct_ref.pdbx_seq_one_letter_code   
;ENIEVHMLNKGAEGAMVFEPAYIKANPGDTVTFIPVDKGHNVESIKDMIPEGAEKFKSKINENYVLTVTQPGAYLVKCTP
HYAMGMIALIAVGDSPANLDQIVSAKKPKIVQERLEKVIASAK
;
_struct_ref.pdbx_align_begin           24 
_struct_ref.pdbx_db_isoform            ? 
# 
_struct_ref_seq.align_id                      1 
_struct_ref_seq.ref_id                        1 
_struct_ref_seq.pdbx_PDB_id_code              1PY0 
_struct_ref_seq.pdbx_strand_id                A 
_struct_ref_seq.seq_align_beg                 3 
_struct_ref_seq.pdbx_seq_align_beg_ins_code   ? 
_struct_ref_seq.seq_align_end                 125 
_struct_ref_seq.pdbx_seq_align_end_ins_code   ? 
_struct_ref_seq.pdbx_db_accession             P04377 
_struct_ref_seq.db_align_beg                  24 
_struct_ref_seq.pdbx_db_align_beg_ins_code    ? 
_struct_ref_seq.db_align_end                  146 
_struct_ref_seq.pdbx_db_align_end_ins_code    ? 
_struct_ref_seq.pdbx_auth_seq_align_beg       1 
_struct_ref_seq.pdbx_auth_seq_align_end       123 
# 
loop_
_struct_ref_seq_dif.align_id 
_struct_ref_seq_dif.pdbx_pdb_id_code 
_struct_ref_seq_dif.mon_id 
_struct_ref_seq_dif.pdbx_pdb_strand_id 
_struct_ref_seq_dif.seq_num 
_struct_ref_seq_dif.pdbx_pdb_ins_code 
_struct_ref_seq_dif.pdbx_seq_db_name 
_struct_ref_seq_dif.pdbx_seq_db_accession_code 
_struct_ref_seq_dif.db_mon_id 
_struct_ref_seq_dif.pdbx_seq_db_seq_num 
_struct_ref_seq_dif.details 
_struct_ref_seq_dif.pdbx_auth_seq_num 
_struct_ref_seq_dif.pdbx_ordinal 
1 1PY0 ALA A 1  ? UNP P04377 ?   ?  'cloning artifact'    -1 1 
1 1PY0 SER A 2  ? UNP P04377 ?   ?  'cloning artifact'    0  2 
1 1PY0 CYS A 53 ? UNP P04377 GLU 74 'engineered mutation' 51 3 
1 1PY0 CYS A 56 ? UNP P04377 GLU 77 'engineered mutation' 54 4 
# 
_pdbx_struct_assembly.id                   1 
_pdbx_struct_assembly.details              author_defined_assembly 
_pdbx_struct_assembly.method_details       ? 
_pdbx_struct_assembly.oligomeric_details   monomeric 
_pdbx_struct_assembly.oligomeric_count     1 
# 
_pdbx_struct_assembly_gen.assembly_id       1 
_pdbx_struct_assembly_gen.oper_expression   1 
_pdbx_struct_assembly_gen.asym_id_list      A,B,C,D,E,F 
# 
_pdbx_struct_oper_list.id                   1 
_pdbx_struct_oper_list.type                 'identity operation' 
_pdbx_struct_oper_list.name                 1_555 
_pdbx_struct_oper_list.symmetry_operation   x,y,z 
_pdbx_struct_oper_list.matrix[1][1]         1.0000000000 
_pdbx_struct_oper_list.matrix[1][2]         0.0000000000 
_pdbx_struct_oper_list.matrix[1][3]         0.0000000000 
_pdbx_struct_oper_list.vector[1]            0.0000000000 
_pdbx_struct_oper_list.matrix[2][1]         0.0000000000 
_pdbx_struct_oper_list.matrix[2][2]         1.0000000000 
_pdbx_struct_oper_list.matrix[2][3]         0.0000000000 
_pdbx_struct_oper_list.vector[2]            0.0000000000 
_pdbx_struct_oper_list.matrix[3][1]         0.0000000000 
_pdbx_struct_oper_list.matrix[3][2]         0.0000000000 
_pdbx_struct_oper_list.matrix[3][3]         1.0000000000 
_pdbx_struct_oper_list.vector[3]            0.0000000000 
# 
_struct_biol.id                    1 
_struct_biol.pdbx_parent_biol_id   ? 
_struct_biol.details               ? 
# 
loop_
_struct_conf.conf_type_id 
_struct_conf.id 
_struct_conf.pdbx_PDB_helix_id 
_struct_conf.beg_label_comp_id 
_struct_conf.beg_label_asym_id 
_struct_conf.beg_label_seq_id 
_struct_conf.pdbx_beg_PDB_ins_code 
_struct_conf.end_label_comp_id 
_struct_conf.end_label_asym_id 
_struct_conf.end_label_seq_id 
_struct_conf.pdbx_end_PDB_ins_code 
_struct_conf.beg_auth_comp_id 
_struct_conf.beg_auth_asym_id 
_struct_conf.beg_auth_seq_id 
_struct_conf.end_auth_comp_id 
_struct_conf.end_auth_asym_id 
_struct_conf.end_auth_seq_id 
_struct_conf.pdbx_PDB_helix_class 
_struct_conf.details 
_struct_conf.pdbx_PDB_helix_length 
HELX_P HELX_P1 1 HIS A 83  ? GLY A 87  ? HIS A 81  GLY A 85  5 ? 5  
HELX_P HELX_P2 2 ASN A 100 ? ALA A 107 ? ASN A 98  ALA A 105 1 ? 8  
HELX_P HELX_P3 3 PRO A 110 ? ALA A 122 ? PRO A 108 ALA A 120 1 ? 13 
# 
_struct_conf_type.id          HELX_P 
_struct_conf_type.criteria    ? 
_struct_conf_type.reference   ? 
# 
loop_
_struct_conn.id 
_struct_conn.conn_type_id 
_struct_conn.pdbx_leaving_atom_flag 
_struct_conn.pdbx_PDB_id 
_struct_conn.ptnr1_label_asym_id 
_struct_conn.ptnr1_label_comp_id 
_struct_conn.ptnr1_label_seq_id 
_struct_conn.ptnr1_label_atom_id 
_struct_conn.pdbx_ptnr1_label_alt_id 
_struct_conn.pdbx_ptnr1_PDB_ins_code 
_struct_conn.pdbx_ptnr1_standard_comp_id 
_struct_conn.ptnr1_symmetry 
_struct_conn.ptnr2_label_asym_id 
_struct_conn.ptnr2_label_comp_id 
_struct_conn.ptnr2_label_seq_id 
_struct_conn.ptnr2_label_atom_id 
_struct_conn.pdbx_ptnr2_label_alt_id 
_struct_conn.pdbx_ptnr2_PDB_ins_code 
_struct_conn.ptnr1_auth_asym_id 
_struct_conn.ptnr1_auth_comp_id 
_struct_conn.ptnr1_auth_seq_id 
_struct_conn.ptnr2_auth_asym_id 
_struct_conn.ptnr2_auth_comp_id 
_struct_conn.ptnr2_auth_seq_id 
_struct_conn.ptnr2_symmetry 
_struct_conn.pdbx_ptnr3_label_atom_id 
_struct_conn.pdbx_ptnr3_label_seq_id 
_struct_conn.pdbx_ptnr3_label_comp_id 
_struct_conn.pdbx_ptnr3_label_asym_id 
_struct_conn.pdbx_ptnr3_label_alt_id 
_struct_conn.pdbx_ptnr3_PDB_ins_code 
_struct_conn.details 
_struct_conn.pdbx_dist_value 
_struct_conn.pdbx_value_order 
_struct_conn.pdbx_role 
covale1 covale none ? A CYS 53 SG  ? ? ? 1_555 E YMA . S1 ? ? A CYS 51 A YMA 195 1_555 ? ? ? ? ? ? ? 2.032 ? ? 
covale2 covale none ? A CYS 56 SG  ? ? ? 1_555 E YMA . S2 ? ? A CYS 54 A YMA 195 1_555 ? ? ? ? ? ? ? 1.990 ? ? 
metalc1 metalc ?    ? A HIS 42 ND1 ? ? ? 1_555 B ZN  . ZN ? ? A HIS 40 A ZN  124 1_555 ? ? ? ? ? ? ? 2.098 ? ? 
metalc2 metalc ?    ? A CYS 80 SG  ? ? ? 1_555 B ZN  . ZN ? ? A CYS 78 A ZN  124 1_555 ? ? ? ? ? ? ? 2.287 ? ? 
metalc3 metalc ?    ? A HIS 83 ND1 ? ? ? 1_555 B ZN  . ZN ? ? A HIS 81 A ZN  124 1_555 ? ? ? ? ? ? ? 2.082 ? ? 
metalc4 metalc ?    ? A MET 88 SD  ? ? ? 1_555 B ZN  . ZN ? ? A MET 86 A ZN  124 1_555 ? ? ? ? ? ? ? 2.573 ? ? 
# 
loop_
_struct_conn_type.id 
_struct_conn_type.criteria 
_struct_conn_type.reference 
covale ? ? 
metalc ? ? 
# 
loop_
_pdbx_struct_conn_angle.id 
_pdbx_struct_conn_angle.ptnr1_label_atom_id 
_pdbx_struct_conn_angle.ptnr1_label_alt_id 
_pdbx_struct_conn_angle.ptnr1_label_asym_id 
_pdbx_struct_conn_angle.ptnr1_label_comp_id 
_pdbx_struct_conn_angle.ptnr1_label_seq_id 
_pdbx_struct_conn_angle.ptnr1_auth_atom_id 
_pdbx_struct_conn_angle.ptnr1_auth_asym_id 
_pdbx_struct_conn_angle.ptnr1_auth_comp_id 
_pdbx_struct_conn_angle.ptnr1_auth_seq_id 
_pdbx_struct_conn_angle.ptnr1_PDB_ins_code 
_pdbx_struct_conn_angle.ptnr1_symmetry 
_pdbx_struct_conn_angle.ptnr2_label_atom_id 
_pdbx_struct_conn_angle.ptnr2_label_alt_id 
_pdbx_struct_conn_angle.ptnr2_label_asym_id 
_pdbx_struct_conn_angle.ptnr2_label_comp_id 
_pdbx_struct_conn_angle.ptnr2_label_seq_id 
_pdbx_struct_conn_angle.ptnr2_auth_atom_id 
_pdbx_struct_conn_angle.ptnr2_auth_asym_id 
_pdbx_struct_conn_angle.ptnr2_auth_comp_id 
_pdbx_struct_conn_angle.ptnr2_auth_seq_id 
_pdbx_struct_conn_angle.ptnr2_PDB_ins_code 
_pdbx_struct_conn_angle.ptnr2_symmetry 
_pdbx_struct_conn_angle.ptnr3_label_atom_id 
_pdbx_struct_conn_angle.ptnr3_label_alt_id 
_pdbx_struct_conn_angle.ptnr3_label_asym_id 
_pdbx_struct_conn_angle.ptnr3_label_comp_id 
_pdbx_struct_conn_angle.ptnr3_label_seq_id 
_pdbx_struct_conn_angle.ptnr3_auth_atom_id 
_pdbx_struct_conn_angle.ptnr3_auth_asym_id 
_pdbx_struct_conn_angle.ptnr3_auth_comp_id 
_pdbx_struct_conn_angle.ptnr3_auth_seq_id 
_pdbx_struct_conn_angle.ptnr3_PDB_ins_code 
_pdbx_struct_conn_angle.ptnr3_symmetry 
_pdbx_struct_conn_angle.value 
_pdbx_struct_conn_angle.value_esd 
1 ND1 ? A HIS 42 ? A HIS 40 ? 1_555 ZN ? B ZN . ? A ZN 124 ? 1_555 SG  ? A CYS 80 ? A CYS 78 ? 1_555 129.3 ? 
2 ND1 ? A HIS 42 ? A HIS 40 ? 1_555 ZN ? B ZN . ? A ZN 124 ? 1_555 ND1 ? A HIS 83 ? A HIS 81 ? 1_555 100.3 ? 
3 SG  ? A CYS 80 ? A CYS 78 ? 1_555 ZN ? B ZN . ? A ZN 124 ? 1_555 ND1 ? A HIS 83 ? A HIS 81 ? 1_555 110.4 ? 
4 ND1 ? A HIS 42 ? A HIS 40 ? 1_555 ZN ? B ZN . ? A ZN 124 ? 1_555 SD  ? A MET 88 ? A MET 86 ? 1_555 90.4  ? 
5 SG  ? A CYS 80 ? A CYS 78 ? 1_555 ZN ? B ZN . ? A ZN 124 ? 1_555 SD  ? A MET 88 ? A MET 86 ? 1_555 110.9 ? 
6 ND1 ? A HIS 83 ? A HIS 81 ? 1_555 ZN ? B ZN . ? A ZN 124 ? 1_555 SD  ? A MET 88 ? A MET 86 ? 1_555 114.5 ? 
# 
loop_
_pdbx_modification_feature.ordinal 
_pdbx_modification_feature.label_comp_id 
_pdbx_modification_feature.label_asym_id 
_pdbx_modification_feature.label_seq_id 
_pdbx_modification_feature.label_alt_id 
_pdbx_modification_feature.modified_residue_label_comp_id 
_pdbx_modification_feature.modified_residue_label_asym_id 
_pdbx_modification_feature.modified_residue_label_seq_id 
_pdbx_modification_feature.modified_residue_label_alt_id 
_pdbx_modification_feature.auth_comp_id 
_pdbx_modification_feature.auth_asym_id 
_pdbx_modification_feature.auth_seq_id 
_pdbx_modification_feature.PDB_ins_code 
_pdbx_modification_feature.symmetry 
_pdbx_modification_feature.modified_residue_auth_comp_id 
_pdbx_modification_feature.modified_residue_auth_asym_id 
_pdbx_modification_feature.modified_residue_auth_seq_id 
_pdbx_modification_feature.modified_residue_PDB_ins_code 
_pdbx_modification_feature.modified_residue_symmetry 
_pdbx_modification_feature.comp_id_linking_atom 
_pdbx_modification_feature.modified_residue_id_linking_atom 
_pdbx_modification_feature.modified_residue_id 
_pdbx_modification_feature.ref_pcm_id 
_pdbx_modification_feature.ref_comp_id 
_pdbx_modification_feature.type 
_pdbx_modification_feature.category 
1 YMA E . ? CYS A 53 ? YMA A 195 ? 1_555 CYS A 51 ? 1_555 S1 SG CYS 1 YMA None Crosslinker 
2 YMA E . ? CYS A 56 ? YMA A 195 ? 1_555 CYS A 54 ? 1_555 S2 SG CYS 2 YMA None Crosslinker 
# 
_struct_mon_prot_cis.pdbx_id                1 
_struct_mon_prot_cis.label_comp_id          GLU 
_struct_mon_prot_cis.label_seq_id           21 
_struct_mon_prot_cis.label_asym_id          A 
_struct_mon_prot_cis.label_alt_id           . 
_struct_mon_prot_cis.pdbx_PDB_ins_code      ? 
_struct_mon_prot_cis.auth_comp_id           GLU 
_struct_mon_prot_cis.auth_seq_id            19 
_struct_mon_prot_cis.auth_asym_id           A 
_struct_mon_prot_cis.pdbx_label_comp_id_2   PRO 
_struct_mon_prot_cis.pdbx_label_seq_id_2    22 
_struct_mon_prot_cis.pdbx_label_asym_id_2   A 
_struct_mon_prot_cis.pdbx_PDB_ins_code_2    ? 
_struct_mon_prot_cis.pdbx_auth_comp_id_2    PRO 
_struct_mon_prot_cis.pdbx_auth_seq_id_2     20 
_struct_mon_prot_cis.pdbx_auth_asym_id_2    A 
_struct_mon_prot_cis.pdbx_PDB_model_num     1 
_struct_mon_prot_cis.pdbx_omega_angle       0.86 
# 
loop_
_struct_sheet.id 
_struct_sheet.type 
_struct_sheet.number_strands 
_struct_sheet.details 
A ? 4 ? 
B ? 4 ? 
# 
loop_
_struct_sheet_order.sheet_id 
_struct_sheet_order.range_id_1 
_struct_sheet_order.range_id_2 
_struct_sheet_order.offset 
_struct_sheet_order.sense 
A 1 2 ? anti-parallel 
A 2 3 ? parallel      
A 3 4 ? anti-parallel 
B 1 2 ? parallel      
B 2 3 ? anti-parallel 
B 3 4 ? anti-parallel 
# 
loop_
_struct_sheet_range.sheet_id 
_struct_sheet_range.id 
_struct_sheet_range.beg_label_comp_id 
_struct_sheet_range.beg_label_asym_id 
_struct_sheet_range.beg_label_seq_id 
_struct_sheet_range.pdbx_beg_PDB_ins_code 
_struct_sheet_range.end_label_comp_id 
_struct_sheet_range.end_label_asym_id 
_struct_sheet_range.end_label_seq_id 
_struct_sheet_range.pdbx_end_PDB_ins_code 
_struct_sheet_range.beg_auth_comp_id 
_struct_sheet_range.beg_auth_asym_id 
_struct_sheet_range.beg_auth_seq_id 
_struct_sheet_range.end_auth_comp_id 
_struct_sheet_range.end_auth_asym_id 
_struct_sheet_range.end_auth_seq_id 
A 1 GLY A 16 ? GLU A 21 ? GLY A 14 GLU A 19 
A 2 ASN A 4  ? GLY A 13 ? ASN A 2  GLY A 11 
A 3 ASP A 31 ? PRO A 37 ? ASP A 29 PRO A 35 
A 4 TYR A 66 ? VAL A 70 ? TYR A 64 VAL A 68 
B 1 TYR A 24 ? ALA A 27 ? TYR A 22 ALA A 25 
B 2 ILE A 89 ? VAL A 94 ? ILE A 87 VAL A 92 
B 3 GLY A 74 ? LYS A 79 ? GLY A 72 LYS A 77 
B 4 GLU A 45 ? SER A 46 ? GLU A 43 SER A 44 
# 
loop_
_pdbx_struct_sheet_hbond.sheet_id 
_pdbx_struct_sheet_hbond.range_id_1 
_pdbx_struct_sheet_hbond.range_id_2 
_pdbx_struct_sheet_hbond.range_1_label_atom_id 
_pdbx_struct_sheet_hbond.range_1_label_comp_id 
_pdbx_struct_sheet_hbond.range_1_label_asym_id 
_pdbx_struct_sheet_hbond.range_1_label_seq_id 
_pdbx_struct_sheet_hbond.range_1_PDB_ins_code 
_pdbx_struct_sheet_hbond.range_1_auth_atom_id 
_pdbx_struct_sheet_hbond.range_1_auth_comp_id 
_pdbx_struct_sheet_hbond.range_1_auth_asym_id 
_pdbx_struct_sheet_hbond.range_1_auth_seq_id 
_pdbx_struct_sheet_hbond.range_2_label_atom_id 
_pdbx_struct_sheet_hbond.range_2_label_comp_id 
_pdbx_struct_sheet_hbond.range_2_label_asym_id 
_pdbx_struct_sheet_hbond.range_2_label_seq_id 
_pdbx_struct_sheet_hbond.range_2_PDB_ins_code 
_pdbx_struct_sheet_hbond.range_2_auth_atom_id 
_pdbx_struct_sheet_hbond.range_2_auth_comp_id 
_pdbx_struct_sheet_hbond.range_2_auth_asym_id 
_pdbx_struct_sheet_hbond.range_2_auth_seq_id 
A 1 2 O GLU A 21 ? O GLU A 19 N HIS A 8  ? N HIS A 6  
A 2 3 N VAL A 7  ? N VAL A 5  O THR A 34 ? O THR A 32 
A 3 4 N PHE A 35 ? N PHE A 33 O TYR A 66 ? O TYR A 64 
B 1 2 N ILE A 25 ? N ILE A 23 O LEU A 91 ? O LEU A 89 
B 2 3 O VAL A 94 ? O VAL A 92 N GLY A 74 ? N GLY A 72 
B 3 4 O LYS A 79 ? O LYS A 77 N GLU A 45 ? N GLU A 43 
# 
loop_
_struct_site.id 
_struct_site.pdbx_evidence_code 
_struct_site.pdbx_auth_asym_id 
_struct_site.pdbx_auth_comp_id 
_struct_site.pdbx_auth_seq_id 
_struct_site.pdbx_auth_ins_code 
_struct_site.pdbx_num_residues 
_struct_site.details 
AC1 Software A ZN  124 ? 4 'BINDING SITE FOR RESIDUE ZN A 124'  
AC2 Software A Y1  125 ? 1 'BINDING SITE FOR RESIDUE Y1 A 125'  
AC3 Software A SO4 126 ? 4 'BINDING SITE FOR RESIDUE SO4 A 126' 
AC4 Software A YMA 195 ? 9 'BINDING SITE FOR RESIDUE YMA A 195' 
# 
loop_
_struct_site_gen.id 
_struct_site_gen.site_id 
_struct_site_gen.pdbx_num_res 
_struct_site_gen.label_comp_id 
_struct_site_gen.label_asym_id 
_struct_site_gen.label_seq_id 
_struct_site_gen.pdbx_auth_ins_code 
_struct_site_gen.auth_comp_id 
_struct_site_gen.auth_asym_id 
_struct_site_gen.auth_seq_id 
_struct_site_gen.label_atom_id 
_struct_site_gen.label_alt_id 
_struct_site_gen.symmetry 
_struct_site_gen.details 
1  AC1 4 HIS A 42  ? HIS A 40  . ? 1_555 ? 
2  AC1 4 CYS A 80  ? CYS A 78  . ? 1_555 ? 
3  AC1 4 HIS A 83  ? HIS A 81  . ? 1_555 ? 
4  AC1 4 MET A 88  ? MET A 86  . ? 1_555 ? 
5  AC2 1 YMA E .   ? YMA A 195 . ? 1_555 ? 
6  AC3 4 LYS A 57  ? LYS A 55  . ? 1_555 ? 
7  AC3 4 PRO A 110 ? PRO A 108 . ? 6_654 ? 
8  AC3 4 LYS A 111 ? LYS A 109 . ? 6_654 ? 
9  AC3 4 HOH F .   ? HOH A 224 . ? 1_555 ? 
10 AC4 9 CYS A 53  ? CYS A 51  . ? 1_555 ? 
11 AC4 9 GLY A 54  ? GLY A 52  . ? 1_555 ? 
12 AC4 9 ALA A 55  ? ALA A 53  . ? 1_555 ? 
13 AC4 9 CYS A 56  ? CYS A 54  . ? 1_555 ? 
14 AC4 9 ASN A 65  ? ASN A 63  . ? 5_455 ? 
15 AC4 9 GLU A 115 ? GLU A 113 . ? 6_654 ? 
16 AC4 9 GLU A 118 ? GLU A 116 . ? 6_654 ? 
17 AC4 9 Y1  C .   ? Y1  A 125 . ? 1_555 ? 
18 AC4 9 HOH F .   ? HOH A 265 . ? 1_555 ? 
# 
_pdbx_entry_details.entry_id                   1PY0 
_pdbx_entry_details.compound_details           ? 
_pdbx_entry_details.source_details             ? 
_pdbx_entry_details.nonpolymer_details         ? 
_pdbx_entry_details.sequence_details           ? 
_pdbx_entry_details.has_ligand_of_interest     ? 
_pdbx_entry_details.has_protein_modification   Y 
# 
_pdbx_validate_torsion.id              1 
_pdbx_validate_torsion.PDB_model_num   1 
_pdbx_validate_torsion.auth_comp_id    MET 
_pdbx_validate_torsion.auth_asym_id    A 
_pdbx_validate_torsion.auth_seq_id     16 
_pdbx_validate_torsion.PDB_ins_code    ? 
_pdbx_validate_torsion.label_alt_id    ? 
_pdbx_validate_torsion.phi             55.92 
_pdbx_validate_torsion.psi             78.37 
# 
_pdbx_validate_peptide_omega.id               1 
_pdbx_validate_peptide_omega.PDB_model_num    1 
_pdbx_validate_peptide_omega.auth_comp_id_1   ALA 
_pdbx_validate_peptide_omega.auth_asym_id_1   A 
_pdbx_validate_peptide_omega.auth_seq_id_1    21 
_pdbx_validate_peptide_omega.PDB_ins_code_1   ? 
_pdbx_validate_peptide_omega.label_alt_id_1   ? 
_pdbx_validate_peptide_omega.auth_comp_id_2   TYR 
_pdbx_validate_peptide_omega.auth_asym_id_2   A 
_pdbx_validate_peptide_omega.auth_seq_id_2    22 
_pdbx_validate_peptide_omega.PDB_ins_code_2   ? 
_pdbx_validate_peptide_omega.label_alt_id_2   ? 
_pdbx_validate_peptide_omega.omega            134.26 
# 
loop_
_pdbx_unobs_or_zero_occ_residues.id 
_pdbx_unobs_or_zero_occ_residues.PDB_model_num 
_pdbx_unobs_or_zero_occ_residues.polymer_flag 
_pdbx_unobs_or_zero_occ_residues.occupancy_flag 
_pdbx_unobs_or_zero_occ_residues.auth_asym_id 
_pdbx_unobs_or_zero_occ_residues.auth_comp_id 
_pdbx_unobs_or_zero_occ_residues.auth_seq_id 
_pdbx_unobs_or_zero_occ_residues.PDB_ins_code 
_pdbx_unobs_or_zero_occ_residues.label_asym_id 
_pdbx_unobs_or_zero_occ_residues.label_comp_id 
_pdbx_unobs_or_zero_occ_residues.label_seq_id 
1 1 Y 1 A SER 121 ? A SER 123 
2 1 Y 1 A ALA 122 ? A ALA 124 
3 1 Y 1 A LYS 123 ? A LYS 125 
# 
loop_
_chem_comp_atom.comp_id 
_chem_comp_atom.atom_id 
_chem_comp_atom.type_symbol 
_chem_comp_atom.pdbx_aromatic_flag 
_chem_comp_atom.pdbx_stereo_config 
_chem_comp_atom.pdbx_ordinal 
ALA N    N  N N 1   
ALA CA   C  N S 2   
ALA C    C  N N 3   
ALA O    O  N N 4   
ALA CB   C  N N 5   
ALA OXT  O  N N 6   
ALA H    H  N N 7   
ALA H2   H  N N 8   
ALA HA   H  N N 9   
ALA HB1  H  N N 10  
ALA HB2  H  N N 11  
ALA HB3  H  N N 12  
ALA HXT  H  N N 13  
ARG N    N  N N 14  
ARG CA   C  N S 15  
ARG C    C  N N 16  
ARG O    O  N N 17  
ARG CB   C  N N 18  
ARG CG   C  N N 19  
ARG CD   C  N N 20  
ARG NE   N  N N 21  
ARG CZ   C  N N 22  
ARG NH1  N  N N 23  
ARG NH2  N  N N 24  
ARG OXT  O  N N 25  
ARG H    H  N N 26  
ARG H2   H  N N 27  
ARG HA   H  N N 28  
ARG HB2  H  N N 29  
ARG HB3  H  N N 30  
ARG HG2  H  N N 31  
ARG HG3  H  N N 32  
ARG HD2  H  N N 33  
ARG HD3  H  N N 34  
ARG HE   H  N N 35  
ARG HH11 H  N N 36  
ARG HH12 H  N N 37  
ARG HH21 H  N N 38  
ARG HH22 H  N N 39  
ARG HXT  H  N N 40  
ASN N    N  N N 41  
ASN CA   C  N S 42  
ASN C    C  N N 43  
ASN O    O  N N 44  
ASN CB   C  N N 45  
ASN CG   C  N N 46  
ASN OD1  O  N N 47  
ASN ND2  N  N N 48  
ASN OXT  O  N N 49  
ASN H    H  N N 50  
ASN H2   H  N N 51  
ASN HA   H  N N 52  
ASN HB2  H  N N 53  
ASN HB3  H  N N 54  
ASN HD21 H  N N 55  
ASN HD22 H  N N 56  
ASN HXT  H  N N 57  
ASP N    N  N N 58  
ASP CA   C  N S 59  
ASP C    C  N N 60  
ASP O    O  N N 61  
ASP CB   C  N N 62  
ASP CG   C  N N 63  
ASP OD1  O  N N 64  
ASP OD2  O  N N 65  
ASP OXT  O  N N 66  
ASP H    H  N N 67  
ASP H2   H  N N 68  
ASP HA   H  N N 69  
ASP HB2  H  N N 70  
ASP HB3  H  N N 71  
ASP HD2  H  N N 72  
ASP HXT  H  N N 73  
CYS N    N  N N 74  
CYS CA   C  N R 75  
CYS C    C  N N 76  
CYS O    O  N N 77  
CYS CB   C  N N 78  
CYS SG   S  N N 79  
CYS OXT  O  N N 80  
CYS H    H  N N 81  
CYS H2   H  N N 82  
CYS HA   H  N N 83  
CYS HB2  H  N N 84  
CYS HB3  H  N N 85  
CYS HG   H  N N 86  
CYS HXT  H  N N 87  
GLN N    N  N N 88  
GLN CA   C  N S 89  
GLN C    C  N N 90  
GLN O    O  N N 91  
GLN CB   C  N N 92  
GLN CG   C  N N 93  
GLN CD   C  N N 94  
GLN OE1  O  N N 95  
GLN NE2  N  N N 96  
GLN OXT  O  N N 97  
GLN H    H  N N 98  
GLN H2   H  N N 99  
GLN HA   H  N N 100 
GLN HB2  H  N N 101 
GLN HB3  H  N N 102 
GLN HG2  H  N N 103 
GLN HG3  H  N N 104 
GLN HE21 H  N N 105 
GLN HE22 H  N N 106 
GLN HXT  H  N N 107 
GLU N    N  N N 108 
GLU CA   C  N S 109 
GLU C    C  N N 110 
GLU O    O  N N 111 
GLU CB   C  N N 112 
GLU CG   C  N N 113 
GLU CD   C  N N 114 
GLU OE1  O  N N 115 
GLU OE2  O  N N 116 
GLU OXT  O  N N 117 
GLU H    H  N N 118 
GLU H2   H  N N 119 
GLU HA   H  N N 120 
GLU HB2  H  N N 121 
GLU HB3  H  N N 122 
GLU HG2  H  N N 123 
GLU HG3  H  N N 124 
GLU HE2  H  N N 125 
GLU HXT  H  N N 126 
GLY N    N  N N 127 
GLY CA   C  N N 128 
GLY C    C  N N 129 
GLY O    O  N N 130 
GLY OXT  O  N N 131 
GLY H    H  N N 132 
GLY H2   H  N N 133 
GLY HA2  H  N N 134 
GLY HA3  H  N N 135 
GLY HXT  H  N N 136 
HIS N    N  N N 137 
HIS CA   C  N S 138 
HIS C    C  N N 139 
HIS O    O  N N 140 
HIS CB   C  N N 141 
HIS CG   C  Y N 142 
HIS ND1  N  Y N 143 
HIS CD2  C  Y N 144 
HIS CE1  C  Y N 145 
HIS NE2  N  Y N 146 
HIS OXT  O  N N 147 
HIS H    H  N N 148 
HIS H2   H  N N 149 
HIS HA   H  N N 150 
HIS HB2  H  N N 151 
HIS HB3  H  N N 152 
HIS HD1  H  N N 153 
HIS HD2  H  N N 154 
HIS HE1  H  N N 155 
HIS HE2  H  N N 156 
HIS HXT  H  N N 157 
HOH O    O  N N 158 
HOH H1   H  N N 159 
HOH H2   H  N N 160 
ILE N    N  N N 161 
ILE CA   C  N S 162 
ILE C    C  N N 163 
ILE O    O  N N 164 
ILE CB   C  N S 165 
ILE CG1  C  N N 166 
ILE CG2  C  N N 167 
ILE CD1  C  N N 168 
ILE OXT  O  N N 169 
ILE H    H  N N 170 
ILE H2   H  N N 171 
ILE HA   H  N N 172 
ILE HB   H  N N 173 
ILE HG12 H  N N 174 
ILE HG13 H  N N 175 
ILE HG21 H  N N 176 
ILE HG22 H  N N 177 
ILE HG23 H  N N 178 
ILE HD11 H  N N 179 
ILE HD12 H  N N 180 
ILE HD13 H  N N 181 
ILE HXT  H  N N 182 
LEU N    N  N N 183 
LEU CA   C  N S 184 
LEU C    C  N N 185 
LEU O    O  N N 186 
LEU CB   C  N N 187 
LEU CG   C  N N 188 
LEU CD1  C  N N 189 
LEU CD2  C  N N 190 
LEU OXT  O  N N 191 
LEU H    H  N N 192 
LEU H2   H  N N 193 
LEU HA   H  N N 194 
LEU HB2  H  N N 195 
LEU HB3  H  N N 196 
LEU HG   H  N N 197 
LEU HD11 H  N N 198 
LEU HD12 H  N N 199 
LEU HD13 H  N N 200 
LEU HD21 H  N N 201 
LEU HD22 H  N N 202 
LEU HD23 H  N N 203 
LEU HXT  H  N N 204 
LYS N    N  N N 205 
LYS CA   C  N S 206 
LYS C    C  N N 207 
LYS O    O  N N 208 
LYS CB   C  N N 209 
LYS CG   C  N N 210 
LYS CD   C  N N 211 
LYS CE   C  N N 212 
LYS NZ   N  N N 213 
LYS OXT  O  N N 214 
LYS H    H  N N 215 
LYS H2   H  N N 216 
LYS HA   H  N N 217 
LYS HB2  H  N N 218 
LYS HB3  H  N N 219 
LYS HG2  H  N N 220 
LYS HG3  H  N N 221 
LYS HD2  H  N N 222 
LYS HD3  H  N N 223 
LYS HE2  H  N N 224 
LYS HE3  H  N N 225 
LYS HZ1  H  N N 226 
LYS HZ2  H  N N 227 
LYS HZ3  H  N N 228 
LYS HXT  H  N N 229 
MET N    N  N N 230 
MET CA   C  N S 231 
MET C    C  N N 232 
MET O    O  N N 233 
MET CB   C  N N 234 
MET CG   C  N N 235 
MET SD   S  N N 236 
MET CE   C  N N 237 
MET OXT  O  N N 238 
MET H    H  N N 239 
MET H2   H  N N 240 
MET HA   H  N N 241 
MET HB2  H  N N 242 
MET HB3  H  N N 243 
MET HG2  H  N N 244 
MET HG3  H  N N 245 
MET HE1  H  N N 246 
MET HE2  H  N N 247 
MET HE3  H  N N 248 
MET HXT  H  N N 249 
PHE N    N  N N 250 
PHE CA   C  N S 251 
PHE C    C  N N 252 
PHE O    O  N N 253 
PHE CB   C  N N 254 
PHE CG   C  Y N 255 
PHE CD1  C  Y N 256 
PHE CD2  C  Y N 257 
PHE CE1  C  Y N 258 
PHE CE2  C  Y N 259 
PHE CZ   C  Y N 260 
PHE OXT  O  N N 261 
PHE H    H  N N 262 
PHE H2   H  N N 263 
PHE HA   H  N N 264 
PHE HB2  H  N N 265 
PHE HB3  H  N N 266 
PHE HD1  H  N N 267 
PHE HD2  H  N N 268 
PHE HE1  H  N N 269 
PHE HE2  H  N N 270 
PHE HZ   H  N N 271 
PHE HXT  H  N N 272 
PRO N    N  N N 273 
PRO CA   C  N S 274 
PRO C    C  N N 275 
PRO O    O  N N 276 
PRO CB   C  N N 277 
PRO CG   C  N N 278 
PRO CD   C  N N 279 
PRO OXT  O  N N 280 
PRO H    H  N N 281 
PRO HA   H  N N 282 
PRO HB2  H  N N 283 
PRO HB3  H  N N 284 
PRO HG2  H  N N 285 
PRO HG3  H  N N 286 
PRO HD2  H  N N 287 
PRO HD3  H  N N 288 
PRO HXT  H  N N 289 
SER N    N  N N 290 
SER CA   C  N S 291 
SER C    C  N N 292 
SER O    O  N N 293 
SER CB   C  N N 294 
SER OG   O  N N 295 
SER OXT  O  N N 296 
SER H    H  N N 297 
SER H2   H  N N 298 
SER HA   H  N N 299 
SER HB2  H  N N 300 
SER HB3  H  N N 301 
SER HG   H  N N 302 
SER HXT  H  N N 303 
SO4 S    S  N N 304 
SO4 O1   O  N N 305 
SO4 O2   O  N N 306 
SO4 O3   O  N N 307 
SO4 O4   O  N N 308 
THR N    N  N N 309 
THR CA   C  N S 310 
THR C    C  N N 311 
THR O    O  N N 312 
THR CB   C  N R 313 
THR OG1  O  N N 314 
THR CG2  C  N N 315 
THR OXT  O  N N 316 
THR H    H  N N 317 
THR H2   H  N N 318 
THR HA   H  N N 319 
THR HB   H  N N 320 
THR HG1  H  N N 321 
THR HG21 H  N N 322 
THR HG22 H  N N 323 
THR HG23 H  N N 324 
THR HXT  H  N N 325 
TYR N    N  N N 326 
TYR CA   C  N S 327 
TYR C    C  N N 328 
TYR O    O  N N 329 
TYR CB   C  N N 330 
TYR CG   C  Y N 331 
TYR CD1  C  Y N 332 
TYR CD2  C  Y N 333 
TYR CE1  C  Y N 334 
TYR CE2  C  Y N 335 
TYR CZ   C  Y N 336 
TYR OH   O  N N 337 
TYR OXT  O  N N 338 
TYR H    H  N N 339 
TYR H2   H  N N 340 
TYR HA   H  N N 341 
TYR HB2  H  N N 342 
TYR HB3  H  N N 343 
TYR HD1  H  N N 344 
TYR HD2  H  N N 345 
TYR HE1  H  N N 346 
TYR HE2  H  N N 347 
TYR HH   H  N N 348 
TYR HXT  H  N N 349 
VAL N    N  N N 350 
VAL CA   C  N S 351 
VAL C    C  N N 352 
VAL O    O  N N 353 
VAL CB   C  N N 354 
VAL CG1  C  N N 355 
VAL CG2  C  N N 356 
VAL OXT  O  N N 357 
VAL H    H  N N 358 
VAL H2   H  N N 359 
VAL HA   H  N N 360 
VAL HB   H  N N 361 
VAL HG11 H  N N 362 
VAL HG12 H  N N 363 
VAL HG13 H  N N 364 
VAL HG21 H  N N 365 
VAL HG22 H  N N 366 
VAL HG23 H  N N 367 
VAL HXT  H  N N 368 
Y1  Y    Y  N N 369 
YMA O8   O  N N 370 
YMA C2   C  N N 371 
YMA O7   O  N N 372 
YMA C1   C  N N 373 
YMA N1   N  N N 374 
YMA C10  C  N N 375 
YMA C11  C  N N 376 
YMA N3   N  N N 377 
YMA C14  C  N N 378 
YMA C15  C  N N 379 
YMA N5   N  N N 380 
YMA C16  C  N N 381 
YMA C18  C  N N 382 
YMA S2   S  N N 383 
YMA O6   O  N N 384 
YMA C12  C  N N 385 
YMA C13  C  N N 386 
YMA O4   O  N N 387 
YMA O3   O  N N 388 
YMA C3   C  N N 389 
YMA C4   C  N N 390 
YMA N2   N  N N 391 
YMA C5   C  N N 392 
YMA C6   C  N N 393 
YMA O2   O  N N 394 
YMA O1   O  N N 395 
YMA C7   C  N N 396 
YMA C8   C  N N 397 
YMA O5   O  N N 398 
YMA N4   N  N N 399 
YMA C9   C  N N 400 
YMA C17  C  N N 401 
YMA S1   S  N N 402 
YMA HO7  H  N N 403 
YMA H11  H  N N 404 
YMA H12  H  N N 405 
YMA H101 H  N N 406 
YMA H102 H  N N 407 
YMA H111 H  N N 408 
YMA H112 H  N N 409 
YMA H141 H  N N 410 
YMA H142 H  N N 411 
YMA HN5  H  N N 412 
YMA H161 H  N N 413 
YMA H162 H  N N 414 
YMA H181 H  N N 415 
YMA H182 H  N N 416 
YMA HS2  H  N N 417 
YMA H121 H  N N 418 
YMA H122 H  N N 419 
YMA HO4  H  N N 420 
YMA H31  H  N N 421 
YMA H32  H  N N 422 
YMA H41  H  N N 423 
YMA H42  H  N N 424 
YMA H51  H  N N 425 
YMA H52  H  N N 426 
YMA HO1  H  N N 427 
YMA H71  H  N N 428 
YMA H72  H  N N 429 
YMA HN4  H  N N 430 
YMA H91  H  N N 431 
YMA H92  H  N N 432 
YMA H171 H  N N 433 
YMA H172 H  N N 434 
YMA HS1  H  N N 435 
ZN  ZN   ZN N N 436 
# 
loop_
_chem_comp_bond.comp_id 
_chem_comp_bond.atom_id_1 
_chem_comp_bond.atom_id_2 
_chem_comp_bond.value_order 
_chem_comp_bond.pdbx_aromatic_flag 
_chem_comp_bond.pdbx_stereo_config 
_chem_comp_bond.pdbx_ordinal 
ALA N   CA   sing N N 1   
ALA N   H    sing N N 2   
ALA N   H2   sing N N 3   
ALA CA  C    sing N N 4   
ALA CA  CB   sing N N 5   
ALA CA  HA   sing N N 6   
ALA C   O    doub N N 7   
ALA C   OXT  sing N N 8   
ALA CB  HB1  sing N N 9   
ALA CB  HB2  sing N N 10  
ALA CB  HB3  sing N N 11  
ALA OXT HXT  sing N N 12  
ARG N   CA   sing N N 13  
ARG N   H    sing N N 14  
ARG N   H2   sing N N 15  
ARG CA  C    sing N N 16  
ARG CA  CB   sing N N 17  
ARG CA  HA   sing N N 18  
ARG C   O    doub N N 19  
ARG C   OXT  sing N N 20  
ARG CB  CG   sing N N 21  
ARG CB  HB2  sing N N 22  
ARG CB  HB3  sing N N 23  
ARG CG  CD   sing N N 24  
ARG CG  HG2  sing N N 25  
ARG CG  HG3  sing N N 26  
ARG CD  NE   sing N N 27  
ARG CD  HD2  sing N N 28  
ARG CD  HD3  sing N N 29  
ARG NE  CZ   sing N N 30  
ARG NE  HE   sing N N 31  
ARG CZ  NH1  sing N N 32  
ARG CZ  NH2  doub N N 33  
ARG NH1 HH11 sing N N 34  
ARG NH1 HH12 sing N N 35  
ARG NH2 HH21 sing N N 36  
ARG NH2 HH22 sing N N 37  
ARG OXT HXT  sing N N 38  
ASN N   CA   sing N N 39  
ASN N   H    sing N N 40  
ASN N   H2   sing N N 41  
ASN CA  C    sing N N 42  
ASN CA  CB   sing N N 43  
ASN CA  HA   sing N N 44  
ASN C   O    doub N N 45  
ASN C   OXT  sing N N 46  
ASN CB  CG   sing N N 47  
ASN CB  HB2  sing N N 48  
ASN CB  HB3  sing N N 49  
ASN CG  OD1  doub N N 50  
ASN CG  ND2  sing N N 51  
ASN ND2 HD21 sing N N 52  
ASN ND2 HD22 sing N N 53  
ASN OXT HXT  sing N N 54  
ASP N   CA   sing N N 55  
ASP N   H    sing N N 56  
ASP N   H2   sing N N 57  
ASP CA  C    sing N N 58  
ASP CA  CB   sing N N 59  
ASP CA  HA   sing N N 60  
ASP C   O    doub N N 61  
ASP C   OXT  sing N N 62  
ASP CB  CG   sing N N 63  
ASP CB  HB2  sing N N 64  
ASP CB  HB3  sing N N 65  
ASP CG  OD1  doub N N 66  
ASP CG  OD2  sing N N 67  
ASP OD2 HD2  sing N N 68  
ASP OXT HXT  sing N N 69  
CYS N   CA   sing N N 70  
CYS N   H    sing N N 71  
CYS N   H2   sing N N 72  
CYS CA  C    sing N N 73  
CYS CA  CB   sing N N 74  
CYS CA  HA   sing N N 75  
CYS C   O    doub N N 76  
CYS C   OXT  sing N N 77  
CYS CB  SG   sing N N 78  
CYS CB  HB2  sing N N 79  
CYS CB  HB3  sing N N 80  
CYS SG  HG   sing N N 81  
CYS OXT HXT  sing N N 82  
GLN N   CA   sing N N 83  
GLN N   H    sing N N 84  
GLN N   H2   sing N N 85  
GLN CA  C    sing N N 86  
GLN CA  CB   sing N N 87  
GLN CA  HA   sing N N 88  
GLN C   O    doub N N 89  
GLN C   OXT  sing N N 90  
GLN CB  CG   sing N N 91  
GLN CB  HB2  sing N N 92  
GLN CB  HB3  sing N N 93  
GLN CG  CD   sing N N 94  
GLN CG  HG2  sing N N 95  
GLN CG  HG3  sing N N 96  
GLN CD  OE1  doub N N 97  
GLN CD  NE2  sing N N 98  
GLN NE2 HE21 sing N N 99  
GLN NE2 HE22 sing N N 100 
GLN OXT HXT  sing N N 101 
GLU N   CA   sing N N 102 
GLU N   H    sing N N 103 
GLU N   H2   sing N N 104 
GLU CA  C    sing N N 105 
GLU CA  CB   sing N N 106 
GLU CA  HA   sing N N 107 
GLU C   O    doub N N 108 
GLU C   OXT  sing N N 109 
GLU CB  CG   sing N N 110 
GLU CB  HB2  sing N N 111 
GLU CB  HB3  sing N N 112 
GLU CG  CD   sing N N 113 
GLU CG  HG2  sing N N 114 
GLU CG  HG3  sing N N 115 
GLU CD  OE1  doub N N 116 
GLU CD  OE2  sing N N 117 
GLU OE2 HE2  sing N N 118 
GLU OXT HXT  sing N N 119 
GLY N   CA   sing N N 120 
GLY N   H    sing N N 121 
GLY N   H2   sing N N 122 
GLY CA  C    sing N N 123 
GLY CA  HA2  sing N N 124 
GLY CA  HA3  sing N N 125 
GLY C   O    doub N N 126 
GLY C   OXT  sing N N 127 
GLY OXT HXT  sing N N 128 
HIS N   CA   sing N N 129 
HIS N   H    sing N N 130 
HIS N   H2   sing N N 131 
HIS CA  C    sing N N 132 
HIS CA  CB   sing N N 133 
HIS CA  HA   sing N N 134 
HIS C   O    doub N N 135 
HIS C   OXT  sing N N 136 
HIS CB  CG   sing N N 137 
HIS CB  HB2  sing N N 138 
HIS CB  HB3  sing N N 139 
HIS CG  ND1  sing Y N 140 
HIS CG  CD2  doub Y N 141 
HIS ND1 CE1  doub Y N 142 
HIS ND1 HD1  sing N N 143 
HIS CD2 NE2  sing Y N 144 
HIS CD2 HD2  sing N N 145 
HIS CE1 NE2  sing Y N 146 
HIS CE1 HE1  sing N N 147 
HIS NE2 HE2  sing N N 148 
HIS OXT HXT  sing N N 149 
HOH O   H1   sing N N 150 
HOH O   H2   sing N N 151 
ILE N   CA   sing N N 152 
ILE N   H    sing N N 153 
ILE N   H2   sing N N 154 
ILE CA  C    sing N N 155 
ILE CA  CB   sing N N 156 
ILE CA  HA   sing N N 157 
ILE C   O    doub N N 158 
ILE C   OXT  sing N N 159 
ILE CB  CG1  sing N N 160 
ILE CB  CG2  sing N N 161 
ILE CB  HB   sing N N 162 
ILE CG1 CD1  sing N N 163 
ILE CG1 HG12 sing N N 164 
ILE CG1 HG13 sing N N 165 
ILE CG2 HG21 sing N N 166 
ILE CG2 HG22 sing N N 167 
ILE CG2 HG23 sing N N 168 
ILE CD1 HD11 sing N N 169 
ILE CD1 HD12 sing N N 170 
ILE CD1 HD13 sing N N 171 
ILE OXT HXT  sing N N 172 
LEU N   CA   sing N N 173 
LEU N   H    sing N N 174 
LEU N   H2   sing N N 175 
LEU CA  C    sing N N 176 
LEU CA  CB   sing N N 177 
LEU CA  HA   sing N N 178 
LEU C   O    doub N N 179 
LEU C   OXT  sing N N 180 
LEU CB  CG   sing N N 181 
LEU CB  HB2  sing N N 182 
LEU CB  HB3  sing N N 183 
LEU CG  CD1  sing N N 184 
LEU CG  CD2  sing N N 185 
LEU CG  HG   sing N N 186 
LEU CD1 HD11 sing N N 187 
LEU CD1 HD12 sing N N 188 
LEU CD1 HD13 sing N N 189 
LEU CD2 HD21 sing N N 190 
LEU CD2 HD22 sing N N 191 
LEU CD2 HD23 sing N N 192 
LEU OXT HXT  sing N N 193 
LYS N   CA   sing N N 194 
LYS N   H    sing N N 195 
LYS N   H2   sing N N 196 
LYS CA  C    sing N N 197 
LYS CA  CB   sing N N 198 
LYS CA  HA   sing N N 199 
LYS C   O    doub N N 200 
LYS C   OXT  sing N N 201 
LYS CB  CG   sing N N 202 
LYS CB  HB2  sing N N 203 
LYS CB  HB3  sing N N 204 
LYS CG  CD   sing N N 205 
LYS CG  HG2  sing N N 206 
LYS CG  HG3  sing N N 207 
LYS CD  CE   sing N N 208 
LYS CD  HD2  sing N N 209 
LYS CD  HD3  sing N N 210 
LYS CE  NZ   sing N N 211 
LYS CE  HE2  sing N N 212 
LYS CE  HE3  sing N N 213 
LYS NZ  HZ1  sing N N 214 
LYS NZ  HZ2  sing N N 215 
LYS NZ  HZ3  sing N N 216 
LYS OXT HXT  sing N N 217 
MET N   CA   sing N N 218 
MET N   H    sing N N 219 
MET N   H2   sing N N 220 
MET CA  C    sing N N 221 
MET CA  CB   sing N N 222 
MET CA  HA   sing N N 223 
MET C   O    doub N N 224 
MET C   OXT  sing N N 225 
MET CB  CG   sing N N 226 
MET CB  HB2  sing N N 227 
MET CB  HB3  sing N N 228 
MET CG  SD   sing N N 229 
MET CG  HG2  sing N N 230 
MET CG  HG3  sing N N 231 
MET SD  CE   sing N N 232 
MET CE  HE1  sing N N 233 
MET CE  HE2  sing N N 234 
MET CE  HE3  sing N N 235 
MET OXT HXT  sing N N 236 
PHE N   CA   sing N N 237 
PHE N   H    sing N N 238 
PHE N   H2   sing N N 239 
PHE CA  C    sing N N 240 
PHE CA  CB   sing N N 241 
PHE CA  HA   sing N N 242 
PHE C   O    doub N N 243 
PHE C   OXT  sing N N 244 
PHE CB  CG   sing N N 245 
PHE CB  HB2  sing N N 246 
PHE CB  HB3  sing N N 247 
PHE CG  CD1  doub Y N 248 
PHE CG  CD2  sing Y N 249 
PHE CD1 CE1  sing Y N 250 
PHE CD1 HD1  sing N N 251 
PHE CD2 CE2  doub Y N 252 
PHE CD2 HD2  sing N N 253 
PHE CE1 CZ   doub Y N 254 
PHE CE1 HE1  sing N N 255 
PHE CE2 CZ   sing Y N 256 
PHE CE2 HE2  sing N N 257 
PHE CZ  HZ   sing N N 258 
PHE OXT HXT  sing N N 259 
PRO N   CA   sing N N 260 
PRO N   CD   sing N N 261 
PRO N   H    sing N N 262 
PRO CA  C    sing N N 263 
PRO CA  CB   sing N N 264 
PRO CA  HA   sing N N 265 
PRO C   O    doub N N 266 
PRO C   OXT  sing N N 267 
PRO CB  CG   sing N N 268 
PRO CB  HB2  sing N N 269 
PRO CB  HB3  sing N N 270 
PRO CG  CD   sing N N 271 
PRO CG  HG2  sing N N 272 
PRO CG  HG3  sing N N 273 
PRO CD  HD2  sing N N 274 
PRO CD  HD3  sing N N 275 
PRO OXT HXT  sing N N 276 
SER N   CA   sing N N 277 
SER N   H    sing N N 278 
SER N   H2   sing N N 279 
SER CA  C    sing N N 280 
SER CA  CB   sing N N 281 
SER CA  HA   sing N N 282 
SER C   O    doub N N 283 
SER C   OXT  sing N N 284 
SER CB  OG   sing N N 285 
SER CB  HB2  sing N N 286 
SER CB  HB3  sing N N 287 
SER OG  HG   sing N N 288 
SER OXT HXT  sing N N 289 
SO4 S   O1   doub N N 290 
SO4 S   O2   doub N N 291 
SO4 S   O3   sing N N 292 
SO4 S   O4   sing N N 293 
THR N   CA   sing N N 294 
THR N   H    sing N N 295 
THR N   H2   sing N N 296 
THR CA  C    sing N N 297 
THR CA  CB   sing N N 298 
THR CA  HA   sing N N 299 
THR C   O    doub N N 300 
THR C   OXT  sing N N 301 
THR CB  OG1  sing N N 302 
THR CB  CG2  sing N N 303 
THR CB  HB   sing N N 304 
THR OG1 HG1  sing N N 305 
THR CG2 HG21 sing N N 306 
THR CG2 HG22 sing N N 307 
THR CG2 HG23 sing N N 308 
THR OXT HXT  sing N N 309 
TYR N   CA   sing N N 310 
TYR N   H    sing N N 311 
TYR N   H2   sing N N 312 
TYR CA  C    sing N N 313 
TYR CA  CB   sing N N 314 
TYR CA  HA   sing N N 315 
TYR C   O    doub N N 316 
TYR C   OXT  sing N N 317 
TYR CB  CG   sing N N 318 
TYR CB  HB2  sing N N 319 
TYR CB  HB3  sing N N 320 
TYR CG  CD1  doub Y N 321 
TYR CG  CD2  sing Y N 322 
TYR CD1 CE1  sing Y N 323 
TYR CD1 HD1  sing N N 324 
TYR CD2 CE2  doub Y N 325 
TYR CD2 HD2  sing N N 326 
TYR CE1 CZ   doub Y N 327 
TYR CE1 HE1  sing N N 328 
TYR CE2 CZ   sing Y N 329 
TYR CE2 HE2  sing N N 330 
TYR CZ  OH   sing N N 331 
TYR OH  HH   sing N N 332 
TYR OXT HXT  sing N N 333 
VAL N   CA   sing N N 334 
VAL N   H    sing N N 335 
VAL N   H2   sing N N 336 
VAL CA  C    sing N N 337 
VAL CA  CB   sing N N 338 
VAL CA  HA   sing N N 339 
VAL C   O    doub N N 340 
VAL C   OXT  sing N N 341 
VAL CB  CG1  sing N N 342 
VAL CB  CG2  sing N N 343 
VAL CB  HB   sing N N 344 
VAL CG1 HG11 sing N N 345 
VAL CG1 HG12 sing N N 346 
VAL CG1 HG13 sing N N 347 
VAL CG2 HG21 sing N N 348 
VAL CG2 HG22 sing N N 349 
VAL CG2 HG23 sing N N 350 
VAL OXT HXT  sing N N 351 
YMA O8  C2   doub N N 352 
YMA C2  O7   sing N N 353 
YMA C2  C1   sing N N 354 
YMA O7  HO7  sing N N 355 
YMA C1  N1   sing N N 356 
YMA C1  H11  sing N N 357 
YMA C1  H12  sing N N 358 
YMA N1  C10  sing N N 359 
YMA N1  C3   sing N N 360 
YMA C10 C11  sing N N 361 
YMA C10 H101 sing N N 362 
YMA C10 H102 sing N N 363 
YMA C11 N3   sing N N 364 
YMA C11 H111 sing N N 365 
YMA C11 H112 sing N N 366 
YMA N3  C14  sing N N 367 
YMA N3  C12  sing N N 368 
YMA C14 C15  sing N N 369 
YMA C14 H141 sing N N 370 
YMA C14 H142 sing N N 371 
YMA C15 N5   sing N N 372 
YMA C15 O6   doub N N 373 
YMA N5  C16  sing N N 374 
YMA N5  HN5  sing N N 375 
YMA C16 C18  sing N N 376 
YMA C16 H161 sing N N 377 
YMA C16 H162 sing N N 378 
YMA C18 S2   sing N N 379 
YMA C18 H181 sing N N 380 
YMA C18 H182 sing N N 381 
YMA S2  HS2  sing N N 382 
YMA C12 C13  sing N N 383 
YMA C12 H121 sing N N 384 
YMA C12 H122 sing N N 385 
YMA C13 O4   sing N N 386 
YMA C13 O3   doub N N 387 
YMA O4  HO4  sing N N 388 
YMA C3  C4   sing N N 389 
YMA C3  H31  sing N N 390 
YMA C3  H32  sing N N 391 
YMA C4  N2   sing N N 392 
YMA C4  H41  sing N N 393 
YMA C4  H42  sing N N 394 
YMA N2  C5   sing N N 395 
YMA N2  C7   sing N N 396 
YMA C5  C6   sing N N 397 
YMA C5  H51  sing N N 398 
YMA C5  H52  sing N N 399 
YMA C6  O2   doub N N 400 
YMA C6  O1   sing N N 401 
YMA O1  HO1  sing N N 402 
YMA C7  C8   sing N N 403 
YMA C7  H71  sing N N 404 
YMA C7  H72  sing N N 405 
YMA C8  O5   doub N N 406 
YMA C8  N4   sing N N 407 
YMA N4  C9   sing N N 408 
YMA N4  HN4  sing N N 409 
YMA C9  C17  sing N N 410 
YMA C9  H91  sing N N 411 
YMA C9  H92  sing N N 412 
YMA C17 S1   sing N N 413 
YMA C17 H171 sing N N 414 
YMA C17 H172 sing N N 415 
YMA S1  HS1  sing N N 416 
# 
_pdbx_initial_refinement_model.id               1 
_pdbx_initial_refinement_model.entity_id_list   ? 
_pdbx_initial_refinement_model.type             'experimental model' 
_pdbx_initial_refinement_model.source_name      PDB 
_pdbx_initial_refinement_model.accession_code   1PAZ 
_pdbx_initial_refinement_model.details          'PDB entry 1PAZ' 
# 
_atom_sites.entry_id                    1PY0 
_atom_sites.fract_transf_matrix[1][1]   0.01919456 
_atom_sites.fract_transf_matrix[1][2]   -0.01399595 
_atom_sites.fract_transf_matrix[1][3]   -0.01292088 
_atom_sites.fract_transf_matrix[2][1]   0.00755768 
_atom_sites.fract_transf_matrix[2][2]   -0.02427196 
_atom_sites.fract_transf_matrix[2][3]   0.00922079 
_atom_sites.fract_transf_matrix[3][1]   -0.00597917 
_atom_sites.fract_transf_matrix[3][2]   -0.00370960 
_atom_sites.fract_transf_matrix[3][3]   -0.00486408 
_atom_sites.fract_transf_vector[1]      0.448275 
_atom_sites.fract_transf_vector[2]      0.940962 
_atom_sites.fract_transf_vector[3]      -0.001676 
# 
loop_
_atom_type.symbol 
C  
N  
O  
S  
Y  
ZN 
# 
loop_
_atom_site.group_PDB 
_atom_site.id 
_atom_site.type_symbol 
_atom_site.label_atom_id 
_atom_site.label_alt_id 
_atom_site.label_comp_id 
_atom_site.label_asym_id 
_atom_site.label_entity_id 
_atom_site.label_seq_id 
_atom_site.pdbx_PDB_ins_code 
_atom_site.Cartn_x 
_atom_site.Cartn_y 
_atom_site.Cartn_z 
_atom_site.occupancy 
_atom_site.B_iso_or_equiv 
_atom_site.pdbx_formal_charge 
_atom_site.auth_seq_id 
_atom_site.auth_comp_id 
_atom_site.auth_asym_id 
_atom_site.auth_atom_id 
_atom_site.pdbx_PDB_model_num 
ATOM   1    N  N   . ALA A 1 1   ? 2.440   16.346  14.777  1.00 39.27 ? -1  ALA A N   1 
ATOM   2    C  CA  . ALA A 1 1   ? 3.094   15.180  15.439  1.00 37.48 ? -1  ALA A CA  1 
ATOM   3    C  C   . ALA A 1 1   ? 3.302   14.098  14.384  1.00 36.60 ? -1  ALA A C   1 
ATOM   4    O  O   . ALA A 1 1   ? 2.633   13.054  14.404  1.00 36.47 ? -1  ALA A O   1 
ATOM   5    C  CB  . ALA A 1 1   ? 2.227   14.669  16.594  1.00 38.20 ? -1  ALA A CB  1 
ATOM   6    N  N   . SER A 1 2   ? 4.223   14.366  13.464  1.00 35.26 ? 0   SER A N   1 
ATOM   7    C  CA  . SER A 1 2   ? 4.456   13.516  12.294  1.00 34.39 ? 0   SER A CA  1 
ATOM   8    C  C   . SER A 1 2   ? 5.127   12.205  12.655  1.00 33.52 ? 0   SER A C   1 
ATOM   9    O  O   . SER A 1 2   ? 6.147   12.188  13.327  1.00 33.52 ? 0   SER A O   1 
ATOM   10   C  CB  . SER A 1 2   ? 5.296   14.229  11.232  1.00 33.88 ? 0   SER A CB  1 
ATOM   11   O  OG  . SER A 1 2   ? 5.441   13.372  10.090  1.00 34.17 ? 0   SER A OG  1 
ATOM   12   N  N   . GLU A 1 3   ? 4.571   11.100  12.171  1.00 31.79 ? 1   GLU A N   1 
ATOM   13   C  CA  . GLU A 1 3   ? 5.115   9.803   12.513  1.00 29.86 ? 1   GLU A CA  1 
ATOM   14   C  C   . GLU A 1 3   ? 5.532   9.020   11.259  1.00 28.47 ? 1   GLU A C   1 
ATOM   15   O  O   . GLU A 1 3   ? 4.929   9.156   10.190  1.00 26.04 ? 1   GLU A O   1 
ATOM   16   C  CB  . GLU A 1 3   ? 4.099   9.041   13.378  1.00 30.48 ? 1   GLU A CB  1 
ATOM   17   C  CG  . GLU A 1 3   ? 3.983   9.602   14.800  1.00 32.31 ? 1   GLU A CG  1 
ATOM   18   C  CD  . GLU A 1 3   ? 2.823   9.041   15.636  1.00 37.49 ? 1   GLU A CD  1 
ATOM   19   O  OE1 . GLU A 1 3   ? 2.756   9.384   16.841  1.00 41.31 ? 1   GLU A OE1 1 
ATOM   20   O  OE2 . GLU A 1 3   ? 1.962   8.282   15.128  1.00 39.25 ? 1   GLU A OE2 1 
ATOM   21   N  N   . ASN A 1 4   ? 6.597   8.228   11.392  1.00 27.04 ? 2   ASN A N   1 
ATOM   22   C  CA  . ASN A 1 4   ? 7.013   7.349   10.317  1.00 27.11 ? 2   ASN A CA  1 
ATOM   23   C  C   . ASN A 1 4   ? 6.537   5.931   10.560  1.00 26.12 ? 2   ASN A C   1 
ATOM   24   O  O   . ASN A 1 4   ? 6.663   5.426   11.679  1.00 25.95 ? 2   ASN A O   1 
ATOM   25   C  CB  . ASN A 1 4   ? 8.540   7.384   10.152  1.00 27.18 ? 2   ASN A CB  1 
ATOM   26   C  CG  . ASN A 1 4   ? 8.998   6.594   8.956   1.00 27.01 ? 2   ASN A CG  1 
ATOM   27   O  OD1 . ASN A 1 4   ? 8.448   6.736   7.839   1.00 27.21 ? 2   ASN A OD1 1 
ATOM   28   N  ND2 . ASN A 1 4   ? 10.015  5.751   9.161   1.00 26.04 ? 2   ASN A ND2 1 
ATOM   29   N  N   . ILE A 1 5   ? 5.976   5.308   9.516   1.00 25.92 ? 3   ILE A N   1 
ATOM   30   C  CA  . ILE A 1 5   ? 5.606   3.892   9.530   1.00 24.74 ? 3   ILE A CA  1 
ATOM   31   C  C   . ILE A 1 5   ? 6.475   3.101   8.523   1.00 24.61 ? 3   ILE A C   1 
ATOM   32   O  O   . ILE A 1 5   ? 6.413   3.295   7.305   1.00 23.00 ? 3   ILE A O   1 
ATOM   33   C  CB  . ILE A 1 5   ? 4.067   3.686   9.295   1.00 25.31 ? 3   ILE A CB  1 
ATOM   34   C  CG1 . ILE A 1 5   ? 3.232   4.474   10.329  1.00 26.41 ? 3   ILE A CG1 1 
ATOM   35   C  CG2 . ILE A 1 5   ? 3.661   2.222   9.438   1.00 24.74 ? 3   ILE A CG2 1 
ATOM   36   C  CD1 . ILE A 1 5   ? 2.594   5.723   9.823   1.00 26.44 ? 3   ILE A CD1 1 
ATOM   37   N  N   . GLU A 1 6   ? 7.281   2.200   9.072   1.00 23.66 ? 4   GLU A N   1 
ATOM   38   C  CA  . GLU A 1 6   ? 8.188   1.368   8.293   1.00 23.36 ? 4   GLU A CA  1 
ATOM   39   C  C   . GLU A 1 6   ? 7.458   0.114   7.868   1.00 23.12 ? 4   GLU A C   1 
ATOM   40   O  O   . GLU A 1 6   ? 6.737   -0.508  8.664   1.00 24.37 ? 4   GLU A O   1 
ATOM   41   C  CB  . GLU A 1 6   ? 9.458   1.057   9.115   1.00 23.72 ? 4   GLU A CB  1 
ATOM   42   C  CG  . GLU A 1 6   ? 10.575  0.319   8.353   1.00 23.36 ? 4   GLU A CG  1 
ATOM   43   C  CD  . GLU A 1 6   ? 11.827  0.124   9.225   1.00 24.77 ? 4   GLU A CD  1 
ATOM   44   O  OE1 . GLU A 1 6   ? 12.309  1.123   9.804   1.00 22.57 ? 4   GLU A OE1 1 
ATOM   45   O  OE2 . GLU A 1 6   ? 12.306  -1.033  9.334   1.00 23.98 ? 4   GLU A OE2 1 
ATOM   46   N  N   . VAL A 1 7   ? 7.579   -0.202  6.586   1.00 22.14 ? 5   VAL A N   1 
ATOM   47   C  CA  . VAL A 1 7   ? 6.874   -1.327  5.977   1.00 21.72 ? 5   VAL A CA  1 
ATOM   48   C  C   . VAL A 1 7   ? 7.893   -2.185  5.274   1.00 21.67 ? 5   VAL A C   1 
ATOM   49   O  O   . VAL A 1 7   ? 8.725   -1.660  4.539   1.00 22.60 ? 5   VAL A O   1 
ATOM   50   C  CB  . VAL A 1 7   ? 5.876   -0.847  4.917   1.00 20.92 ? 5   VAL A CB  1 
ATOM   51   C  CG1 . VAL A 1 7   ? 5.190   -2.042  4.235   1.00 21.22 ? 5   VAL A CG1 1 
ATOM   52   C  CG2 . VAL A 1 7   ? 4.827   0.107   5.548   1.00 20.65 ? 5   VAL A CG2 1 
ATOM   53   N  N   . HIS A 1 8   ? 7.836   -3.488  5.490   1.00 21.25 ? 6   HIS A N   1 
ATOM   54   C  CA  . HIS A 1 8   ? 8.773   -4.399  4.864   1.00 21.22 ? 6   HIS A CA  1 
ATOM   55   C  C   . HIS A 1 8   ? 8.222   -5.147  3.662   1.00 21.88 ? 6   HIS A C   1 
ATOM   56   O  O   . HIS A 1 8   ? 7.090   -5.619  3.684   1.00 22.30 ? 6   HIS A O   1 
ATOM   57   C  CB  . HIS A 1 8   ? 9.409   -5.364  5.862   1.00 21.08 ? 6   HIS A CB  1 
ATOM   58   C  CG  . HIS A 1 8   ? 10.173  -4.681  6.957   1.00 23.34 ? 6   HIS A CG  1 
ATOM   59   N  ND1 . HIS A 1 8   ? 10.886  -5.380  7.908   1.00 22.97 ? 6   HIS A ND1 1 
ATOM   60   C  CD2 . HIS A 1 8   ? 10.353  -3.362  7.245   1.00 23.55 ? 6   HIS A CD2 1 
ATOM   61   C  CE1 . HIS A 1 8   ? 11.475  -4.526  8.732   1.00 26.15 ? 6   HIS A CE1 1 
ATOM   62   N  NE2 . HIS A 1 8   ? 11.162  -3.297  8.356   1.00 26.76 ? 6   HIS A NE2 1 
ATOM   63   N  N   . MET A 1 9   ? 9.054   -5.205  2.617   1.00 21.17 ? 7   MET A N   1 
ATOM   64   C  CA  . MET A 1 9   ? 8.753   -5.889  1.378   1.00 22.88 ? 7   MET A CA  1 
ATOM   65   C  C   . MET A 1 9   ? 9.463   -7.255  1.423   1.00 23.65 ? 7   MET A C   1 
ATOM   66   O  O   . MET A 1 9   ? 10.709  -7.318  1.471   1.00 23.85 ? 7   MET A O   1 
ATOM   67   C  CB  . MET A 1 9   ? 9.235   -5.032  0.201   1.00 22.48 ? 7   MET A CB  1 
ATOM   68   C  CG  . MET A 1 9   ? 8.465   -3.703  0.126   1.00 24.27 ? 7   MET A CG  1 
ATOM   69   S  SD  . MET A 1 9   ? 8.743   -2.674  -1.320  1.00 31.48 ? 7   MET A SD  1 
ATOM   70   C  CE  . MET A 1 9   ? 10.308  -1.882  -0.927  1.00 29.46 ? 7   MET A CE  1 
ATOM   71   N  N   . LEU A 1 10  ? 8.653   -8.321  1.472   1.00 23.26 ? 8   LEU A N   1 
ATOM   72   C  CA  . LEU A 1 10  ? 9.103   -9.681  1.746   1.00 22.94 ? 8   LEU A CA  1 
ATOM   73   C  C   . LEU A 1 10  ? 8.570   -10.691 0.737   1.00 22.57 ? 8   LEU A C   1 
ATOM   74   O  O   . LEU A 1 10  ? 7.425   -10.557 0.260   1.00 20.33 ? 8   LEU A O   1 
ATOM   75   C  CB  . LEU A 1 10  ? 8.627   -10.132 3.125   1.00 23.58 ? 8   LEU A CB  1 
ATOM   76   C  CG  . LEU A 1 10  ? 9.073   -9.304  4.337   1.00 25.41 ? 8   LEU A CG  1 
ATOM   77   C  CD1 . LEU A 1 10  ? 8.130   -9.469  5.502   1.00 22.11 ? 8   LEU A CD1 1 
ATOM   78   C  CD2 . LEU A 1 10  ? 10.526  -9.688  4.745   1.00 23.64 ? 8   LEU A CD2 1 
ATOM   79   N  N   . ASN A 1 11  ? 9.393   -11.720 0.447   1.00 21.77 ? 9   ASN A N   1 
ATOM   80   C  CA  . ASN A 1 11  ? 8.943   -12.857 -0.366  1.00 22.99 ? 9   ASN A CA  1 
ATOM   81   C  C   . ASN A 1 11  ? 7.911   -13.727 0.343   1.00 23.17 ? 9   ASN A C   1 
ATOM   82   O  O   . ASN A 1 11  ? 7.135   -14.404 -0.307  1.00 22.81 ? 9   ASN A O   1 
ATOM   83   C  CB  . ASN A 1 11  ? 10.098  -13.761 -0.807  1.00 22.62 ? 9   ASN A CB  1 
ATOM   84   C  CG  . ASN A 1 11  ? 11.147  -13.034 -1.622  1.00 26.29 ? 9   ASN A CG  1 
ATOM   85   O  OD1 . ASN A 1 11  ? 10.882  -11.980 -2.233  1.00 27.10 ? 9   ASN A OD1 1 
ATOM   86   N  ND2 . ASN A 1 11  ? 12.355  -13.607 -1.655  1.00 23.11 ? 9   ASN A ND2 1 
ATOM   87   N  N   . LYS A 1 12  ? 7.927   -13.704 1.675   1.00 24.36 ? 10  LYS A N   1 
ATOM   88   C  CA  . LYS A 1 12  ? 7.084   -14.556 2.515   1.00 26.30 ? 10  LYS A CA  1 
ATOM   89   C  C   . LYS A 1 12  ? 6.768   -13.781 3.792   1.00 26.25 ? 10  LYS A C   1 
ATOM   90   O  O   . LYS A 1 12  ? 7.642   -13.132 4.337   1.00 26.34 ? 10  LYS A O   1 
ATOM   91   C  CB  . LYS A 1 12  ? 7.894   -15.791 2.948   1.00 26.55 ? 10  LYS A CB  1 
ATOM   92   C  CG  . LYS A 1 12  ? 7.401   -17.141 2.461   1.00 33.58 ? 10  LYS A CG  1 
ATOM   93   C  CD  . LYS A 1 12  ? 7.941   -18.290 3.387   1.00 37.90 ? 10  LYS A CD  1 
ATOM   94   C  CE  . LYS A 1 12  ? 8.488   -19.521 2.587   1.00 40.95 ? 10  LYS A CE  1 
ATOM   95   N  NZ  . LYS A 1 12  ? 8.104   -20.884 3.129   1.00 38.91 ? 10  LYS A NZ  1 
ATOM   96   N  N   . GLY A 1 13  ? 5.557   -13.914 4.317   1.00 26.41 ? 11  GLY A N   1 
ATOM   97   C  CA  . GLY A 1 13  ? 5.266   -13.385 5.633   1.00 27.56 ? 11  GLY A CA  1 
ATOM   98   C  C   . GLY A 1 13  ? 4.047   -14.068 6.213   1.00 28.72 ? 11  GLY A C   1 
ATOM   99   O  O   . GLY A 1 13  ? 3.673   -15.172 5.798   1.00 28.65 ? 11  GLY A O   1 
ATOM   100  N  N   . ALA A 1 14  ? 3.418   -13.371 7.151   1.00 30.02 ? 12  ALA A N   1 
ATOM   101  C  CA  . ALA A 1 14  ? 2.266   -13.860 7.892   1.00 30.22 ? 12  ALA A CA  1 
ATOM   102  C  C   . ALA A 1 14  ? 1.122   -14.310 6.989   1.00 30.45 ? 12  ALA A C   1 
ATOM   103  O  O   . ALA A 1 14  ? 0.543   -15.356 7.233   1.00 30.49 ? 12  ALA A O   1 
ATOM   104  C  CB  . ALA A 1 14  ? 1.795   -12.803 8.896   1.00 30.91 ? 12  ALA A CB  1 
ATOM   105  N  N   . GLU A 1 15  ? 0.839   -13.545 5.933   1.00 30.54 ? 13  GLU A N   1 
ATOM   106  C  CA  . GLU A 1 15  ? -0.310  -13.801 5.061   1.00 31.04 ? 13  GLU A CA  1 
ATOM   107  C  C   . GLU A 1 15  ? 0.025   -14.606 3.810   1.00 30.45 ? 13  GLU A C   1 
ATOM   108  O  O   . GLU A 1 15  ? -0.816  -14.829 2.949   1.00 31.47 ? 13  GLU A O   1 
ATOM   109  C  CB  . GLU A 1 15  ? -1.007  -12.491 4.706   1.00 31.64 ? 13  GLU A CB  1 
ATOM   110  C  CG  . GLU A 1 15  ? -1.175  -11.539 5.892   1.00 35.33 ? 13  GLU A CG  1 
ATOM   111  C  CD  . GLU A 1 15  ? -2.159  -12.036 6.957   1.00 41.37 ? 13  GLU A CD  1 
ATOM   112  O  OE1 . GLU A 1 15  ? -3.340  -12.261 6.622   1.00 42.73 ? 13  GLU A OE1 1 
ATOM   113  O  OE2 . GLU A 1 15  ? -1.763  -12.179 8.146   1.00 44.56 ? 13  GLU A OE2 1 
ATOM   114  N  N   . GLY A 1 16  ? 1.260   -15.065 3.732   1.00 29.85 ? 14  GLY A N   1 
ATOM   115  C  CA  . GLY A 1 16  ? 1.664   -15.948 2.663   1.00 28.13 ? 14  GLY A CA  1 
ATOM   116  C  C   . GLY A 1 16  ? 2.782   -15.338 1.846   1.00 26.52 ? 14  GLY A C   1 
ATOM   117  O  O   . GLY A 1 16  ? 3.714   -14.707 2.399   1.00 24.36 ? 14  GLY A O   1 
ATOM   118  N  N   . ALA A 1 17  ? 2.696   -15.571 0.533   1.00 25.21 ? 15  ALA A N   1 
ATOM   119  C  CA  . ALA A 1 17  ? 3.727   -15.147 -0.402  1.00 24.15 ? 15  ALA A CA  1 
ATOM   120  C  C   . ALA A 1 17  ? 3.502   -13.711 -0.867  1.00 24.03 ? 15  ALA A C   1 
ATOM   121  O  O   . ALA A 1 17  ? 2.352   -13.245 -0.983  1.00 23.38 ? 15  ALA A O   1 
ATOM   122  C  CB  . ALA A 1 17  ? 3.795   -16.089 -1.598  1.00 23.99 ? 15  ALA A CB  1 
ATOM   123  N  N   . MET A 1 18  ? 4.626   -13.028 -1.111  1.00 23.66 ? 16  MET A N   1 
ATOM   124  C  CA  . MET A 1 18  ? 4.694   -11.705 -1.734  1.00 23.39 ? 16  MET A CA  1 
ATOM   125  C  C   . MET A 1 18  ? 3.845   -10.699 -0.960  1.00 24.32 ? 16  MET A C   1 
ATOM   126  O  O   . MET A 1 18  ? 2.705   -10.403 -1.334  1.00 24.47 ? 16  MET A O   1 
ATOM   127  C  CB  . MET A 1 18  ? 4.359   -11.784 -3.212  1.00 24.09 ? 16  MET A CB  1 
ATOM   128  C  CG  . MET A 1 18  ? 5.234   -12.829 -3.974  1.00 22.84 ? 16  MET A CG  1 
ATOM   129  S  SD  . MET A 1 18  ? 7.012   -12.467 -3.813  1.00 23.65 ? 16  MET A SD  1 
ATOM   130  C  CE  . MET A 1 18  ? 7.688   -13.855 -4.847  1.00 26.36 ? 16  MET A CE  1 
ATOM   131  N  N   . VAL A 1 19  ? 4.405   -10.234 0.158   1.00 24.00 ? 17  VAL A N   1 
ATOM   132  C  CA  . VAL A 1 19  ? 3.681   -9.354  1.082   1.00 24.04 ? 17  VAL A CA  1 
ATOM   133  C  C   . VAL A 1 19  ? 4.432   -8.078  1.423   1.00 24.16 ? 17  VAL A C   1 
ATOM   134  O  O   . VAL A 1 19  ? 5.668   -8.027  1.397   1.00 24.05 ? 17  VAL A O   1 
ATOM   135  C  CB  . VAL A 1 19  ? 3.282   -10.046 2.438   1.00 23.72 ? 17  VAL A CB  1 
ATOM   136  C  CG1 . VAL A 1 19  ? 2.420   -11.294 2.224   1.00 23.29 ? 17  VAL A CG1 1 
ATOM   137  C  CG2 . VAL A 1 19  ? 4.502   -10.316 3.318   1.00 23.58 ? 17  VAL A CG2 1 
ATOM   138  N  N   . PHE A 1 20  ? 3.639   -7.063  1.752   1.00 24.59 ? 18  PHE A N   1 
ATOM   139  C  CA  . PHE A 1 20  ? 4.067   -5.916  2.515   1.00 23.49 ? 18  PHE A CA  1 
ATOM   140  C  C   . PHE A 1 20  ? 3.676   -6.199  3.970   1.00 24.25 ? 18  PHE A C   1 
ATOM   141  O  O   . PHE A 1 20  ? 2.585   -6.676  4.250   1.00 23.44 ? 18  PHE A O   1 
ATOM   142  C  CB  . PHE A 1 20  ? 3.292   -4.680  2.087   1.00 22.84 ? 18  PHE A CB  1 
ATOM   143  C  CG  . PHE A 1 20  ? 3.646   -4.158  0.719   1.00 23.22 ? 18  PHE A CG  1 
ATOM   144  C  CD1 . PHE A 1 20  ? 2.944   -4.582  -0.392  1.00 17.91 ? 18  PHE A CD1 1 
ATOM   145  C  CD2 . PHE A 1 20  ? 4.666   -3.221  0.556   1.00 20.65 ? 18  PHE A CD2 1 
ATOM   146  C  CE1 . PHE A 1 20  ? 3.259   -4.100  -1.665  1.00 22.58 ? 18  PHE A CE1 1 
ATOM   147  C  CE2 . PHE A 1 20  ? 4.975   -2.741  -0.690  1.00 23.89 ? 18  PHE A CE2 1 
ATOM   148  C  CZ  . PHE A 1 20  ? 4.265   -3.158  -1.811  1.00 19.24 ? 18  PHE A CZ  1 
ATOM   149  N  N   . GLU A 1 21  ? 4.575   -5.892  4.896   1.00 24.44 ? 19  GLU A N   1 
ATOM   150  C  CA  . GLU A 1 21  ? 4.297   -6.029  6.323   1.00 24.48 ? 19  GLU A CA  1 
ATOM   151  C  C   . GLU A 1 21  ? 4.569   -4.701  7.005   1.00 23.45 ? 19  GLU A C   1 
ATOM   152  O  O   . GLU A 1 21  ? 5.735   -4.290  7.054   1.00 22.51 ? 19  GLU A O   1 
ATOM   153  C  CB  . GLU A 1 21  ? 5.246   -7.051  6.939   1.00 24.45 ? 19  GLU A CB  1 
ATOM   154  C  CG  . GLU A 1 21  ? 5.086   -8.426  6.386   1.00 29.60 ? 19  GLU A CG  1 
ATOM   155  C  CD  . GLU A 1 21  ? 5.211   -9.498  7.453   1.00 31.87 ? 19  GLU A CD  1 
ATOM   156  O  OE1 . GLU A 1 21  ? 6.175   -9.400  8.276   1.00 25.69 ? 19  GLU A OE1 1 
ATOM   157  O  OE2 . GLU A 1 21  ? 4.316   -10.400 7.431   1.00 32.18 ? 19  GLU A OE2 1 
ATOM   158  N  N   . PRO A 1 22  ? 3.539   -4.039  7.539   1.00 22.79 ? 20  PRO A N   1 
ATOM   159  C  CA  . PRO A 1 22  ? 2.149   -4.528  7.525   1.00 22.42 ? 20  PRO A CA  1 
ATOM   160  C  C   . PRO A 1 22  ? 1.487   -4.233  6.186   1.00 22.78 ? 20  PRO A C   1 
ATOM   161  O  O   . PRO A 1 22  ? 1.997   -3.454  5.386   1.00 20.35 ? 20  PRO A O   1 
ATOM   162  C  CB  . PRO A 1 22  ? 1.470   -3.690  8.609   1.00 23.53 ? 20  PRO A CB  1 
ATOM   163  C  CG  . PRO A 1 22  ? 2.263   -2.304  8.568   1.00 22.95 ? 20  PRO A CG  1 
ATOM   164  C  CD  . PRO A 1 22  ? 3.675   -2.735  8.225   1.00 22.90 ? 20  PRO A CD  1 
ATOM   165  N  N   . ALA A 1 23  ? 0.346   -4.859  5.931   1.00 23.41 ? 21  ALA A N   1 
ATOM   166  C  CA  . ALA A 1 23  ? -0.297  -4.591  4.677   1.00 24.44 ? 21  ALA A CA  1 
ATOM   167  C  C   . ALA A 1 23  ? -1.581  -3.802  4.825   1.00 24.48 ? 21  ALA A C   1 
ATOM   168  O  O   . ALA A 1 23  ? -2.048  -3.236  3.859   1.00 23.06 ? 21  ALA A O   1 
ATOM   169  C  CB  . ALA A 1 23  ? -0.638  -5.912  4.036   1.00 23.89 ? 21  ALA A CB  1 
ATOM   170  N  N   . TYR A 1 24  ? -2.099  -3.627  6.033   1.00 25.24 ? 22  TYR A N   1 
ATOM   171  C  CA  . TYR A 1 24  ? -2.595  -2.380  6.549   1.00 24.80 ? 22  TYR A CA  1 
ATOM   172  C  C   . TYR A 1 24  ? -1.796  -1.336  7.299   1.00 25.19 ? 22  TYR A C   1 
ATOM   173  O  O   . TYR A 1 24  ? -1.312  -1.585  8.401   1.00 23.38 ? 22  TYR A O   1 
ATOM   174  C  CB  . TYR A 1 24  ? -3.786  -2.845  7.396   1.00 25.54 ? 22  TYR A CB  1 
ATOM   175  C  CG  . TYR A 1 24  ? -4.736  -1.770  7.813   1.00 29.56 ? 22  TYR A CG  1 
ATOM   176  C  CD1 . TYR A 1 24  ? -5.745  -1.327  6.948   1.00 31.04 ? 22  TYR A CD1 1 
ATOM   177  C  CD2 . TYR A 1 24  ? -4.646  -1.196  9.087   1.00 32.49 ? 22  TYR A CD2 1 
ATOM   178  C  CE1 . TYR A 1 24  ? -6.619  -0.330  7.333   1.00 31.76 ? 22  TYR A CE1 1 
ATOM   179  C  CE2 . TYR A 1 24  ? -5.530  -0.210  9.480   1.00 33.76 ? 22  TYR A CE2 1 
ATOM   180  C  CZ  . TYR A 1 24  ? -6.507  0.222   8.593   1.00 33.94 ? 22  TYR A CZ  1 
ATOM   181  O  OH  . TYR A 1 24  ? -7.382  1.208   8.980   1.00 37.85 ? 22  TYR A OH  1 
ATOM   182  N  N   . ILE A 1 25  ? -1.732  -0.138  6.703   1.00 25.06 ? 23  ILE A N   1 
ATOM   183  C  CA  . ILE A 1 25  ? -0.976  0.967   7.275   1.00 25.07 ? 23  ILE A CA  1 
ATOM   184  C  C   . ILE A 1 25  ? -1.893  2.093   7.773   1.00 24.69 ? 23  ILE A C   1 
ATOM   185  O  O   . ILE A 1 25  ? -2.480  2.822   6.993   1.00 23.98 ? 23  ILE A O   1 
ATOM   186  C  CB  . ILE A 1 25  ? 0.117   1.448   6.278   1.00 25.29 ? 23  ILE A CB  1 
ATOM   187  C  CG1 . ILE A 1 25  ? 1.138   0.331   6.102   1.00 25.69 ? 23  ILE A CG1 1 
ATOM   188  C  CG2 . ILE A 1 25  ? 0.841   2.762   6.761   1.00 25.88 ? 23  ILE A CG2 1 
ATOM   189  C  CD1 . ILE A 1 25  ? 1.181   -0.214  4.741   1.00 25.61 ? 23  ILE A CD1 1 
ATOM   190  N  N   . LYS A 1 26  ? -2.007  2.205   9.091   1.00 25.41 ? 24  LYS A N   1 
ATOM   191  C  CA  . LYS A 1 26  ? -2.824  3.223   9.695   1.00 26.62 ? 24  LYS A CA  1 
ATOM   192  C  C   . LYS A 1 26  ? -1.975  4.494   9.895   1.00 26.29 ? 24  LYS A C   1 
ATOM   193  O  O   . LYS A 1 26  ? -0.979  4.492   10.628  1.00 26.16 ? 24  LYS A O   1 
ATOM   194  C  CB  . LYS A 1 26  ? -3.419  2.691   11.016  1.00 27.90 ? 24  LYS A CB  1 
ATOM   195  C  CG  . LYS A 1 26  ? -4.633  3.408   11.514  1.00 29.89 ? 24  LYS A CG  1 
ATOM   196  C  CD  . LYS A 1 26  ? -4.883  3.143   13.016  1.00 35.85 ? 24  LYS A CD  1 
ATOM   197  C  CE  . LYS A 1 26  ? -6.303  2.620   13.271  1.00 39.77 ? 24  LYS A CE  1 
ATOM   198  N  NZ  . LYS A 1 26  ? -7.026  3.238   14.480  1.00 42.64 ? 24  LYS A NZ  1 
ATOM   199  N  N   . ALA A 1 27  ? -2.366  5.586   9.238   1.00 24.81 ? 25  ALA A N   1 
ATOM   200  C  CA  . ALA A 1 27  ? -1.599  6.825   9.351   1.00 24.24 ? 25  ALA A CA  1 
ATOM   201  C  C   . ALA A 1 27  ? -2.489  8.029   9.579   1.00 24.25 ? 25  ALA A C   1 
ATOM   202  O  O   . ALA A 1 27  ? -3.684  7.940   9.327   1.00 24.20 ? 25  ALA A O   1 
ATOM   203  C  CB  . ALA A 1 27  ? -0.729  7.041   8.099   1.00 22.69 ? 25  ALA A CB  1 
ATOM   204  N  N   . ASN A 1 28  ? -1.888  9.132   10.063  1.00 23.70 ? 26  ASN A N   1 
ATOM   205  C  CA  . ASN A 1 28  ? -2.517  10.476  10.119  1.00 24.52 ? 26  ASN A CA  1 
ATOM   206  C  C   . ASN A 1 28  ? -1.971  11.325  8.969   1.00 24.14 ? 26  ASN A C   1 
ATOM   207  O  O   . ASN A 1 28  ? -0.866  11.039  8.470   1.00 23.45 ? 26  ASN A O   1 
ATOM   208  C  CB  . ASN A 1 28  ? -2.221  11.166  11.480  1.00 24.05 ? 26  ASN A CB  1 
ATOM   209  C  CG  . ASN A 1 28  ? -2.653  10.335  12.686  1.00 27.37 ? 26  ASN A CG  1 
ATOM   210  O  OD1 . ASN A 1 28  ? -1.865  10.135  13.650  1.00 33.77 ? 26  ASN A OD1 1 
ATOM   211  N  ND2 . ASN A 1 28  ? -3.896  9.844   12.663  1.00 27.31 ? 26  ASN A ND2 1 
ATOM   212  N  N   . PRO A 1 29  ? -2.695  12.354  8.491   1.00 24.92 ? 27  PRO A N   1 
ATOM   213  C  CA  . PRO A 1 29  ? -2.115  13.232  7.459   1.00 24.52 ? 27  PRO A CA  1 
ATOM   214  C  C   . PRO A 1 29  ? -0.836  13.925  7.936   1.00 24.63 ? 27  PRO A C   1 
ATOM   215  O  O   . PRO A 1 29  ? -0.778  14.327  9.100   1.00 23.53 ? 27  PRO A O   1 
ATOM   216  C  CB  . PRO A 1 29  ? -3.261  14.217  7.170   1.00 25.53 ? 27  PRO A CB  1 
ATOM   217  C  CG  . PRO A 1 29  ? -4.484  13.393  7.490   1.00 25.21 ? 27  PRO A CG  1 
ATOM   218  C  CD  . PRO A 1 29  ? -4.083  12.743  8.798   1.00 24.87 ? 27  PRO A CD  1 
ATOM   219  N  N   . GLY A 1 30  ? 0.178   14.018  7.065   1.00 25.11 ? 28  GLY A N   1 
ATOM   220  C  CA  . GLY A 1 30  ? 1.504   14.517  7.436   1.00 24.46 ? 28  GLY A CA  1 
ATOM   221  C  C   . GLY A 1 30  ? 2.473   13.412  7.880   1.00 25.37 ? 28  GLY A C   1 
ATOM   222  O  O   . GLY A 1 30  ? 3.660   13.654  8.021   1.00 25.54 ? 28  GLY A O   1 
ATOM   223  N  N   . ASP A 1 31  ? 1.982   12.193  8.098   1.00 25.18 ? 29  ASP A N   1 
ATOM   224  C  CA  . ASP A 1 31  ? 2.872   11.049  8.405   1.00 25.09 ? 29  ASP A CA  1 
ATOM   225  C  C   . ASP A 1 31  ? 3.703   10.610  7.232   1.00 25.12 ? 29  ASP A C   1 
ATOM   226  O  O   . ASP A 1 31  ? 3.425   11.021  6.109   1.00 26.72 ? 29  ASP A O   1 
ATOM   227  C  CB  . ASP A 1 31  ? 2.075   9.860   8.887   1.00 24.76 ? 29  ASP A CB  1 
ATOM   228  C  CG  . ASP A 1 31  ? 1.661   10.003  10.326  1.00 28.04 ? 29  ASP A CG  1 
ATOM   229  O  OD1 . ASP A 1 31  ? 0.952   9.091   10.821  1.00 28.82 ? 29  ASP A OD1 1 
ATOM   230  O  OD2 . ASP A 1 31  ? 2.015   10.982  11.037  1.00 26.90 ? 29  ASP A OD2 1 
ATOM   231  N  N   . THR A 1 32  ? 4.713   9.767   7.483   1.00 24.19 ? 30  THR A N   1 
ATOM   232  C  CA  . THR A 1 32  ? 5.484   9.188   6.397   1.00 23.56 ? 30  THR A CA  1 
ATOM   233  C  C   . THR A 1 32  ? 5.447   7.660   6.412   1.00 23.25 ? 30  THR A C   1 
ATOM   234  O  O   . THR A 1 32  ? 5.180   7.029   7.451   1.00 22.46 ? 30  THR A O   1 
ATOM   235  C  CB  . THR A 1 32  ? 6.949   9.712   6.359   1.00 23.99 ? 30  THR A CB  1 
ATOM   236  O  OG1 . THR A 1 32  ? 7.640   9.302   7.544   1.00 21.49 ? 30  THR A OG1 1 
ATOM   237  C  CG2 . THR A 1 32  ? 6.979   11.242  6.379   1.00 23.93 ? 30  THR A CG2 1 
ATOM   238  N  N   . VAL A 1 33  ? 5.659   7.077   5.239   1.00 22.88 ? 31  VAL A N   1 
ATOM   239  C  CA  . VAL A 1 33  ? 5.593   5.627   5.089   1.00 23.31 ? 31  VAL A CA  1 
ATOM   240  C  C   . VAL A 1 33  ? 6.812   5.181   4.308   1.00 23.83 ? 31  VAL A C   1 
ATOM   241  O  O   . VAL A 1 33  ? 6.987   5.540   3.146   1.00 23.69 ? 31  VAL A O   1 
ATOM   242  C  CB  . VAL A 1 33  ? 4.249   5.192   4.425   1.00 24.26 ? 31  VAL A CB  1 
ATOM   243  C  CG1 . VAL A 1 33  ? 4.106   3.656   4.360   1.00 23.51 ? 31  VAL A CG1 1 
ATOM   244  C  CG2 . VAL A 1 33  ? 3.037   5.874   5.149   1.00 21.52 ? 31  VAL A CG2 1 
ATOM   245  N  N   . THR A 1 34  ? 7.674   4.422   4.983   1.00 23.56 ? 32  THR A N   1 
ATOM   246  C  CA  . THR A 1 34  ? 8.925   3.984   4.406   1.00 23.25 ? 32  THR A CA  1 
ATOM   247  C  C   . THR A 1 34  ? 8.814   2.526   4.001   1.00 23.74 ? 32  THR A C   1 
ATOM   248  O  O   . THR A 1 34  ? 8.544   1.662   4.836   1.00 23.27 ? 32  THR A O   1 
ATOM   249  C  CB  . THR A 1 34  ? 10.087  4.133   5.438   1.00 23.30 ? 32  THR A CB  1 
ATOM   250  O  OG1 . THR A 1 34  ? 10.142  5.478   5.919   1.00 24.56 ? 32  THR A OG1 1 
ATOM   251  C  CG2 . THR A 1 34  ? 11.463  3.929   4.735   1.00 22.72 ? 32  THR A CG2 1 
ATOM   252  N  N   . PHE A 1 35  ? 9.070   2.268   2.727   1.00 23.88 ? 33  PHE A N   1 
ATOM   253  C  CA  . PHE A 1 35  ? 9.096   0.926   2.181   1.00 23.53 ? 33  PHE A CA  1 
ATOM   254  C  C   . PHE A 1 35  ? 10.518  0.411   2.073   1.00 24.67 ? 33  PHE A C   1 
ATOM   255  O  O   . PHE A 1 35  ? 11.410  1.089   1.496   1.00 24.10 ? 33  PHE A O   1 
ATOM   256  C  CB  . PHE A 1 35  ? 8.369   0.904   0.852   1.00 24.15 ? 33  PHE A CB  1 
ATOM   257  C  CG  . PHE A 1 35  ? 6.900   1.246   0.976   1.00 23.98 ? 33  PHE A CG  1 
ATOM   258  C  CD1 . PHE A 1 35  ? 6.461   2.562   0.863   1.00 20.96 ? 33  PHE A CD1 1 
ATOM   259  C  CD2 . PHE A 1 35  ? 5.963   0.250   1.264   1.00 22.83 ? 33  PHE A CD2 1 
ATOM   260  C  CE1 . PHE A 1 35  ? 5.102   2.880   0.976   1.00 24.94 ? 33  PHE A CE1 1 
ATOM   261  C  CE2 . PHE A 1 35  ? 4.616   0.565   1.378   1.00 22.99 ? 33  PHE A CE2 1 
ATOM   262  C  CZ  . PHE A 1 35  ? 4.185   1.898   1.254   1.00 21.69 ? 33  PHE A CZ  1 
ATOM   263  N  N   . ILE A 1 36  ? 10.736  -0.759  2.694   1.00 23.68 ? 34  ILE A N   1 
ATOM   264  C  CA  . ILE A 1 36  ? 12.073  -1.326  2.851   1.00 24.49 ? 34  ILE A CA  1 
ATOM   265  C  C   . ILE A 1 36  ? 12.150  -2.648  2.104   1.00 24.99 ? 34  ILE A C   1 
ATOM   266  O  O   . ILE A 1 36  ? 11.416  -3.596  2.449   1.00 24.17 ? 34  ILE A O   1 
ATOM   267  C  CB  . ILE A 1 36  ? 12.443  -1.605  4.355   1.00 24.34 ? 34  ILE A CB  1 
ATOM   268  C  CG1 . ILE A 1 36  ? 12.197  -0.381  5.267   1.00 25.84 ? 34  ILE A CG1 1 
ATOM   269  C  CG2 . ILE A 1 36  ? 13.870  -2.223  4.479   1.00 25.12 ? 34  ILE A CG2 1 
ATOM   270  C  CD1 . ILE A 1 36  ? 13.199  0.735   5.160   1.00 25.85 ? 34  ILE A CD1 1 
ATOM   271  N  N   . PRO A 1 37  ? 13.065  -2.711  1.135   1.00 26.07 ? 35  PRO A N   1 
ATOM   272  C  CA  . PRO A 1 37  ? 13.322  -3.933  0.376   1.00 27.11 ? 35  PRO A CA  1 
ATOM   273  C  C   . PRO A 1 37  ? 14.158  -4.902  1.211   1.00 27.78 ? 35  PRO A C   1 
ATOM   274  O  O   . PRO A 1 37  ? 15.403  -5.055  1.070   1.00 28.08 ? 35  PRO A O   1 
ATOM   275  C  CB  . PRO A 1 37  ? 14.074  -3.405  -0.842  1.00 26.67 ? 35  PRO A CB  1 
ATOM   276  C  CG  . PRO A 1 37  ? 14.894  -2.316  -0.291  1.00 28.50 ? 35  PRO A CG  1 
ATOM   277  C  CD  . PRO A 1 37  ? 13.914  -1.596  0.666   1.00 26.02 ? 35  PRO A CD  1 
ATOM   278  N  N   . VAL A 1 38  ? 13.461  -5.578  2.110   1.00 27.63 ? 36  VAL A N   1 
ATOM   279  C  CA  . VAL A 1 38  ? 14.118  -6.578  2.949   1.00 27.90 ? 36  VAL A CA  1 
ATOM   280  C  C   . VAL A 1 38  ? 14.632  -7.747  2.107   1.00 27.49 ? 36  VAL A C   1 
ATOM   281  O  O   . VAL A 1 38  ? 15.766  -8.201  2.286   1.00 27.69 ? 36  VAL A O   1 
ATOM   282  C  CB  . VAL A 1 38  ? 13.192  -7.054  4.081   1.00 28.19 ? 36  VAL A CB  1 
ATOM   283  C  CG1 . VAL A 1 38  ? 13.818  -8.243  4.811   1.00 27.09 ? 36  VAL A CG1 1 
ATOM   284  C  CG2 . VAL A 1 38  ? 12.948  -5.892  5.050   1.00 27.67 ? 36  VAL A CG2 1 
ATOM   285  N  N   . ASP A 1 39  ? 13.791  -8.228  1.195   1.00 26.53 ? 37  ASP A N   1 
ATOM   286  C  CA  . ASP A 1 39  ? 14.201  -9.208  0.212   1.00 26.02 ? 37  ASP A CA  1 
ATOM   287  C  C   . ASP A 1 39  ? 14.346  -8.443  -1.102  1.00 25.69 ? 37  ASP A C   1 
ATOM   288  O  O   . ASP A 1 39  ? 13.668  -7.435  -1.310  1.00 24.69 ? 37  ASP A O   1 
ATOM   289  C  CB  . ASP A 1 39  ? 13.148  -10.336 0.087   1.00 25.88 ? 37  ASP A CB  1 
ATOM   290  C  CG  . ASP A 1 39  ? 13.088  -11.223 1.325   1.00 25.39 ? 37  ASP A CG  1 
ATOM   291  O  OD1 . ASP A 1 39  ? 12.000  -11.679 1.729   1.00 23.71 ? 37  ASP A OD1 1 
ATOM   292  O  OD2 . ASP A 1 39  ? 14.099  -11.490 1.987   1.00 26.34 ? 37  ASP A OD2 1 
ATOM   293  N  N   . LYS A 1 40  ? 15.208  -8.939  -1.985  1.00 26.16 ? 38  LYS A N   1 
ATOM   294  C  CA  . LYS A 1 40  ? 15.407  -8.359  -3.314  1.00 25.97 ? 38  LYS A CA  1 
ATOM   295  C  C   . LYS A 1 40  ? 14.209  -8.626  -4.220  1.00 25.55 ? 38  LYS A C   1 
ATOM   296  O  O   . LYS A 1 40  ? 13.503  -9.637  -4.031  1.00 25.01 ? 38  LYS A O   1 
ATOM   297  C  CB  . LYS A 1 40  ? 16.711  -8.893  -3.942  1.00 26.90 ? 38  LYS A CB  1 
ATOM   298  C  CG  . LYS A 1 40  ? 17.904  -8.774  -2.980  1.00 29.05 ? 38  LYS A CG  1 
ATOM   299  C  CD  . LYS A 1 40  ? 19.236  -8.485  -3.656  1.00 36.63 ? 38  LYS A CD  1 
ATOM   300  C  CE  . LYS A 1 40  ? 20.188  -7.684  -2.708  1.00 38.48 ? 38  LYS A CE  1 
ATOM   301  N  NZ  . LYS A 1 40  ? 20.341  -8.255  -1.298  1.00 41.37 ? 38  LYS A NZ  1 
ATOM   302  N  N   . GLY A 1 41  ? 13.991  -7.729  -5.193  1.00 23.79 ? 39  GLY A N   1 
ATOM   303  C  CA  . GLY A 1 41  ? 12.978  -7.921  -6.217  1.00 23.52 ? 39  GLY A CA  1 
ATOM   304  C  C   . GLY A 1 41  ? 11.638  -7.209  -6.002  1.00 24.66 ? 39  GLY A C   1 
ATOM   305  O  O   . GLY A 1 41  ? 10.682  -7.418  -6.775  1.00 24.23 ? 39  GLY A O   1 
ATOM   306  N  N   . HIS A 1 42  ? 11.546  -6.349  -4.973  1.00 23.44 ? 40  HIS A N   1 
ATOM   307  C  CA  . HIS A 1 42  ? 10.296  -5.629  -4.731  1.00 22.43 ? 40  HIS A CA  1 
ATOM   308  C  C   . HIS A 1 42  ? 10.416  -4.122  -4.963  1.00 22.46 ? 40  HIS A C   1 
ATOM   309  O  O   . HIS A 1 42  ? 11.527  -3.544  -4.954  1.00 22.19 ? 40  HIS A O   1 
ATOM   310  C  CB  . HIS A 1 42  ? 9.782   -5.897  -3.318  1.00 22.37 ? 40  HIS A CB  1 
ATOM   311  C  CG  . HIS A 1 42  ? 9.788   -7.345  -2.966  1.00 23.01 ? 40  HIS A CG  1 
ATOM   312  N  ND1 . HIS A 1 42  ? 8.861   -8.232  -3.477  1.00 23.38 ? 40  HIS A ND1 1 
ATOM   313  C  CD2 . HIS A 1 42  ? 10.639  -8.073  -2.212  1.00 20.48 ? 40  HIS A CD2 1 
ATOM   314  C  CE1 . HIS A 1 42  ? 9.128   -9.440  -3.017  1.00 21.52 ? 40  HIS A CE1 1 
ATOM   315  N  NE2 . HIS A 1 42  ? 10.200  -9.372  -2.252  1.00 22.48 ? 40  HIS A NE2 1 
ATOM   316  N  N   . ASN A 1 43  ? 9.268   -3.507  -5.213  1.00 20.77 ? 41  ASN A N   1 
ATOM   317  C  CA  . ASN A 1 43  ? 9.168   -2.066  -5.221  1.00 21.43 ? 41  ASN A CA  1 
ATOM   318  C  C   . ASN A 1 43  ? 7.796   -1.676  -4.716  1.00 21.12 ? 41  ASN A C   1 
ATOM   319  O  O   . ASN A 1 43  ? 7.007   -2.536  -4.278  1.00 20.09 ? 41  ASN A O   1 
ATOM   320  C  CB  . ASN A 1 43  ? 9.398   -1.494  -6.622  1.00 21.12 ? 41  ASN A CB  1 
ATOM   321  C  CG  . ASN A 1 43  ? 8.188   -1.681  -7.534  1.00 22.46 ? 41  ASN A CG  1 
ATOM   322  O  OD1 . ASN A 1 43  ? 7.516   -2.720  -7.491  1.00 25.10 ? 41  ASN A OD1 1 
ATOM   323  N  ND2 . ASN A 1 43  ? 7.908   -0.683  -8.360  1.00 22.67 ? 41  ASN A ND2 1 
ATOM   324  N  N   . VAL A 1 44  ? 7.502   -0.390  -4.806  1.00 20.12 ? 42  VAL A N   1 
ATOM   325  C  CA  . VAL A 1 44  ? 6.166   0.077   -4.466  1.00 21.15 ? 42  VAL A CA  1 
ATOM   326  C  C   . VAL A 1 44  ? 5.645   1.119   -5.450  1.00 21.67 ? 42  VAL A C   1 
ATOM   327  O  O   . VAL A 1 44  ? 6.382   2.020   -5.881  1.00 22.27 ? 42  VAL A O   1 
ATOM   328  C  CB  . VAL A 1 44  ? 6.158   0.619   -3.028  1.00 21.58 ? 42  VAL A CB  1 
ATOM   329  C  CG1 . VAL A 1 44  ? 6.956   1.921   -2.932  1.00 22.13 ? 42  VAL A CG1 1 
ATOM   330  C  CG2 . VAL A 1 44  ? 4.739   0.694   -2.501  1.00 17.51 ? 42  VAL A CG2 1 
ATOM   331  N  N   . GLU A 1 45  ? 4.383   0.953   -5.819  1.00 22.61 ? 43  GLU A N   1 
ATOM   332  C  CA  . GLU A 1 45  ? 3.728   1.780   -6.819  1.00 23.77 ? 43  GLU A CA  1 
ATOM   333  C  C   . GLU A 1 45  ? 2.280   2.020   -6.421  1.00 23.33 ? 43  GLU A C   1 
ATOM   334  O  O   . GLU A 1 45  ? 1.572   1.079   -6.073  1.00 23.97 ? 43  GLU A O   1 
ATOM   335  C  CB  . GLU A 1 45  ? 3.718   1.055   -8.185  1.00 23.73 ? 43  GLU A CB  1 
ATOM   336  C  CG  . GLU A 1 45  ? 3.194   1.906   -9.328  1.00 24.76 ? 43  GLU A CG  1 
ATOM   337  C  CD  . GLU A 1 45  ? 3.247   1.208   -10.680 1.00 30.36 ? 43  GLU A CD  1 
ATOM   338  O  OE1 . GLU A 1 45  ? 2.636   1.765   -11.625 1.00 31.64 ? 43  GLU A OE1 1 
ATOM   339  O  OE2 . GLU A 1 45  ? 3.857   0.097   -10.805 1.00 28.29 ? 43  GLU A OE2 1 
ATOM   340  N  N   . SER A 1 46  ? 1.810   3.258   -6.588  1.00 23.65 ? 44  SER A N   1 
ATOM   341  C  CA  . SER A 1 46  ? 0.395   3.546   -6.388  1.00 23.41 ? 44  SER A CA  1 
ATOM   342  C  C   . SER A 1 46  ? -0.374  2.919   -7.529  1.00 24.17 ? 44  SER A C   1 
ATOM   343  O  O   . SER A 1 46  ? 0.051   3.015   -8.689  1.00 24.69 ? 44  SER A O   1 
ATOM   344  C  CB  . SER A 1 46  ? 0.142   5.059   -6.323  1.00 24.20 ? 44  SER A CB  1 
ATOM   345  O  OG  . SER A 1 46  ? 0.552   5.739   -7.523  1.00 23.98 ? 44  SER A OG  1 
ATOM   346  N  N   . ILE A 1 47  ? -1.496  2.274   -7.227  1.00 25.20 ? 45  ILE A N   1 
ATOM   347  C  CA  . ILE A 1 47  ? -2.291  1.656   -8.283  1.00 24.94 ? 45  ILE A CA  1 
ATOM   348  C  C   . ILE A 1 47  ? -3.127  2.748   -8.929  1.00 26.16 ? 45  ILE A C   1 
ATOM   349  O  O   . ILE A 1 47  ? -3.712  3.595   -8.232  1.00 25.76 ? 45  ILE A O   1 
ATOM   350  C  CB  . ILE A 1 47  ? -3.157  0.496   -7.747  1.00 25.81 ? 45  ILE A CB  1 
ATOM   351  C  CG1 . ILE A 1 47  ? -2.252  -0.568  -7.086  1.00 22.93 ? 45  ILE A CG1 1 
ATOM   352  C  CG2 . ILE A 1 47  ? -4.007  -0.107  -8.916  1.00 23.67 ? 45  ILE A CG2 1 
ATOM   353  C  CD1 . ILE A 1 47  ? -2.930  -1.425  -6.057  1.00 22.17 ? 45  ILE A CD1 1 
ATOM   354  N  N   . LYS A 1 48  ? -3.137  2.757   -10.262 1.00 25.86 ? 46  LYS A N   1 
ATOM   355  C  CA  . LYS A 1 48  ? -3.848  3.773   -11.022 1.00 26.28 ? 46  LYS A CA  1 
ATOM   356  C  C   . LYS A 1 48  ? -5.277  3.951   -10.479 1.00 25.40 ? 46  LYS A C   1 
ATOM   357  O  O   . LYS A 1 48  ? -6.030  2.976   -10.387 1.00 24.33 ? 46  LYS A O   1 
ATOM   358  C  CB  . LYS A 1 48  ? -3.854  3.399   -12.514 1.00 26.28 ? 46  LYS A CB  1 
ATOM   359  C  CG  . LYS A 1 48  ? -4.791  4.237   -13.380 1.00 28.61 ? 46  LYS A CG  1 
ATOM   360  C  CD  . LYS A 1 48  ? -4.598  3.818   -14.861 1.00 30.01 ? 46  LYS A CD  1 
ATOM   361  C  CE  . LYS A 1 48  ? -5.460  4.688   -15.802 1.00 36.55 ? 46  LYS A CE  1 
ATOM   362  N  NZ  . LYS A 1 48  ? -5.002  6.123   -15.804 1.00 37.42 ? 46  LYS A NZ  1 
ATOM   363  N  N   . ASP A 1 49  ? -5.602  5.194   -10.114 1.00 25.10 ? 47  ASP A N   1 
ATOM   364  C  CA  . ASP A 1 49  ? -6.895  5.589   -9.522  1.00 26.04 ? 47  ASP A CA  1 
ATOM   365  C  C   . ASP A 1 49  ? -7.255  5.013   -8.139  1.00 26.01 ? 47  ASP A C   1 
ATOM   366  O  O   . ASP A 1 49  ? -8.434  5.001   -7.759  1.00 25.81 ? 47  ASP A O   1 
ATOM   367  C  CB  . ASP A 1 49  ? -8.086  5.310   -10.449 1.00 26.22 ? 47  ASP A CB  1 
ATOM   368  C  CG  . ASP A 1 49  ? -9.223  6.273   -10.189 1.00 27.81 ? 47  ASP A CG  1 
ATOM   369  O  OD1 . ASP A 1 49  ? -10.416 5.884   -10.272 1.00 26.58 ? 47  ASP A OD1 1 
ATOM   370  O  OD2 . ASP A 1 49  ? -8.969  7.454   -9.860  1.00 28.96 ? 47  ASP A OD2 1 
ATOM   371  N  N   . MET A 1 50  ? -6.278  4.513   -7.404  1.00 26.48 ? 48  MET A N   1 
ATOM   372  C  CA  . MET A 1 50  ? -6.564  3.965   -6.070  1.00 27.51 ? 48  MET A CA  1 
ATOM   373  C  C   . MET A 1 50  ? -5.783  4.709   -5.012  1.00 28.45 ? 48  MET A C   1 
ATOM   374  O  O   . MET A 1 50  ? -5.281  4.110   -4.041  1.00 28.94 ? 48  MET A O   1 
ATOM   375  C  CB  . MET A 1 50  ? -6.280  2.456   -6.017  1.00 26.93 ? 48  MET A CB  1 
ATOM   376  C  CG  . MET A 1 50  ? -7.039  1.678   -7.088  1.00 25.46 ? 48  MET A CG  1 
ATOM   377  S  SD  . MET A 1 50  ? -7.019  -0.088  -6.743  1.00 24.34 ? 48  MET A SD  1 
ATOM   378  C  CE  . MET A 1 50  ? -7.377  -0.799  -8.324  1.00 22.42 ? 48  MET A CE  1 
ATOM   379  N  N   . ILE A 1 51  ? -5.684  6.016   -5.228  1.00 28.75 ? 49  ILE A N   1 
ATOM   380  C  CA  . ILE A 1 51  ? -5.235  6.977   -4.220  1.00 30.06 ? 49  ILE A CA  1 
ATOM   381  C  C   . ILE A 1 51  ? -6.275  8.101   -4.145  1.00 30.77 ? 49  ILE A C   1 
ATOM   382  O  O   . ILE A 1 51  ? -7.052  8.277   -5.073  1.00 30.52 ? 49  ILE A O   1 
ATOM   383  C  CB  . ILE A 1 51  ? -3.836  7.538   -4.546  1.00 29.41 ? 49  ILE A CB  1 
ATOM   384  C  CG1 . ILE A 1 51  ? -3.824  8.307   -5.884  1.00 29.60 ? 49  ILE A CG1 1 
ATOM   385  C  CG2 . ILE A 1 51  ? -2.775  6.418   -4.538  1.00 29.13 ? 49  ILE A CG2 1 
ATOM   386  C  CD1 . ILE A 1 51  ? -2.472  8.930   -6.202  1.00 28.96 ? 49  ILE A CD1 1 
ATOM   387  N  N   . PRO A 1 52  ? -6.309  8.834   -3.039  1.00 32.19 ? 50  PRO A N   1 
ATOM   388  C  CA  . PRO A 1 52  ? -7.338  9.849   -2.837  1.00 33.63 ? 50  PRO A CA  1 
ATOM   389  C  C   . PRO A 1 52  ? -7.178  10.967  -3.879  1.00 35.36 ? 50  PRO A C   1 
ATOM   390  O  O   . PRO A 1 52  ? -6.053  11.259  -4.310  1.00 34.69 ? 50  PRO A O   1 
ATOM   391  C  CB  . PRO A 1 52  ? -7.059  10.368  -1.424  1.00 34.06 ? 50  PRO A CB  1 
ATOM   392  C  CG  . PRO A 1 52  ? -6.033  9.502   -0.834  1.00 32.33 ? 50  PRO A CG  1 
ATOM   393  C  CD  . PRO A 1 52  ? -5.377  8.741   -1.901  1.00 32.25 ? 50  PRO A CD  1 
ATOM   394  N  N   . CYS A 1 53  ? -8.293  11.518  -4.355  1.00 36.53 ? 51  CYS A N   1 
ATOM   395  C  CA  . CYS A 1 53  ? -8.198  12.693  -5.234  1.00 37.80 ? 51  CYS A CA  1 
ATOM   396  C  C   . CYS A 1 53  ? -7.487  13.769  -4.423  1.00 36.03 ? 51  CYS A C   1 
ATOM   397  O  O   . CYS A 1 53  ? -7.889  14.053  -3.301  1.00 37.25 ? 51  CYS A O   1 
ATOM   398  C  CB  . CYS A 1 53  ? -9.581  13.137  -5.722  1.00 38.32 ? 51  CYS A CB  1 
ATOM   399  S  SG  . CYS A 1 53  ? -9.538  14.138  -7.239  1.00 48.34 ? 51  CYS A SG  1 
ATOM   400  N  N   . GLY A 1 54  ? -6.388  14.312  -4.946  1.00 34.65 ? 52  GLY A N   1 
ATOM   401  C  CA  . GLY A 1 54  ? -5.571  15.226  -4.166  1.00 32.59 ? 52  GLY A CA  1 
ATOM   402  C  C   . GLY A 1 54  ? -4.194  14.653  -3.897  1.00 31.76 ? 52  GLY A C   1 
ATOM   403  O  O   . GLY A 1 54  ? -3.208  15.402  -3.769  1.00 31.44 ? 52  GLY A O   1 
ATOM   404  N  N   . ALA A 1 55  ? -4.121  13.323  -3.836  1.00 30.72 ? 53  ALA A N   1 
ATOM   405  C  CA  . ALA A 1 55  ? -2.843  12.631  -3.695  1.00 30.36 ? 53  ALA A CA  1 
ATOM   406  C  C   . ALA A 1 55  ? -2.093  12.496  -5.040  1.00 29.99 ? 53  ALA A C   1 
ATOM   407  O  O   . ALA A 1 55  ? -2.702  12.497  -6.112  1.00 30.05 ? 53  ALA A O   1 
ATOM   408  C  CB  . ALA A 1 55  ? -3.059  11.270  -3.052  1.00 30.05 ? 53  ALA A CB  1 
ATOM   409  N  N   . CYS A 1 56  ? -0.774  12.381  -4.989  1.00 30.10 ? 54  CYS A N   1 
ATOM   410  C  CA  . CYS A 1 56  ? 0.017   12.250  -6.226  1.00 30.07 ? 54  CYS A CA  1 
ATOM   411  C  C   . CYS A 1 56  ? 0.557   10.843  -6.410  1.00 30.19 ? 54  CYS A C   1 
ATOM   412  O  O   . CYS A 1 56  ? 1.037   10.205  -5.457  1.00 29.70 ? 54  CYS A O   1 
ATOM   413  C  CB  . CYS A 1 56  ? 1.202   13.224  -6.236  1.00 29.36 ? 54  CYS A CB  1 
ATOM   414  S  SG  . CYS A 1 56  ? 0.762   14.948  -5.946  1.00 32.79 ? 54  CYS A SG  1 
ATOM   415  N  N   . LYS A 1 57  ? 0.538   10.392  -7.656  1.00 30.00 ? 55  LYS A N   1 
ATOM   416  C  CA  . LYS A 1 57  ? 1.067   9.074   -8.005  1.00 29.61 ? 55  LYS A CA  1 
ATOM   417  C  C   . LYS A 1 57  ? 2.567   8.942   -7.774  1.00 28.79 ? 55  LYS A C   1 
ATOM   418  O  O   . LYS A 1 57  ? 3.302   9.951   -7.705  1.00 28.83 ? 55  LYS A O   1 
ATOM   419  C  CB  . LYS A 1 57  ? 0.674   8.663   -9.442  1.00 29.40 ? 55  LYS A CB  1 
ATOM   420  C  CG  . LYS A 1 57  ? 1.310   9.472   -10.587 1.00 32.35 ? 55  LYS A CG  1 
ATOM   421  C  CD  . LYS A 1 57  ? 1.078   8.755   -11.943 1.00 38.25 ? 55  LYS A CD  1 
ATOM   422  C  CE  . LYS A 1 57  ? 1.712   9.500   -13.135 1.00 43.78 ? 55  LYS A CE  1 
ATOM   423  N  NZ  . LYS A 1 57  ? 0.877   9.439   -14.392 1.00 44.63 ? 55  LYS A NZ  1 
ATOM   424  N  N   . PHE A 1 58  ? 3.007   7.686   -7.656  1.00 27.13 ? 56  PHE A N   1 
ATOM   425  C  CA  . PHE A 1 58  ? 4.407   7.356   -7.452  1.00 26.35 ? 56  PHE A CA  1 
ATOM   426  C  C   . PHE A 1 58  ? 4.694   5.914   -7.917  1.00 26.22 ? 56  PHE A C   1 
ATOM   427  O  O   . PHE A 1 58  ? 3.788   5.081   -7.995  1.00 26.07 ? 56  PHE A O   1 
ATOM   428  C  CB  . PHE A 1 58  ? 4.801   7.562   -5.968  1.00 26.68 ? 56  PHE A CB  1 
ATOM   429  C  CG  . PHE A 1 58  ? 3.951   6.791   -4.981  1.00 26.29 ? 56  PHE A CG  1 
ATOM   430  C  CD1 . PHE A 1 58  ? 2.719   7.284   -4.557  1.00 29.49 ? 56  PHE A CD1 1 
ATOM   431  C  CD2 . PHE A 1 58  ? 4.389   5.569   -4.473  1.00 29.19 ? 56  PHE A CD2 1 
ATOM   432  C  CE1 . PHE A 1 58  ? 1.917   6.555   -3.632  1.00 28.66 ? 56  PHE A CE1 1 
ATOM   433  C  CE2 . PHE A 1 58  ? 3.619   4.849   -3.597  1.00 27.85 ? 56  PHE A CE2 1 
ATOM   434  C  CZ  . PHE A 1 58  ? 2.384   5.349   -3.166  1.00 30.51 ? 56  PHE A CZ  1 
ATOM   435  N  N   . LYS A 1 59  ? 5.957   5.635   -8.208  1.00 26.26 ? 57  LYS A N   1 
ATOM   436  C  CA  . LYS A 1 59  ? 6.428   4.274   -8.476  1.00 25.39 ? 57  LYS A CA  1 
ATOM   437  C  C   . LYS A 1 59  ? 7.916   4.228   -8.145  1.00 25.78 ? 57  LYS A C   1 
ATOM   438  O  O   . LYS A 1 59  ? 8.737   4.830   -8.842  1.00 25.30 ? 57  LYS A O   1 
ATOM   439  C  CB  . LYS A 1 59  ? 6.182   3.890   -9.932  1.00 26.02 ? 57  LYS A CB  1 
ATOM   440  C  CG  . LYS A 1 59  ? 6.696   2.452   -10.315 1.00 24.64 ? 57  LYS A CG  1 
ATOM   441  C  CD  . LYS A 1 59  ? 6.708   2.289   -11.841 1.00 26.83 ? 57  LYS A CD  1 
ATOM   442  C  CE  . LYS A 1 59  ? 7.166   0.865   -12.255 1.00 25.89 ? 57  LYS A CE  1 
ATOM   443  N  NZ  . LYS A 1 59  ? 7.004   0.621   -13.747 1.00 29.84 ? 57  LYS A NZ  1 
ATOM   444  N  N   . SER A 1 60  ? 8.262   3.523   -7.074  1.00 25.05 ? 58  SER A N   1 
ATOM   445  C  CA  . SER A 1 60  ? 9.653   3.343   -6.718  1.00 24.75 ? 58  SER A CA  1 
ATOM   446  C  C   . SER A 1 60  ? 10.383  2.357   -7.630  1.00 24.77 ? 58  SER A C   1 
ATOM   447  O  O   . SER A 1 60  ? 9.777   1.629   -8.445  1.00 23.39 ? 58  SER A O   1 
ATOM   448  C  CB  . SER A 1 60  ? 9.747   2.847   -5.279  1.00 25.21 ? 58  SER A CB  1 
ATOM   449  O  OG  . SER A 1 60  ? 9.581   1.449   -5.224  1.00 24.13 ? 58  SER A OG  1 
ATOM   450  N  N   . LYS A 1 61  ? 11.702  2.346   -7.479  1.00 25.75 ? 59  LYS A N   1 
ATOM   451  C  CA  . LYS A 1 61  ? 12.588  1.438   -8.209  1.00 27.00 ? 59  LYS A CA  1 
ATOM   452  C  C   . LYS A 1 61  ? 12.685  0.121   -7.439  1.00 26.92 ? 59  LYS A C   1 
ATOM   453  O  O   . LYS A 1 61  ? 12.567  0.112   -6.200  1.00 27.94 ? 59  LYS A O   1 
ATOM   454  C  CB  . LYS A 1 61  ? 13.973  2.067   -8.317  1.00 28.10 ? 59  LYS A CB  1 
ATOM   455  C  CG  . LYS A 1 61  ? 13.957  3.541   -8.729  1.00 30.65 ? 59  LYS A CG  1 
ATOM   456  C  CD  . LYS A 1 61  ? 14.292  3.726   -10.205 1.00 37.80 ? 59  LYS A CD  1 
ATOM   457  C  CE  . LYS A 1 61  ? 13.054  3.673   -11.101 1.00 39.56 ? 59  LYS A CE  1 
ATOM   458  N  NZ  . LYS A 1 61  ? 13.415  3.578   -12.558 1.00 40.21 ? 59  LYS A NZ  1 
ATOM   459  N  N   . ILE A 1 62  ? 12.887  -0.981  -8.157  1.00 26.60 ? 60  ILE A N   1 
ATOM   460  C  CA  . ILE A 1 62  ? 13.147  -2.287  -7.541  1.00 26.04 ? 60  ILE A CA  1 
ATOM   461  C  C   . ILE A 1 62  ? 14.357  -2.205  -6.581  1.00 25.64 ? 60  ILE A C   1 
ATOM   462  O  O   . ILE A 1 62  ? 15.392  -1.620  -6.926  1.00 24.03 ? 60  ILE A O   1 
ATOM   463  C  CB  . ILE A 1 62  ? 13.302  -3.393  -8.651  1.00 26.12 ? 60  ILE A CB  1 
ATOM   464  C  CG1 . ILE A 1 62  ? 11.960  -3.629  -9.405  1.00 26.65 ? 60  ILE A CG1 1 
ATOM   465  C  CG2 . ILE A 1 62  ? 13.901  -4.687  -8.097  1.00 27.89 ? 60  ILE A CG2 1 
ATOM   466  C  CD1 . ILE A 1 62  ? 10.785  -4.295  -8.565  1.00 28.85 ? 60  ILE A CD1 1 
ATOM   467  N  N   . ASN A 1 63  ? 14.193  -2.757  -5.363  1.00 25.14 ? 61  ASN A N   1 
ATOM   468  C  CA  . ASN A 1 63  ? 15.212  -2.734  -4.299  1.00 25.21 ? 61  ASN A CA  1 
ATOM   469  C  C   . ASN A 1 63  ? 15.537  -1.386  -3.697  1.00 26.11 ? 61  ASN A C   1 
ATOM   470  O  O   . ASN A 1 63  ? 16.540  -1.245  -2.981  1.00 26.98 ? 61  ASN A O   1 
ATOM   471  C  CB  . ASN A 1 63  ? 16.516  -3.433  -4.726  1.00 25.37 ? 61  ASN A CB  1 
ATOM   472  C  CG  . ASN A 1 63  ? 16.260  -4.783  -5.297  1.00 24.53 ? 61  ASN A CG  1 
ATOM   473  O  OD1 . ASN A 1 63  ? 15.305  -5.428  -4.912  1.00 27.82 ? 61  ASN A OD1 1 
ATOM   474  N  ND2 . ASN A 1 63  ? 17.055  -5.193  -6.272  1.00 28.12 ? 61  ASN A ND2 1 
ATOM   475  N  N   . GLU A 1 64  ? 14.717  -0.391  -3.989  1.00 26.17 ? 62  GLU A N   1 
ATOM   476  C  CA  . GLU A 1 64  ? 14.930  0.952   -3.443  1.00 26.68 ? 62  GLU A CA  1 
ATOM   477  C  C   . GLU A 1 64  ? 14.191  1.159   -2.111  1.00 25.75 ? 62  GLU A C   1 
ATOM   478  O  O   . GLU A 1 64  ? 13.059  0.731   -1.947  1.00 25.64 ? 62  GLU A O   1 
ATOM   479  C  CB  . GLU A 1 64  ? 14.505  2.016   -4.476  1.00 27.17 ? 62  GLU A CB  1 
ATOM   480  C  CG  . GLU A 1 64  ? 14.569  3.449   -3.978  1.00 28.41 ? 62  GLU A CG  1 
ATOM   481  C  CD  . GLU A 1 64  ? 14.082  4.475   -4.992  1.00 28.53 ? 62  GLU A CD  1 
ATOM   482  O  OE1 . GLU A 1 64  ? 13.012  4.271   -5.611  1.00 26.79 ? 62  GLU A OE1 1 
ATOM   483  O  OE2 . GLU A 1 64  ? 14.775  5.507   -5.144  1.00 27.34 ? 62  GLU A OE2 1 
ATOM   484  N  N   . ASN A 1 65  ? 14.882  1.786   -1.160  1.00 26.29 ? 63  ASN A N   1 
ATOM   485  C  CA  . ASN A 1 65  ? 14.308  2.337   0.059   1.00 27.62 ? 63  ASN A CA  1 
ATOM   486  C  C   . ASN A 1 65  ? 13.457  3.558   -0.322  1.00 26.71 ? 63  ASN A C   1 
ATOM   487  O  O   . ASN A 1 65  ? 13.974  4.577   -0.736  1.00 27.61 ? 63  ASN A O   1 
ATOM   488  C  CB  . ASN A 1 65  ? 15.439  2.765   0.997   1.00 28.87 ? 63  ASN A CB  1 
ATOM   489  C  CG  . ASN A 1 65  ? 15.234  2.300   2.404   1.00 34.65 ? 63  ASN A CG  1 
ATOM   490  O  OD1 . ASN A 1 65  ? 15.673  1.193   2.797   1.00 38.87 ? 63  ASN A OD1 1 
ATOM   491  N  ND2 . ASN A 1 65  ? 14.593  3.146   3.199   1.00 38.58 ? 63  ASN A ND2 1 
ATOM   492  N  N   . TYR A 1 66  ? 12.148  3.451   -0.205  1.00 25.86 ? 64  TYR A N   1 
ATOM   493  C  CA  . TYR A 1 66  ? 11.302  4.484   -0.752  1.00 25.07 ? 64  TYR A CA  1 
ATOM   494  C  C   . TYR A 1 66  ? 10.408  5.078   0.313   1.00 24.61 ? 64  TYR A C   1 
ATOM   495  O  O   . TYR A 1 66  ? 9.676   4.359   0.964   1.00 23.82 ? 64  TYR A O   1 
ATOM   496  C  CB  . TYR A 1 66  ? 10.485  3.979   -1.958  1.00 24.63 ? 64  TYR A CB  1 
ATOM   497  C  CG  . TYR A 1 66  ? 9.701   5.085   -2.626  1.00 24.04 ? 64  TYR A CG  1 
ATOM   498  C  CD1 . TYR A 1 66  ? 10.297  5.915   -3.578  1.00 25.71 ? 64  TYR A CD1 1 
ATOM   499  C  CD2 . TYR A 1 66  ? 8.375   5.319   -2.294  1.00 24.88 ? 64  TYR A CD2 1 
ATOM   500  C  CE1 . TYR A 1 66  ? 9.571   6.930   -4.200  1.00 22.75 ? 64  TYR A CE1 1 
ATOM   501  C  CE2 . TYR A 1 66  ? 7.643   6.341   -2.884  1.00 23.06 ? 64  TYR A CE2 1 
ATOM   502  C  CZ  . TYR A 1 66  ? 8.238   7.135   -3.830  1.00 23.09 ? 64  TYR A CZ  1 
ATOM   503  O  OH  . TYR A 1 66  ? 7.502   8.150   -4.380  1.00 24.75 ? 64  TYR A OH  1 
ATOM   504  N  N   . VAL A 1 67  ? 10.473  6.401   0.487   1.00 25.09 ? 65  VAL A N   1 
ATOM   505  C  CA  . VAL A 1 67  ? 9.626   7.046   1.491   1.00 24.37 ? 65  VAL A CA  1 
ATOM   506  C  C   . VAL A 1 67  ? 8.542   7.899   0.854   1.00 25.08 ? 65  VAL A C   1 
ATOM   507  O  O   . VAL A 1 67  ? 8.817   8.757   -0.004  1.00 23.52 ? 65  VAL A O   1 
ATOM   508  C  CB  . VAL A 1 67  ? 10.408  7.897   2.502   1.00 24.30 ? 65  VAL A CB  1 
ATOM   509  C  CG1 . VAL A 1 67  ? 9.494   8.266   3.668   1.00 21.53 ? 65  VAL A CG1 1 
ATOM   510  C  CG2 . VAL A 1 67  ? 11.676  7.153   2.974   1.00 27.56 ? 65  VAL A CG2 1 
ATOM   511  N  N   . LEU A 1 68  ? 7.309   7.640   1.300   1.00 24.13 ? 66  LEU A N   1 
ATOM   512  C  CA  . LEU A 1 68  ? 6.141   8.341   0.828   1.00 24.17 ? 66  LEU A CA  1 
ATOM   513  C  C   . LEU A 1 68  ? 5.612   9.286   1.935   1.00 24.27 ? 66  LEU A C   1 
ATOM   514  O  O   . LEU A 1 68  ? 5.530   8.889   3.099   1.00 22.38 ? 66  LEU A O   1 
ATOM   515  C  CB  . LEU A 1 68  ? 5.070   7.325   0.443   1.00 23.79 ? 66  LEU A CB  1 
ATOM   516  C  CG  . LEU A 1 68  ? 3.711   7.893   0.017   1.00 25.41 ? 66  LEU A CG  1 
ATOM   517  C  CD1 . LEU A 1 68  ? 3.759   8.532   -1.388  1.00 24.27 ? 66  LEU A CD1 1 
ATOM   518  C  CD2 . LEU A 1 68  ? 2.667   6.772   0.127   1.00 28.15 ? 66  LEU A CD2 1 
ATOM   519  N  N   . THR A 1 69  ? 5.253   10.514  1.559   1.00 23.75 ? 67  THR A N   1 
ATOM   520  C  CA  . THR A 1 69  ? 4.671   11.454  2.519   1.00 24.41 ? 67  THR A CA  1 
ATOM   521  C  C   . THR A 1 69  ? 3.172   11.508  2.262   1.00 24.04 ? 67  THR A C   1 
ATOM   522  O  O   . THR A 1 69  ? 2.734   11.927  1.200   1.00 22.68 ? 67  THR A O   1 
ATOM   523  C  CB  . THR A 1 69  ? 5.287   12.839  2.347   1.00 24.73 ? 67  THR A CB  1 
ATOM   524  O  OG1 . THR A 1 69  ? 6.669   12.777  2.723   1.00 26.38 ? 67  THR A OG1 1 
ATOM   525  C  CG2 . THR A 1 69  ? 4.669   13.849  3.358   1.00 23.17 ? 67  THR A CG2 1 
ATOM   526  N  N   . VAL A 1 70  ? 2.395   11.054  3.227   1.00 24.34 ? 68  VAL A N   1 
ATOM   527  C  CA  . VAL A 1 70  ? 0.975   10.946  3.029   1.00 26.42 ? 68  VAL A CA  1 
ATOM   528  C  C   . VAL A 1 70  ? 0.323   12.195  3.596   1.00 26.88 ? 68  VAL A C   1 
ATOM   529  O  O   . VAL A 1 70  ? -0.043  12.267  4.774   1.00 27.75 ? 68  VAL A O   1 
ATOM   530  C  CB  . VAL A 1 70  ? 0.369   9.646   3.614   1.00 26.42 ? 68  VAL A CB  1 
ATOM   531  C  CG1 . VAL A 1 70  ? 0.710   8.460   2.731   1.00 28.72 ? 68  VAL A CG1 1 
ATOM   532  C  CG2 . VAL A 1 70  ? 0.842   9.392   5.039   1.00 26.36 ? 68  VAL A CG2 1 
ATOM   533  N  N   . THR A 1 71  ? 0.204   13.196  2.748   1.00 27.92 ? 69  THR A N   1 
ATOM   534  C  CA  . THR A 1 71  ? -0.390  14.470  3.157   1.00 29.77 ? 69  THR A CA  1 
ATOM   535  C  C   . THR A 1 71  ? -1.892  14.405  3.056   1.00 29.42 ? 69  THR A C   1 
ATOM   536  O  O   . THR A 1 71  ? -2.582  14.787  3.991   1.00 29.64 ? 69  THR A O   1 
ATOM   537  C  CB  . THR A 1 71  ? 0.107   15.589  2.263   1.00 29.65 ? 69  THR A CB  1 
ATOM   538  O  OG1 . THR A 1 71  ? 1.509   15.704  2.440   1.00 33.32 ? 69  THR A OG1 1 
ATOM   539  C  CG2 . THR A 1 71  ? -0.421  16.944  2.751   1.00 32.99 ? 69  THR A CG2 1 
ATOM   540  N  N   . GLN A 1 72  ? -2.385  13.932  1.915   1.00 29.43 ? 70  GLN A N   1 
ATOM   541  C  CA  . GLN A 1 72  ? -3.817  13.954  1.608   1.00 30.48 ? 70  GLN A CA  1 
ATOM   542  C  C   . GLN A 1 72  ? -4.557  12.809  2.326   1.00 29.87 ? 70  GLN A C   1 
ATOM   543  O  O   . GLN A 1 72  ? -4.153  11.645  2.198   1.00 30.07 ? 70  GLN A O   1 
ATOM   544  C  CB  . GLN A 1 72  ? -4.033  13.871  0.077   1.00 31.34 ? 70  GLN A CB  1 
ATOM   545  C  CG  . GLN A 1 72  ? -5.513  13.833  -0.412  1.00 35.97 ? 70  GLN A CG  1 
ATOM   546  C  CD  . GLN A 1 72  ? -6.140  15.246  -0.592  1.00 40.47 ? 70  GLN A CD  1 
ATOM   547  O  OE1 . GLN A 1 72  ? -7.356  15.369  -0.764  1.00 44.58 ? 70  GLN A OE1 1 
ATOM   548  N  NE2 . GLN A 1 72  ? -5.309  16.289  -0.539  1.00 40.20 ? 70  GLN A NE2 1 
ATOM   549  N  N   . PRO A 1 73  ? -5.619  13.145  3.080   1.00 29.25 ? 71  PRO A N   1 
ATOM   550  C  CA  . PRO A 1 73  ? -6.458  12.142  3.756   1.00 28.51 ? 71  PRO A CA  1 
ATOM   551  C  C   . PRO A 1 73  ? -7.097  11.194  2.751   1.00 27.72 ? 71  PRO A C   1 
ATOM   552  O  O   . PRO A 1 73  ? -7.303  11.564  1.596   1.00 26.64 ? 71  PRO A O   1 
ATOM   553  C  CB  . PRO A 1 73  ? -7.546  12.982  4.431   1.00 30.08 ? 71  PRO A CB  1 
ATOM   554  C  CG  . PRO A 1 73  ? -6.905  14.423  4.542   1.00 28.54 ? 71  PRO A CG  1 
ATOM   555  C  CD  . PRO A 1 73  ? -6.079  14.532  3.331   1.00 28.77 ? 71  PRO A CD  1 
ATOM   556  N  N   . GLY A 1 74  ? -7.393  9.973   3.189   1.00 26.52 ? 72  GLY A N   1 
ATOM   557  C  CA  . GLY A 1 74  ? -7.978  8.979   2.300   1.00 24.97 ? 72  GLY A CA  1 
ATOM   558  C  C   . GLY A 1 74  ? -7.215  7.678   2.304   1.00 24.87 ? 72  GLY A C   1 
ATOM   559  O  O   . GLY A 1 74  ? -6.312  7.456   3.142   1.00 25.79 ? 72  GLY A O   1 
ATOM   560  N  N   . ALA A 1 75  ? -7.586  6.807   1.377   1.00 24.07 ? 73  ALA A N   1 
ATOM   561  C  CA  . ALA A 1 75  ? -7.082  5.432   1.314   1.00 23.17 ? 73  ALA A CA  1 
ATOM   562  C  C   . ALA A 1 75  ? -6.158  5.316   0.121   1.00 23.31 ? 73  ALA A C   1 
ATOM   563  O  O   . ALA A 1 75  ? -6.480  5.824   -0.939  1.00 23.11 ? 73  ALA A O   1 
ATOM   564  C  CB  . ALA A 1 75  ? -8.225  4.469   1.155   1.00 22.72 ? 73  ALA A CB  1 
ATOM   565  N  N   . TYR A 1 76  ? -5.014  4.664   0.306   1.00 23.03 ? 74  TYR A N   1 
ATOM   566  C  CA  . TYR A 1 76  ? -4.074  4.403   -0.782  1.00 23.55 ? 74  TYR A CA  1 
ATOM   567  C  C   . TYR A 1 76  ? -3.930  2.902   -0.972  1.00 23.46 ? 74  TYR A C   1 
ATOM   568  O  O   . TYR A 1 76  ? -3.691  2.174   0.007   1.00 22.55 ? 74  TYR A O   1 
ATOM   569  C  CB  . TYR A 1 76  ? -2.691  4.977   -0.446  1.00 24.98 ? 74  TYR A CB  1 
ATOM   570  C  CG  . TYR A 1 76  ? -2.616  6.480   -0.224  1.00 24.44 ? 74  TYR A CG  1 
ATOM   571  C  CD1 . TYR A 1 76  ? -3.403  7.109   0.758   1.00 26.97 ? 74  TYR A CD1 1 
ATOM   572  C  CD2 . TYR A 1 76  ? -1.722  7.274   -0.981  1.00 27.28 ? 74  TYR A CD2 1 
ATOM   573  C  CE1 . TYR A 1 76  ? -3.306  8.478   0.992   1.00 26.33 ? 74  TYR A CE1 1 
ATOM   574  C  CE2 . TYR A 1 76  ? -1.619  8.635   -0.774  1.00 24.53 ? 74  TYR A CE2 1 
ATOM   575  C  CZ  . TYR A 1 76  ? -2.416  9.240   0.212   1.00 29.40 ? 74  TYR A CZ  1 
ATOM   576  O  OH  . TYR A 1 76  ? -2.345  10.602  0.441   1.00 32.72 ? 74  TYR A OH  1 
ATOM   577  N  N   . LEU A 1 77  ? -4.106  2.429   -2.211  1.00 21.44 ? 75  LEU A N   1 
ATOM   578  C  CA  . LEU A 1 77  ? -3.815  1.053   -2.497  1.00 21.91 ? 75  LEU A CA  1 
ATOM   579  C  C   . LEU A 1 77  ? -2.566  1.032   -3.309  1.00 21.25 ? 75  LEU A C   1 
ATOM   580  O  O   . LEU A 1 77  ? -2.534  1.551   -4.444  1.00 20.94 ? 75  LEU A O   1 
ATOM   581  C  CB  . LEU A 1 77  ? -4.974  0.287   -3.193  1.00 21.28 ? 75  LEU A CB  1 
ATOM   582  C  CG  . LEU A 1 77  ? -4.879  -1.232  -2.954  1.00 22.44 ? 75  LEU A CG  1 
ATOM   583  C  CD1 . LEU A 1 77  ? -5.067  -1.654  -1.482  1.00 24.79 ? 75  LEU A CD1 1 
ATOM   584  C  CD2 . LEU A 1 77  ? -5.868  -1.987  -3.818  1.00 21.67 ? 75  LEU A CD2 1 
ATOM   585  N  N   . VAL A 1 78  ? -1.506  0.494   -2.704  1.00 20.55 ? 76  VAL A N   1 
ATOM   586  C  CA  . VAL A 1 78  ? -0.222  0.377   -3.409  1.00 20.00 ? 76  VAL A CA  1 
ATOM   587  C  C   . VAL A 1 78  ? 0.088   -1.087  -3.741  1.00 19.71 ? 76  VAL A C   1 
ATOM   588  O  O   . VAL A 1 78  ? -0.361  -2.009  -3.057  1.00 19.25 ? 76  VAL A O   1 
ATOM   589  C  CB  . VAL A 1 78  ? 0.989   1.048   -2.646  1.00 18.22 ? 76  VAL A CB  1 
ATOM   590  C  CG1 . VAL A 1 78  ? 0.665   2.476   -2.241  1.00 19.73 ? 76  VAL A CG1 1 
ATOM   591  C  CG2 . VAL A 1 78  ? 1.370   0.237   -1.418  1.00 19.08 ? 76  VAL A CG2 1 
ATOM   592  N  N   . LYS A 1 79  ? 0.863   -1.284  -4.796  1.00 18.99 ? 77  LYS A N   1 
ATOM   593  C  CA  . LYS A 1 79  ? 1.257   -2.616  -5.204  1.00 20.56 ? 77  LYS A CA  1 
ATOM   594  C  C   . LYS A 1 79  ? 2.770   -2.674  -5.347  1.00 21.76 ? 77  LYS A C   1 
ATOM   595  O  O   . LYS A 1 79  ? 3.442   -1.643  -5.516  1.00 21.00 ? 77  LYS A O   1 
ATOM   596  C  CB  . LYS A 1 79  ? 0.617   -2.978  -6.547  1.00 18.84 ? 77  LYS A CB  1 
ATOM   597  C  CG  . LYS A 1 79  ? 1.234   -2.249  -7.745  1.00 24.83 ? 77  LYS A CG  1 
ATOM   598  C  CD  . LYS A 1 79  ? 0.570   -2.610  -9.061  1.00 25.14 ? 77  LYS A CD  1 
ATOM   599  C  CE  . LYS A 1 79  ? 0.783   -1.539  -10.151 1.00 29.34 ? 77  LYS A CE  1 
ATOM   600  N  NZ  . LYS A 1 79  ? 0.445   -2.154  -11.507 1.00 29.28 ? 77  LYS A NZ  1 
ATOM   601  N  N   . CYS A 1 80  ? 3.288   -3.897  -5.295  1.00 22.19 ? 78  CYS A N   1 
ATOM   602  C  CA  . CYS A 1 80  ? 4.592   -4.151  -5.801  1.00 24.12 ? 78  CYS A CA  1 
ATOM   603  C  C   . CYS A 1 80  ? 4.373   -4.488  -7.263  1.00 24.37 ? 78  CYS A C   1 
ATOM   604  O  O   . CYS A 1 80  ? 3.494   -5.304  -7.608  1.00 24.92 ? 78  CYS A O   1 
ATOM   605  C  CB  . CYS A 1 80  ? 5.217   -5.314  -5.056  1.00 24.23 ? 78  CYS A CB  1 
ATOM   606  S  SG  . CYS A 1 80  ? 6.682   -5.939  -5.865  1.00 23.96 ? 78  CYS A SG  1 
ATOM   607  N  N   . THR A 1 81  ? 5.120   -3.826  -8.137  1.00 24.60 ? 79  THR A N   1 
ATOM   608  C  CA  . THR A 1 81  ? 4.829   -3.941  -9.576  1.00 24.75 ? 79  THR A CA  1 
ATOM   609  C  C   . THR A 1 81  ? 4.861   -5.392  -10.109 1.00 24.56 ? 79  THR A C   1 
ATOM   610  O  O   . THR A 1 81  ? 3.874   -5.853  -10.712 1.00 25.05 ? 79  THR A O   1 
ATOM   611  C  CB  . THR A 1 81  ? 5.693   -2.964  -10.396 1.00 24.20 ? 79  THR A CB  1 
ATOM   612  O  OG1 . THR A 1 81  ? 5.436   -1.629  -9.930  1.00 25.87 ? 79  THR A OG1 1 
ATOM   613  C  CG2 . THR A 1 81  ? 5.240   -2.879  -11.873 1.00 23.84 ? 79  THR A CG2 1 
ATOM   614  N  N   . PRO A 1 82  ? 5.976   -6.099  -9.954  1.00 24.81 ? 80  PRO A N   1 
ATOM   615  C  CA  . PRO A 1 82  ? 6.031   -7.480  -10.451 1.00 24.12 ? 80  PRO A CA  1 
ATOM   616  C  C   . PRO A 1 82  ? 5.108   -8.486  -9.748  1.00 23.92 ? 80  PRO A C   1 
ATOM   617  O  O   . PRO A 1 82  ? 4.782   -9.527  -10.356 1.00 23.01 ? 80  PRO A O   1 
ATOM   618  C  CB  . PRO A 1 82  ? 7.508   -7.860  -10.239 1.00 24.56 ? 80  PRO A CB  1 
ATOM   619  C  CG  . PRO A 1 82  ? 7.963   -6.973  -9.102  1.00 24.54 ? 80  PRO A CG  1 
ATOM   620  C  CD  . PRO A 1 82  ? 7.298   -5.662  -9.437  1.00 23.48 ? 80  PRO A CD  1 
ATOM   621  N  N   . HIS A 1 83  ? 4.690   -8.194  -8.519  1.00 22.37 ? 81  HIS A N   1 
ATOM   622  C  CA  . HIS A 1 83  ? 4.019   -9.212  -7.689  1.00 23.15 ? 81  HIS A CA  1 
ATOM   623  C  C   . HIS A 1 83  ? 2.551   -8.902  -7.418  1.00 22.29 ? 81  HIS A C   1 
ATOM   624  O  O   . HIS A 1 83  ? 1.880   -9.572  -6.630  1.00 22.14 ? 81  HIS A O   1 
ATOM   625  C  CB  . HIS A 1 83  ? 4.825   -9.399  -6.412  1.00 22.89 ? 81  HIS A CB  1 
ATOM   626  C  CG  . HIS A 1 83  ? 6.211   -9.934  -6.667  1.00 23.25 ? 81  HIS A CG  1 
ATOM   627  N  ND1 . HIS A 1 83  ? 7.332   -9.466  -6.014  1.00 21.13 ? 81  HIS A ND1 1 
ATOM   628  C  CD2 . HIS A 1 83  ? 6.643   -10.903 -7.512  1.00 22.93 ? 81  HIS A CD2 1 
ATOM   629  C  CE1 . HIS A 1 83  ? 8.390   -10.136 -6.433  1.00 22.21 ? 81  HIS A CE1 1 
ATOM   630  N  NE2 . HIS A 1 83  ? 8.004   -11.001 -7.353  1.00 21.09 ? 81  HIS A NE2 1 
ATOM   631  N  N   . TYR A 1 84  ? 2.056   -7.902  -8.139  1.00 21.65 ? 82  TYR A N   1 
ATOM   632  C  CA  . TYR A 1 84  ? 0.711   -7.410  -7.962  1.00 21.57 ? 82  TYR A CA  1 
ATOM   633  C  C   . TYR A 1 84  ? -0.276  -8.564  -8.103  1.00 21.87 ? 82  TYR A C   1 
ATOM   634  O  O   . TYR A 1 84  ? -1.059  -8.809  -7.212  1.00 21.08 ? 82  TYR A O   1 
ATOM   635  C  CB  . TYR A 1 84  ? 0.414   -6.310  -9.003  1.00 21.68 ? 82  TYR A CB  1 
ATOM   636  C  CG  . TYR A 1 84  ? -0.960  -5.677  -8.901  1.00 21.77 ? 82  TYR A CG  1 
ATOM   637  C  CD1 . TYR A 1 84  ? -1.484  -5.320  -7.666  1.00 23.75 ? 82  TYR A CD1 1 
ATOM   638  C  CD2 . TYR A 1 84  ? -1.700  -5.389  -10.037 1.00 24.29 ? 82  TYR A CD2 1 
ATOM   639  C  CE1 . TYR A 1 84  ? -2.723  -4.714  -7.552  1.00 22.95 ? 82  TYR A CE1 1 
ATOM   640  C  CE2 . TYR A 1 84  ? -2.957  -4.765  -9.953  1.00 25.94 ? 82  TYR A CE2 1 
ATOM   641  C  CZ  . TYR A 1 84  ? -3.466  -4.454  -8.696  1.00 23.91 ? 82  TYR A CZ  1 
ATOM   642  O  OH  . TYR A 1 84  ? -4.669  -3.834  -8.545  1.00 19.26 ? 82  TYR A OH  1 
ATOM   643  N  N   . ALA A 1 85  ? -0.199  -9.295  -9.215  1.00 22.64 ? 83  ALA A N   1 
ATOM   644  C  CA  . ALA A 1 85  ? -1.153  -10.360 -9.451  1.00 23.76 ? 83  ALA A CA  1 
ATOM   645  C  C   . ALA A 1 85  ? -0.983  -11.553 -8.502  1.00 23.81 ? 83  ALA A C   1 
ATOM   646  O  O   . ALA A 1 85  ? -1.826  -12.434 -8.477  1.00 24.52 ? 83  ALA A O   1 
ATOM   647  C  CB  . ALA A 1 85  ? -1.134  -10.797 -10.942 1.00 23.83 ? 83  ALA A CB  1 
ATOM   648  N  N   . MET A 1 86  ? 0.095   -11.580 -7.721  1.00 23.31 ? 84  MET A N   1 
ATOM   649  C  CA  . MET A 1 86  ? 0.262   -12.602 -6.682  1.00 22.88 ? 84  MET A CA  1 
ATOM   650  C  C   . MET A 1 86  ? -0.253  -12.128 -5.316  1.00 22.24 ? 84  MET A C   1 
ATOM   651  O  O   . MET A 1 86  ? -0.130  -12.842 -4.313  1.00 22.72 ? 84  MET A O   1 
ATOM   652  C  CB  . MET A 1 86  ? 1.724   -13.049 -6.587  1.00 23.53 ? 84  MET A CB  1 
ATOM   653  C  CG  . MET A 1 86  ? 2.365   -13.191 -7.952  1.00 23.18 ? 84  MET A CG  1 
ATOM   654  S  SD  . MET A 1 86  ? 4.030   -13.754 -7.893  1.00 24.37 ? 84  MET A SD  1 
ATOM   655  C  CE  . MET A 1 86  ? 4.464   -13.183 -9.536  1.00 19.17 ? 84  MET A CE  1 
ATOM   656  N  N   . GLY A 1 87  ? -0.839  -10.926 -5.278  1.00 21.89 ? 85  GLY A N   1 
ATOM   657  C  CA  . GLY A 1 87  ? -1.370  -10.376 -4.034  1.00 20.71 ? 85  GLY A CA  1 
ATOM   658  C  C   . GLY A 1 87  ? -0.488  -9.414  -3.246  1.00 20.89 ? 85  GLY A C   1 
ATOM   659  O  O   . GLY A 1 87  ? -0.823  -9.075  -2.109  1.00 19.83 ? 85  GLY A O   1 
ATOM   660  N  N   . MET A 1 88  ? 0.589   -8.918  -3.852  1.00 19.79 ? 86  MET A N   1 
ATOM   661  C  CA  . MET A 1 88  ? 1.503   -8.029  -3.124  1.00 19.59 ? 86  MET A CA  1 
ATOM   662  C  C   . MET A 1 88  ? 1.099   -6.551  -3.182  1.00 20.60 ? 86  MET A C   1 
ATOM   663  O  O   . MET A 1 88  ? 1.456   -5.811  -4.111  1.00 20.76 ? 86  MET A O   1 
ATOM   664  C  CB  . MET A 1 88  ? 2.967   -8.250  -3.546  1.00 18.13 ? 86  MET A CB  1 
ATOM   665  C  CG  . MET A 1 88  ? 3.940   -7.559  -2.610  1.00 19.21 ? 86  MET A CG  1 
ATOM   666  S  SD  . MET A 1 88  ? 5.617   -8.189  -2.724  1.00 22.68 ? 86  MET A SD  1 
ATOM   667  C  CE  . MET A 1 88  ? 6.448   -7.195  -1.488  1.00 22.87 ? 86  MET A CE  1 
ATOM   668  N  N   . ILE A 1 89  ? 0.312   -6.171  -2.180  1.00 21.61 ? 87  ILE A N   1 
ATOM   669  C  CA  . ILE A 1 89  ? -0.381  -4.894  -2.067  1.00 21.50 ? 87  ILE A CA  1 
ATOM   670  C  C   . ILE A 1 89  ? -0.413  -4.443  -0.607  1.00 20.98 ? 87  ILE A C   1 
ATOM   671  O  O   . ILE A 1 89  ? -0.323  -5.249  0.314   1.00 21.60 ? 87  ILE A O   1 
ATOM   672  C  CB  . ILE A 1 89  ? -1.879  -4.957  -2.604  1.00 22.31 ? 87  ILE A CB  1 
ATOM   673  C  CG1 . ILE A 1 89  ? -2.692  -6.103  -1.975  1.00 22.30 ? 87  ILE A CG1 1 
ATOM   674  C  CG2 . ILE A 1 89  ? -1.957  -4.937  -4.120  1.00 22.60 ? 87  ILE A CG2 1 
ATOM   675  C  CD1 . ILE A 1 89  ? -4.073  -5.654  -1.548  1.00 21.31 ? 87  ILE A CD1 1 
ATOM   676  N  N   . ALA A 1 90  ? -0.586  -3.147  -0.397  1.00 20.70 ? 88  ALA A N   1 
ATOM   677  C  CA  . ALA A 1 90  ? -0.787  -2.602  0.931   1.00 20.63 ? 88  ALA A CA  1 
ATOM   678  C  C   . ALA A 1 90  ? -1.884  -1.547  0.884   1.00 20.36 ? 88  ALA A C   1 
ATOM   679  O  O   . ALA A 1 90  ? -2.002  -0.824  -0.103  1.00 20.68 ? 88  ALA A O   1 
ATOM   680  C  CB  . ALA A 1 90  ? 0.498   -1.997  1.456   1.00 20.36 ? 88  ALA A CB  1 
ATOM   681  N  N   . LEU A 1 91  ? -2.699  -1.500  1.929   1.00 20.56 ? 89  LEU A N   1 
ATOM   682  C  CA  . LEU A 1 91  ? -3.691  -0.425  2.106   1.00 21.59 ? 89  LEU A CA  1 
ATOM   683  C  C   . LEU A 1 91  ? -3.207  0.565   3.142   1.00 21.35 ? 89  LEU A C   1 
ATOM   684  O  O   . LEU A 1 91  ? -2.944  0.214   4.288   1.00 21.64 ? 89  LEU A O   1 
ATOM   685  C  CB  . LEU A 1 91  ? -5.088  -1.000  2.478   1.00 22.55 ? 89  LEU A CB  1 
ATOM   686  C  CG  . LEU A 1 91  ? -6.235  0.004   2.767   1.00 21.07 ? 89  LEU A CG  1 
ATOM   687  C  CD1 . LEU A 1 91  ? -6.570  0.703   1.492   1.00 20.62 ? 89  LEU A CD1 1 
ATOM   688  C  CD2 . LEU A 1 91  ? -7.474  -0.706  3.273   1.00 23.12 ? 89  LEU A CD2 1 
ATOM   689  N  N   . ILE A 1 92  ? -3.049  1.824   2.724   1.00 22.67 ? 90  ILE A N   1 
ATOM   690  C  CA  . ILE A 1 92  ? -2.693  2.893   3.662   1.00 22.66 ? 90  ILE A CA  1 
ATOM   691  C  C   . ILE A 1 92  ? -3.932  3.721   3.929   1.00 22.45 ? 90  ILE A C   1 
ATOM   692  O  O   . ILE A 1 92  ? -4.455  4.295   2.999   1.00 22.54 ? 90  ILE A O   1 
ATOM   693  C  CB  . ILE A 1 92  ? -1.653  3.863   3.076   1.00 22.37 ? 90  ILE A CB  1 
ATOM   694  C  CG1 . ILE A 1 92  ? -0.458  3.122   2.492   1.00 21.31 ? 90  ILE A CG1 1 
ATOM   695  C  CG2 . ILE A 1 92  ? -1.209  4.859   4.148   1.00 21.81 ? 90  ILE A CG2 1 
ATOM   696  C  CD1 . ILE A 1 92  ? 0.496   4.086   1.735   1.00 20.46 ? 90  ILE A CD1 1 
ATOM   697  N  N   . ALA A 1 93  ? -4.353  3.783   5.191   1.00 22.13 ? 91  ALA A N   1 
ATOM   698  C  CA  . ALA A 1 93  ? -5.587  4.452   5.619   1.00 22.73 ? 91  ALA A CA  1 
ATOM   699  C  C   . ALA A 1 93  ? -5.172  5.717   6.342   1.00 23.77 ? 91  ALA A C   1 
ATOM   700  O  O   . ALA A 1 93  ? -4.623  5.676   7.448   1.00 24.51 ? 91  ALA A O   1 
ATOM   701  C  CB  . ALA A 1 93  ? -6.441  3.515   6.545   1.00 21.44 ? 91  ALA A CB  1 
ATOM   702  N  N   . VAL A 1 94  ? -5.335  6.845   5.668   1.00 24.04 ? 92  VAL A N   1 
ATOM   703  C  CA  . VAL A 1 94  ? -4.900  8.119   6.229   1.00 24.46 ? 92  VAL A CA  1 
ATOM   704  C  C   . VAL A 1 94  ? -6.087  8.904   6.794   1.00 24.79 ? 92  VAL A C   1 
ATOM   705  O  O   . VAL A 1 94  ? -6.988  9.269   6.048   1.00 24.11 ? 92  VAL A O   1 
ATOM   706  C  CB  . VAL A 1 94  ? -4.101  8.950   5.195   1.00 23.51 ? 92  VAL A CB  1 
ATOM   707  C  CG1 . VAL A 1 94  ? -3.494  10.145  5.823   1.00 24.92 ? 92  VAL A CG1 1 
ATOM   708  C  CG2 . VAL A 1 94  ? -2.983  8.105   4.550   1.00 25.21 ? 92  VAL A CG2 1 
ATOM   709  N  N   . GLY A 1 95  ? -6.064  9.160   8.112   1.00 25.91 ? 93  GLY A N   1 
ATOM   710  C  CA  . GLY A 1 95  ? -7.176  9.784   8.832   1.00 26.74 ? 93  GLY A CA  1 
ATOM   711  C  C   . GLY A 1 95  ? -8.382  8.845   8.976   1.00 27.79 ? 93  GLY A C   1 
ATOM   712  O  O   . GLY A 1 95  ? -8.419  7.762   8.384   1.00 26.79 ? 93  GLY A O   1 
ATOM   713  N  N   . ASP A 1 96  ? -9.365  9.245   9.783   1.00 28.84 ? 94  ASP A N   1 
ATOM   714  C  CA  . ASP A 1 96  ? -10.573 8.422   9.976   1.00 29.52 ? 94  ASP A CA  1 
ATOM   715  C  C   . ASP A 1 96  ? -11.402 8.247   8.681   1.00 28.78 ? 94  ASP A C   1 
ATOM   716  O  O   . ASP A 1 96  ? -11.397 9.107   7.791   1.00 28.84 ? 94  ASP A O   1 
ATOM   717  C  CB  . ASP A 1 96  ? -11.509 9.035   11.028  1.00 30.59 ? 94  ASP A CB  1 
ATOM   718  C  CG  . ASP A 1 96  ? -10.832 9.291   12.374  1.00 32.90 ? 94  ASP A CG  1 
ATOM   719  O  OD1 . ASP A 1 96  ? -9.842  8.613   12.733  1.00 34.58 ? 94  ASP A OD1 1 
ATOM   720  O  OD2 . ASP A 1 96  ? -11.270 10.171  13.143  1.00 36.52 ? 94  ASP A OD2 1 
ATOM   721  N  N   . SER A 1 97  ? -12.104 7.121   8.623   1.00 28.09 ? 95  SER A N   1 
ATOM   722  C  CA  . SER A 1 97  ? -13.087 6.793   7.591   1.00 28.66 ? 95  SER A CA  1 
ATOM   723  C  C   . SER A 1 97  ? -12.677 7.215   6.175   1.00 26.60 ? 95  SER A C   1 
ATOM   724  O  O   . SER A 1 97  ? -13.366 8.013   5.518   1.00 26.63 ? 95  SER A O   1 
ATOM   725  C  CB  . SER A 1 97  ? -14.451 7.362   8.001   1.00 28.22 ? 95  SER A CB  1 
ATOM   726  O  OG  . SER A 1 97  ? -15.070 6.470   8.941   1.00 33.87 ? 95  SER A OG  1 
ATOM   727  N  N   . PRO A 1 98  ? -11.542 6.694   5.703   1.00 26.20 ? 96  PRO A N   1 
ATOM   728  C  CA  . PRO A 1 98  ? -10.946 7.195   4.444   1.00 24.93 ? 96  PRO A CA  1 
ATOM   729  C  C   . PRO A 1 98  ? -11.966 7.155   3.315   1.00 24.06 ? 96  PRO A C   1 
ATOM   730  O  O   . PRO A 1 98  ? -12.586 6.123   3.096   1.00 22.07 ? 96  PRO A O   1 
ATOM   731  C  CB  . PRO A 1 98  ? -9.754  6.255   4.188   1.00 25.23 ? 96  PRO A CB  1 
ATOM   732  C  CG  . PRO A 1 98  ? -9.914  5.135   5.134   1.00 25.98 ? 96  PRO A CG  1 
ATOM   733  C  CD  . PRO A 1 98  ? -10.718 5.640   6.318   1.00 25.74 ? 96  PRO A CD  1 
ATOM   734  N  N   . ALA A 1 99  ? -12.124 8.299   2.637   1.00 23.47 ? 97  ALA A N   1 
ATOM   735  C  CA  . ALA A 1 99  ? -13.314 8.599   1.856   1.00 22.82 ? 97  ALA A CA  1 
ATOM   736  C  C   . ALA A 1 99  ? -13.510 7.681   0.644   1.00 22.63 ? 97  ALA A C   1 
ATOM   737  O  O   . ALA A 1 99  ? -14.636 7.308   0.313   1.00 22.87 ? 97  ALA A O   1 
ATOM   738  C  CB  . ALA A 1 99  ? -13.280 10.047  1.446   1.00 22.97 ? 97  ALA A CB  1 
ATOM   739  N  N   . ASN A 1 100 ? -12.403 7.282   0.028   1.00 22.59 ? 98  ASN A N   1 
ATOM   740  C  CA  . ASN A 1 100 ? -12.426 6.565   -1.256  1.00 22.88 ? 98  ASN A CA  1 
ATOM   741  C  C   . ASN A 1 100 ? -12.215 5.073   -1.042  1.00 23.21 ? 98  ASN A C   1 
ATOM   742  O  O   . ASN A 1 100 ? -11.802 4.335   -1.955  1.00 21.46 ? 98  ASN A O   1 
ATOM   743  C  CB  . ASN A 1 100 ? -11.363 7.161   -2.202  1.00 23.02 ? 98  ASN A CB  1 
ATOM   744  C  CG  . ASN A 1 100 ? -9.919  7.038   -1.651  1.00 23.46 ? 98  ASN A CG  1 
ATOM   745  O  OD1 . ASN A 1 100 ? -9.638  7.405   -0.531  1.00 22.95 ? 98  ASN A OD1 1 
ATOM   746  N  ND2 . ASN A 1 100 ? -9.011  6.540   -2.478  1.00 22.52 ? 98  ASN A ND2 1 
ATOM   747  N  N   . LEU A 1 101 ? -12.461 4.634   0.194   1.00 23.09 ? 99  LEU A N   1 
ATOM   748  C  CA  . LEU A 1 101 ? -12.252 3.243   0.496   1.00 23.69 ? 99  LEU A CA  1 
ATOM   749  C  C   . LEU A 1 101 ? -13.267 2.362   -0.241  1.00 23.22 ? 99  LEU A C   1 
ATOM   750  O  O   . LEU A 1 101 ? -12.864 1.372   -0.870  1.00 23.08 ? 99  LEU A O   1 
ATOM   751  C  CB  . LEU A 1 101 ? -12.277 2.956   1.998   1.00 24.15 ? 99  LEU A CB  1 
ATOM   752  C  CG  . LEU A 1 101 ? -11.936 1.490   2.364   1.00 23.90 ? 99  LEU A CG  1 
ATOM   753  C  CD1 . LEU A 1 101 ? -10.568 1.041   1.815   1.00 22.94 ? 99  LEU A CD1 1 
ATOM   754  C  CD2 . LEU A 1 101 ? -12.006 1.355   3.874   1.00 26.20 ? 99  LEU A CD2 1 
ATOM   755  N  N   . ASP A 1 102 ? -14.557 2.725   -0.208  1.00 23.04 ? 100 ASP A N   1 
ATOM   756  C  CA  . ASP A 1 102 ? -15.569 1.922   -0.937  1.00 22.78 ? 100 ASP A CA  1 
ATOM   757  C  C   . ASP A 1 102 ? -15.247 1.891   -2.433  1.00 22.85 ? 100 ASP A C   1 
ATOM   758  O  O   . ASP A 1 102 ? -15.361 0.837   -3.079  1.00 22.46 ? 100 ASP A O   1 
ATOM   759  C  CB  . ASP A 1 102 ? -17.002 2.443   -0.709  1.00 23.34 ? 100 ASP A CB  1 
ATOM   760  C  CG  . ASP A 1 102 ? -17.380 2.504   0.754   1.00 23.37 ? 100 ASP A CG  1 
ATOM   761  O  OD1 . ASP A 1 102 ? -16.914 1.685   1.582   1.00 21.08 ? 100 ASP A OD1 1 
ATOM   762  O  OD2 . ASP A 1 102 ? -18.094 3.412   1.184   1.00 29.04 ? 100 ASP A OD2 1 
ATOM   763  N  N   . GLN A 1 103 ? -14.809 3.045   -2.962  1.00 22.24 ? 101 GLN A N   1 
ATOM   764  C  CA  . GLN A 1 103 ? -14.345 3.141   -4.343  1.00 21.05 ? 101 GLN A CA  1 
ATOM   765  C  C   . GLN A 1 103 ? -13.221 2.154   -4.666  1.00 21.53 ? 101 GLN A C   1 
ATOM   766  O  O   . GLN A 1 103 ? -13.336 1.352   -5.576  1.00 21.04 ? 101 GLN A O   1 
ATOM   767  C  CB  . GLN A 1 103 ? -13.904 4.567   -4.695  1.00 20.34 ? 101 GLN A CB  1 
ATOM   768  C  CG  . GLN A 1 103 ? -13.347 4.667   -6.162  1.00 20.12 ? 101 GLN A CG  1 
ATOM   769  C  CD  . GLN A 1 103 ? -11.814 4.701   -6.225  1.00 23.04 ? 101 GLN A CD  1 
ATOM   770  O  OE1 . GLN A 1 103 ? -11.202 4.072   -7.091  1.00 25.05 ? 101 GLN A OE1 1 
ATOM   771  N  NE2 . GLN A 1 103 ? -11.209 5.403   -5.313  1.00 22.98 ? 101 GLN A NE2 1 
ATOM   772  N  N   . ILE A 1 104 ? -12.124 2.214   -3.926  1.00 22.36 ? 102 ILE A N   1 
ATOM   773  C  CA  . ILE A 1 104 ? -11.063 1.217   -4.144  1.00 23.47 ? 102 ILE A CA  1 
ATOM   774  C  C   . ILE A 1 104 ? -11.587 -0.237  -4.079  1.00 23.17 ? 102 ILE A C   1 
ATOM   775  O  O   . ILE A 1 104 ? -11.209 -1.063  -4.919  1.00 22.90 ? 102 ILE A O   1 
ATOM   776  C  CB  . ILE A 1 104 ? -9.891  1.432   -3.179  1.00 23.06 ? 102 ILE A CB  1 
ATOM   777  C  CG1 . ILE A 1 104 ? -9.147  2.730   -3.540  1.00 23.07 ? 102 ILE A CG1 1 
ATOM   778  C  CG2 . ILE A 1 104 ? -8.939  0.214   -3.244  1.00 23.98 ? 102 ILE A CG2 1 
ATOM   779  C  CD1 . ILE A 1 104 ? -8.260  3.267   -2.418  1.00 20.68 ? 102 ILE A CD1 1 
ATOM   780  N  N   . VAL A 1 105 ? -12.435 -0.546  -3.101  1.00 23.12 ? 103 VAL A N   1 
ATOM   781  C  CA  . VAL A 1 105 ? -12.997 -1.898  -2.987  1.00 24.56 ? 103 VAL A CA  1 
ATOM   782  C  C   . VAL A 1 105 ? -13.738 -2.303  -4.250  1.00 24.83 ? 103 VAL A C   1 
ATOM   783  O  O   . VAL A 1 105 ? -13.652 -3.459  -4.649  1.00 25.08 ? 103 VAL A O   1 
ATOM   784  C  CB  . VAL A 1 105 ? -13.945 -2.112  -1.749  1.00 24.67 ? 103 VAL A CB  1 
ATOM   785  C  CG1 . VAL A 1 105 ? -14.683 -3.541  -1.794  1.00 24.69 ? 103 VAL A CG1 1 
ATOM   786  C  CG2 . VAL A 1 105 ? -13.174 -2.009  -0.483  1.00 26.31 ? 103 VAL A CG2 1 
ATOM   787  N  N   . SER A 1 106 ? -14.456 -1.351  -4.861  1.00 24.58 ? 104 SER A N   1 
ATOM   788  C  CA  . SER A 1 106 ? -15.228 -1.588  -6.097  1.00 25.09 ? 104 SER A CA  1 
ATOM   789  C  C   . SER A 1 106 ? -14.402 -1.622  -7.375  1.00 24.70 ? 104 SER A C   1 
ATOM   790  O  O   . SER A 1 106 ? -14.839 -2.189  -8.377  1.00 23.24 ? 104 SER A O   1 
ATOM   791  C  CB  . SER A 1 106 ? -16.305 -0.519  -6.268  1.00 24.69 ? 104 SER A CB  1 
ATOM   792  O  OG  . SER A 1 106 ? -17.467 -0.891  -5.527  1.00 29.43 ? 104 SER A OG  1 
ATOM   793  N  N   . ALA A 1 107 ? -13.226 -0.990  -7.336  1.00 23.90 ? 105 ALA A N   1 
ATOM   794  C  CA  . ALA A 1 107 ? -12.439 -0.764  -8.548  1.00 23.67 ? 105 ALA A CA  1 
ATOM   795  C  C   . ALA A 1 107 ? -11.960 -2.120  -9.087  1.00 23.86 ? 105 ALA A C   1 
ATOM   796  O  O   . ALA A 1 107 ? -11.806 -3.064  -8.317  1.00 22.61 ? 105 ALA A O   1 
ATOM   797  C  CB  . ALA A 1 107 ? -11.241 0.118   -8.238  1.00 22.35 ? 105 ALA A CB  1 
ATOM   798  N  N   . LYS A 1 108 ? -11.667 -2.164  -10.382 1.00 22.65 ? 106 LYS A N   1 
ATOM   799  C  CA  . LYS A 1 108 ? -11.206 -3.382  -11.069 1.00 24.10 ? 106 LYS A CA  1 
ATOM   800  C  C   . LYS A 1 108 ? -9.802  -3.775  -10.570 1.00 22.73 ? 106 LYS A C   1 
ATOM   801  O  O   . LYS A 1 108 ? -8.937  -2.941  -10.451 1.00 21.99 ? 106 LYS A O   1 
ATOM   802  C  CB  . LYS A 1 108 ? -11.231 -3.149  -12.597 1.00 23.59 ? 106 LYS A CB  1 
ATOM   803  C  CG  . LYS A 1 108 ? -10.955 -4.367  -13.494 1.00 29.99 ? 106 LYS A CG  1 
ATOM   804  C  CD  . LYS A 1 108 ? -11.891 -4.378  -14.742 1.00 37.08 ? 106 LYS A CD  1 
ATOM   805  C  CE  . LYS A 1 108 ? -11.158 -4.108  -16.086 1.00 41.03 ? 106 LYS A CE  1 
ATOM   806  N  NZ  . LYS A 1 108 ? -11.065 -5.308  -17.019 1.00 43.19 ? 106 LYS A NZ  1 
ATOM   807  N  N   . LYS A 1 109 ? -9.606  -5.046  -10.235 1.00 22.84 ? 107 LYS A N   1 
ATOM   808  C  CA  . LYS A 1 109 ? -8.326  -5.511  -9.692  1.00 21.97 ? 107 LYS A CA  1 
ATOM   809  C  C   . LYS A 1 109 ? -8.389  -7.005  -9.670  1.00 22.32 ? 107 LYS A C   1 
ATOM   810  O  O   . LYS A 1 109 ? -9.487  -7.531  -9.701  1.00 22.91 ? 107 LYS A O   1 
ATOM   811  C  CB  . LYS A 1 109 ? -8.063  -4.938  -8.276  1.00 21.54 ? 107 LYS A CB  1 
ATOM   812  C  CG  . LYS A 1 109 ? -8.839  -5.626  -7.108  1.00 19.80 ? 107 LYS A CG  1 
ATOM   813  C  CD  . LYS A 1 109 ? -8.714  -4.820  -5.830  1.00 18.49 ? 107 LYS A CD  1 
ATOM   814  C  CE  . LYS A 1 109 ? -9.349  -3.433  -5.995  1.00 19.29 ? 107 LYS A CE  1 
ATOM   815  N  NZ  . LYS A 1 109 ? -10.749 -3.340  -5.533  1.00 19.37 ? 107 LYS A NZ  1 
ATOM   816  N  N   . PRO A 1 110 ? -7.232  -7.702  -9.653  1.00 22.53 ? 108 PRO A N   1 
ATOM   817  C  CA  . PRO A 1 110 ? -7.246  -9.160  -9.721  1.00 23.19 ? 108 PRO A CA  1 
ATOM   818  C  C   . PRO A 1 110 ? -7.936  -9.766  -8.526  1.00 23.61 ? 108 PRO A C   1 
ATOM   819  O  O   . PRO A 1 110 ? -7.851  -9.280  -7.390  1.00 24.08 ? 108 PRO A O   1 
ATOM   820  C  CB  . PRO A 1 110 ? -5.750  -9.535  -9.851  1.00 23.37 ? 108 PRO A CB  1 
ATOM   821  C  CG  . PRO A 1 110 ? -5.121  -8.200  -10.473 1.00 22.42 ? 108 PRO A CG  1 
ATOM   822  C  CD  . PRO A 1 110 ? -5.855  -7.181  -9.638  1.00 22.09 ? 108 PRO A CD  1 
ATOM   823  N  N   . LYS A 1 111 ? -8.675  -10.829 -8.796  1.00 24.57 ? 109 LYS A N   1 
ATOM   824  C  CA  . LYS A 1 111 ? -9.397  -11.538 -7.734  1.00 25.28 ? 109 LYS A CA  1 
ATOM   825  C  C   . LYS A 1 111 ? -8.528  -11.798 -6.486  1.00 24.89 ? 109 LYS A C   1 
ATOM   826  O  O   . LYS A 1 111 ? -8.951  -11.565 -5.343  1.00 24.56 ? 109 LYS A O   1 
ATOM   827  C  CB  . LYS A 1 111 ? -9.970  -12.833 -8.305  1.00 25.49 ? 109 LYS A CB  1 
ATOM   828  C  CG  . LYS A 1 111 ? -11.333 -12.654 -9.032  1.00 29.58 ? 109 LYS A CG  1 
ATOM   829  C  CD  . LYS A 1 111 ? -11.634 -11.196 -9.422  1.00 35.39 ? 109 LYS A CD  1 
ATOM   830  C  CE  . LYS A 1 111 ? -13.120 -10.852 -9.384  1.00 40.10 ? 109 LYS A CE  1 
ATOM   831  N  NZ  . LYS A 1 111 ? -14.003 -12.051 -9.612  1.00 43.49 ? 109 LYS A NZ  1 
ATOM   832  N  N   . ILE A 1 112 ? -7.310  -12.281 -6.716  1.00 24.30 ? 110 ILE A N   1 
ATOM   833  C  CA  . ILE A 1 112 ? -6.385  -12.595 -5.620  1.00 24.52 ? 110 ILE A CA  1 
ATOM   834  C  C   . ILE A 1 112 ? -6.051  -11.316 -4.824  1.00 22.95 ? 110 ILE A C   1 
ATOM   835  O  O   . ILE A 1 112 ? -5.902  -11.366 -3.617  1.00 22.00 ? 110 ILE A O   1 
ATOM   836  C  CB  . ILE A 1 112 ? -5.097  -13.278 -6.176  1.00 24.91 ? 110 ILE A CB  1 
ATOM   837  C  CG1 . ILE A 1 112 ? -5.395  -14.747 -6.585  1.00 26.81 ? 110 ILE A CG1 1 
ATOM   838  C  CG2 . ILE A 1 112 ? -3.944  -13.178 -5.174  1.00 26.63 ? 110 ILE A CG2 1 
ATOM   839  C  CD1 . ILE A 1 112 ? -4.199  -15.531 -7.058  1.00 30.40 ? 110 ILE A CD1 1 
ATOM   840  N  N   . VAL A 1 113 ? -5.937  -10.183 -5.515  1.00 23.14 ? 111 VAL A N   1 
ATOM   841  C  CA  . VAL A 1 113 ? -5.726  -8.893  -4.844  1.00 23.46 ? 111 VAL A CA  1 
ATOM   842  C  C   . VAL A 1 113 ? -6.998  -8.504  -4.037  1.00 23.78 ? 111 VAL A C   1 
ATOM   843  O  O   . VAL A 1 113 ? -6.898  -8.034  -2.896  1.00 24.33 ? 111 VAL A O   1 
ATOM   844  C  CB  . VAL A 1 113 ? -5.317  -7.756  -5.845  1.00 23.49 ? 111 VAL A CB  1 
ATOM   845  C  CG1 . VAL A 1 113 ? -5.368  -6.359  -5.164  1.00 21.13 ? 111 VAL A CG1 1 
ATOM   846  C  CG2 . VAL A 1 113 ? -3.938  -7.986  -6.439  1.00 24.04 ? 111 VAL A CG2 1 
ATOM   847  N  N   . GLN A 1 114 ? -8.186  -8.693  -4.624  1.00 24.54 ? 112 GLN A N   1 
ATOM   848  C  CA  . GLN A 1 114 ? -9.466  -8.398  -3.917  1.00 25.18 ? 112 GLN A CA  1 
ATOM   849  C  C   . GLN A 1 114 ? -9.553  -9.153  -2.582  1.00 25.16 ? 112 GLN A C   1 
ATOM   850  O  O   . GLN A 1 114 ? -9.971  -8.616  -1.551  1.00 24.96 ? 112 GLN A O   1 
ATOM   851  C  CB  . GLN A 1 114 ? -10.691 -8.745  -4.811  1.00 24.06 ? 112 GLN A CB  1 
ATOM   852  C  CG  . GLN A 1 114 ? -12.022 -8.179  -4.308  1.00 26.32 ? 112 GLN A CG  1 
ATOM   853  C  CD  . GLN A 1 114 ? -12.062 -6.644  -4.350  1.00 28.10 ? 112 GLN A CD  1 
ATOM   854  O  OE1 . GLN A 1 114 ? -11.451 -6.037  -5.214  1.00 28.08 ? 112 GLN A OE1 1 
ATOM   855  N  NE2 . GLN A 1 114 ? -12.797 -6.032  -3.435  1.00 28.35 ? 112 GLN A NE2 1 
ATOM   856  N  N   . GLU A 1 115 ? -9.150  -10.416 -2.643  1.00 26.37 ? 113 GLU A N   1 
ATOM   857  C  CA  . GLU A 1 115 ? -9.119  -11.331 -1.517  1.00 28.03 ? 113 GLU A CA  1 
ATOM   858  C  C   . GLU A 1 115 ? -8.269  -10.778 -0.357  1.00 27.31 ? 113 GLU A C   1 
ATOM   859  O  O   . GLU A 1 115 ? -8.725  -10.713 0.794   1.00 27.30 ? 113 GLU A O   1 
ATOM   860  C  CB  . GLU A 1 115 ? -8.507  -12.625 -2.023  1.00 29.13 ? 113 GLU A CB  1 
ATOM   861  C  CG  . GLU A 1 115 ? -9.341  -13.874 -1.866  1.00 34.87 ? 113 GLU A CG  1 
ATOM   862  C  CD  . GLU A 1 115 ? -9.907  -14.007 -0.483  1.00 41.56 ? 113 GLU A CD  1 
ATOM   863  O  OE1 . GLU A 1 115 ? -9.086  -14.154 0.449   1.00 41.94 ? 113 GLU A OE1 1 
ATOM   864  O  OE2 . GLU A 1 115 ? -11.158 -13.944 -0.352  1.00 42.96 ? 113 GLU A OE2 1 
ATOM   865  N  N   . ARG A 1 116 ? -7.046  -10.364 -0.676  1.00 26.26 ? 114 ARG A N   1 
ATOM   866  C  CA  . ARG A 1 116 ? -6.133  -9.821  0.331   1.00 27.18 ? 114 ARG A CA  1 
ATOM   867  C  C   . ARG A 1 116 ? -6.681  -8.506  0.875   1.00 27.32 ? 114 ARG A C   1 
ATOM   868  O  O   . ARG A 1 116 ? -6.591  -8.241  2.070   1.00 27.41 ? 114 ARG A O   1 
ATOM   869  C  CB  . ARG A 1 116 ? -4.729  -9.604  -0.259  1.00 27.19 ? 114 ARG A CB  1 
ATOM   870  C  CG  . ARG A 1 116 ? -3.975  -10.918 -0.598  1.00 28.01 ? 114 ARG A CG  1 
ATOM   871  C  CD  . ARG A 1 116 ? -2.580  -10.981 -0.012  1.00 27.83 ? 114 ARG A CD  1 
ATOM   872  N  NE  . ARG A 1 116 ? -1.946  -12.294 -0.173  1.00 26.92 ? 114 ARG A NE  1 
ATOM   873  C  CZ  . ARG A 1 116 ? -0.659  -12.457 -0.485  1.00 27.90 ? 114 ARG A CZ  1 
ATOM   874  N  NH1 . ARG A 1 116 ? 0.114   -11.388 -0.700  1.00 21.97 ? 114 ARG A NH1 1 
ATOM   875  N  NH2 . ARG A 1 116 ? -0.145  -13.682 -0.584  1.00 26.41 ? 114 ARG A NH2 1 
ATOM   876  N  N   . LEU A 1 117 ? -7.253  -7.692  -0.012  1.00 26.92 ? 115 LEU A N   1 
ATOM   877  C  CA  . LEU A 1 117 ? -7.767  -6.374  0.370   1.00 26.52 ? 115 LEU A CA  1 
ATOM   878  C  C   . LEU A 1 117 ? -8.919  -6.496  1.369   1.00 27.27 ? 115 LEU A C   1 
ATOM   879  O  O   . LEU A 1 117 ? -8.960  -5.804  2.386   1.00 27.95 ? 115 LEU A O   1 
ATOM   880  C  CB  . LEU A 1 117 ? -8.249  -5.629  -0.883  1.00 25.97 ? 115 LEU A CB  1 
ATOM   881  C  CG  . LEU A 1 117 ? -9.033  -4.322  -0.761  1.00 24.85 ? 115 LEU A CG  1 
ATOM   882  C  CD1 . LEU A 1 117 ? -8.345  -3.284  0.165   1.00 19.71 ? 115 LEU A CD1 1 
ATOM   883  C  CD2 . LEU A 1 117 ? -9.223  -3.781  -2.132  1.00 22.07 ? 115 LEU A CD2 1 
ATOM   884  N  N   . GLU A 1 118 ? -9.863  -7.362  1.060   1.00 27.63 ? 116 GLU A N   1 
ATOM   885  C  CA  . GLU A 1 118 ? -11.045 -7.523  1.899   1.00 28.98 ? 116 GLU A CA  1 
ATOM   886  C  C   . GLU A 1 118 ? -10.632 -8.054  3.268   1.00 29.49 ? 116 GLU A C   1 
ATOM   887  O  O   . GLU A 1 118 ? -11.144 -7.609  4.292   1.00 30.51 ? 116 GLU A O   1 
ATOM   888  C  CB  . GLU A 1 118 ? -12.062 -8.436  1.220   1.00 29.21 ? 116 GLU A CB  1 
ATOM   889  C  CG  . GLU A 1 118 ? -12.822 -7.674  0.149   1.00 30.14 ? 116 GLU A CG  1 
ATOM   890  C  CD  . GLU A 1 118 ? -13.666 -8.529  -0.765  1.00 30.22 ? 116 GLU A CD  1 
ATOM   891  O  OE1 . GLU A 1 118 ? -14.215 -7.928  -1.721  1.00 31.12 ? 116 GLU A OE1 1 
ATOM   892  O  OE2 . GLU A 1 118 ? -13.726 -9.774  -0.571  1.00 30.75 ? 116 GLU A OE2 1 
ATOM   893  N  N   . LYS A 1 119 ? -9.691  -8.981  3.266   1.00 30.09 ? 117 LYS A N   1 
ATOM   894  C  CA  . LYS A 1 119 ? -9.094  -9.504  4.486   1.00 31.73 ? 117 LYS A CA  1 
ATOM   895  C  C   . LYS A 1 119 ? -8.486  -8.401  5.348   1.00 31.39 ? 117 LYS A C   1 
ATOM   896  O  O   . LYS A 1 119 ? -8.791  -8.321  6.545   1.00 31.02 ? 117 LYS A O   1 
ATOM   897  C  CB  . LYS A 1 119 ? -8.018  -10.544 4.138   1.00 31.54 ? 117 LYS A CB  1 
ATOM   898  C  CG  . LYS A 1 119 ? -8.041  -11.804 4.973   1.00 35.62 ? 117 LYS A CG  1 
ATOM   899  C  CD  . LYS A 1 119 ? -6.644  -12.141 5.511   1.00 40.39 ? 117 LYS A CD  1 
ATOM   900  C  CE  . LYS A 1 119 ? -6.681  -13.310 6.511   1.00 44.55 ? 117 LYS A CE  1 
ATOM   901  N  NZ  . LYS A 1 119 ? -5.311  -13.750 6.957   1.00 46.21 ? 117 LYS A NZ  1 
ATOM   902  N  N   . VAL A 1 120 ? -7.604  -7.574  4.767   1.00 31.84 ? 118 VAL A N   1 
ATOM   903  C  CA  . VAL A 1 120 ? -7.021  -6.461  5.562   1.00 32.38 ? 118 VAL A CA  1 
ATOM   904  C  C   . VAL A 1 120 ? -8.057  -5.475  6.081   1.00 31.96 ? 118 VAL A C   1 
ATOM   905  O  O   . VAL A 1 120 ? -7.911  -4.956  7.195   1.00 32.11 ? 118 VAL A O   1 
ATOM   906  C  CB  . VAL A 1 120 ? -5.835  -5.674  4.887   1.00 32.32 ? 118 VAL A CB  1 
ATOM   907  C  CG1 . VAL A 1 120 ? -4.601  -6.578  4.658   1.00 31.16 ? 118 VAL A CG1 1 
ATOM   908  C  CG2 . VAL A 1 120 ? -6.253  -4.929  3.631   1.00 34.44 ? 118 VAL A CG2 1 
ATOM   909  N  N   . ILE A 1 121 ? -9.075  -5.201  5.273   1.00 30.95 ? 119 ILE A N   1 
ATOM   910  C  CA  . ILE A 1 121 ? -10.124 -4.278  5.670   1.00 31.48 ? 119 ILE A CA  1 
ATOM   911  C  C   . ILE A 1 121 ? -10.842 -4.841  6.891   1.00 32.95 ? 119 ILE A C   1 
ATOM   912  O  O   . ILE A 1 121 ? -10.896 -4.179  7.926   1.00 32.81 ? 119 ILE A O   1 
ATOM   913  C  CB  . ILE A 1 121 ? -11.095 -4.015  4.499   1.00 31.05 ? 119 ILE A CB  1 
ATOM   914  C  CG1 . ILE A 1 121 ? -10.437 -3.065  3.492   1.00 28.58 ? 119 ILE A CG1 1 
ATOM   915  C  CG2 . ILE A 1 121 ? -12.468 -3.458  4.995   1.00 29.79 ? 119 ILE A CG2 1 
ATOM   916  C  CD1 . ILE A 1 121 ? -11.210 -2.933  2.237   1.00 24.77 ? 119 ILE A CD1 1 
ATOM   917  N  N   . ALA A 1 122 ? -11.344 -6.070  6.758   1.00 34.24 ? 120 ALA A N   1 
ATOM   918  C  CA  . ALA A 1 122 ? -11.932 -6.820  7.872   1.00 36.12 ? 120 ALA A CA  1 
ATOM   919  C  C   . ALA A 1 122 ? -11.049 -6.884  9.143   1.00 36.78 ? 120 ALA A C   1 
ATOM   920  O  O   . ALA A 1 122 ? -11.588 -6.651  10.237  1.00 36.30 ? 120 ALA A O   1 
ATOM   921  C  CB  . ALA A 1 122 ? -12.320 -8.229  7.416   1.00 36.15 ? 120 ALA A CB  1 
HETATM 922  ZN ZN  . ZN  B 2 .   ? 7.212   -7.844  -4.714  1.00 27.17 ? 124 ZN  A ZN  1 
HETATM 923  Y  Y   . Y1  C 3 .   ? -5.984  18.556  -9.137  0.70 78.09 ? 125 Y1  A Y   1 
HETATM 924  S  S   . SO4 D 4 .   ? 5.543   10.344  -12.308 1.00 50.15 ? 126 SO4 A S   1 
HETATM 925  O  O1  . SO4 D 4 .   ? 4.919   9.059   -12.587 1.00 49.49 ? 126 SO4 A O1  1 
HETATM 926  O  O2  . SO4 D 4 .   ? 5.900   10.471  -10.895 1.00 48.28 ? 126 SO4 A O2  1 
HETATM 927  O  O3  . SO4 D 4 .   ? 6.727   10.483  -13.162 1.00 49.28 ? 126 SO4 A O3  1 
HETATM 928  O  O4  . SO4 D 4 .   ? 4.610   11.415  -12.655 1.00 49.74 ? 126 SO4 A O4  1 
HETATM 929  O  O8  . YMA E 5 .   ? -4.450  16.538  -11.743 0.70 73.88 ? 195 YMA A O8  1 
HETATM 930  C  C2  . YMA E 5 .   ? -5.454  17.377  -12.216 0.70 74.32 ? 195 YMA A C2  1 
HETATM 931  O  O7  . YMA E 5 .   ? -6.754  17.090  -12.003 0.70 73.85 ? 195 YMA A O7  1 
HETATM 932  C  C1  . YMA E 5 .   ? -5.125  18.658  -12.986 0.70 74.62 ? 195 YMA A C1  1 
HETATM 933  N  N1  . YMA E 5 .   ? -5.105  19.834  -12.138 0.70 74.11 ? 195 YMA A N1  1 
HETATM 934  C  C10 . YMA E 5 .   ? -3.849  20.335  -11.524 0.70 72.79 ? 195 YMA A C10 1 
HETATM 935  C  C11 . YMA E 5 .   ? -3.074  19.234  -10.759 0.70 70.69 ? 195 YMA A C11 1 
HETATM 936  N  N3  . YMA E 5 .   ? -2.724  19.554  -9.354  0.70 69.14 ? 195 YMA A N3  1 
HETATM 937  C  C14 . YMA E 5 .   ? -2.644  18.433  -8.363  0.70 65.70 ? 195 YMA A C14 1 
HETATM 938  C  C15 . YMA E 5 .   ? -3.032  18.674  -7.112  0.70 61.54 ? 195 YMA A C15 1 
HETATM 939  N  N5  . YMA E 5 .   ? -2.676  17.505  -6.500  0.70 56.08 ? 195 YMA A N5  1 
HETATM 940  C  C16 . YMA E 5 .   ? -2.360  16.085  -7.036  0.70 48.22 ? 195 YMA A C16 1 
HETATM 941  C  C18 . YMA E 5 .   ? -1.568  14.984  -7.979  0.70 42.13 ? 195 YMA A C18 1 
HETATM 942  S  S2  . YMA E 5 .   ? 0.219   15.283  -7.831  0.70 32.41 ? 195 YMA A S2  1 
HETATM 943  O  O6  . YMA E 5 .   ? -3.649  19.553  -6.605  0.70 62.62 ? 195 YMA A O6  1 
HETATM 944  C  C12 . YMA E 5 .   ? -2.369  20.939  -8.958  0.70 70.51 ? 195 YMA A C12 1 
HETATM 945  C  C13 . YMA E 5 .   ? -3.547  21.846  -8.859  0.70 71.95 ? 195 YMA A C13 1 
HETATM 946  O  O4  . YMA E 5 .   ? -3.585  23.041  -9.563  0.70 73.38 ? 195 YMA A O4  1 
HETATM 947  O  O3  . YMA E 5 .   ? -4.578  21.482  -8.088  0.70 72.31 ? 195 YMA A O3  1 
HETATM 948  C  C3  . YMA E 5 .   ? -6.394  20.541  -11.944 0.70 74.74 ? 195 YMA A C3  1 
HETATM 949  C  C4  . YMA E 5 .   ? -6.501  21.269  -10.582 0.70 75.01 ? 195 YMA A C4  1 
HETATM 950  N  N2  . YMA E 5 .   ? -7.643  21.101  -9.963  0.70 74.40 ? 195 YMA A N2  1 
HETATM 951  C  C5  . YMA E 5 .   ? -8.874  20.296  -10.532 0.70 75.29 ? 195 YMA A C5  1 
HETATM 952  C  C6  . YMA E 5 .   ? -9.295  19.098  -9.747  0.70 75.85 ? 195 YMA A C6  1 
HETATM 953  O  O2  . YMA E 5 .   ? -10.431 19.155  -8.954  0.70 76.28 ? 195 YMA A O2  1 
HETATM 954  O  O1  . YMA E 5 .   ? -8.552  17.980  -9.809  0.70 75.85 ? 195 YMA A O1  1 
HETATM 955  C  C7  . YMA E 5 .   ? -7.963  21.777  -8.614  0.70 72.86 ? 195 YMA A C7  1 
HETATM 956  C  C8  . YMA E 5 .   ? -7.841  20.614  -7.443  0.70 71.43 ? 195 YMA A C8  1 
HETATM 957  O  O5  . YMA E 5 .   ? -6.433  19.886  -7.250  0.70 71.19 ? 195 YMA A O5  1 
HETATM 958  N  N4  . YMA E 5 .   ? -8.540  19.687  -6.819  0.70 69.18 ? 195 YMA A N4  1 
HETATM 959  C  C9  . YMA E 5 .   ? -8.251  18.226  -6.368  0.70 65.75 ? 195 YMA A C9  1 
HETATM 960  C  C17 . YMA E 5 .   ? -8.608  16.702  -6.637  0.70 63.05 ? 195 YMA A C17 1 
HETATM 961  S  S1  . YMA E 5 .   ? -10.189 15.829  -6.320  0.70 57.12 ? 195 YMA A S1  1 
HETATM 962  O  O   . HOH F 6 .   ? -1.228  -5.867  8.176   1.00 23.97 ? 196 HOH A O   1 
HETATM 963  O  O   . HOH F 6 .   ? 0.965   -8.642  5.032   1.00 26.86 ? 197 HOH A O   1 
HETATM 964  O  O   . HOH F 6 .   ? -9.596  9.946   6.127   1.00 23.23 ? 198 HOH A O   1 
HETATM 965  O  O   . HOH F 6 .   ? 7.504   9.970   -1.894  1.00 21.81 ? 199 HOH A O   1 
HETATM 966  O  O   . HOH F 6 .   ? 0.683   10.848  -2.791  1.00 26.00 ? 200 HOH A O   1 
HETATM 967  O  O   . HOH F 6 .   ? 13.150  -5.515  -3.118  1.00 25.82 ? 201 HOH A O   1 
HETATM 968  O  O   . HOH F 6 .   ? 0.783   -7.705  1.060   1.00 16.59 ? 202 HOH A O   1 
HETATM 969  O  O   . HOH F 6 .   ? 0.402   7.622   12.978  1.00 30.14 ? 203 HOH A O   1 
HETATM 970  O  O   . HOH F 6 .   ? 11.351  -0.076  -3.833  1.00 19.20 ? 204 HOH A O   1 
HETATM 971  O  O   . HOH F 6 .   ? 1.005   10.842  13.420  1.00 25.61 ? 205 HOH A O   1 
HETATM 972  O  O   . HOH F 6 .   ? -17.407 -0.717  -2.430  1.00 20.17 ? 206 HOH A O   1 
HETATM 973  O  O   . HOH F 6 .   ? 1.790   -4.620  -11.886 1.00 20.94 ? 207 HOH A O   1 
HETATM 974  O  O   . HOH F 6 .   ? -11.666 -7.862  -8.086  1.00 27.65 ? 208 HOH A O   1 
HETATM 975  O  O   . HOH F 6 .   ? -8.900  6.343   -4.841  1.00 26.06 ? 209 HOH A O   1 
HETATM 976  O  O   . HOH F 6 .   ? -8.840  -4.943  10.165  1.00 48.60 ? 210 HOH A O   1 
HETATM 977  O  O   . HOH F 6 .   ? -10.952 10.532  3.842   1.00 18.18 ? 211 HOH A O   1 
HETATM 978  O  O   . HOH F 6 .   ? 17.242  -6.527  -0.873  1.00 36.92 ? 212 HOH A O   1 
HETATM 979  O  O   . HOH F 6 .   ? -19.687 3.547   3.409   1.00 22.35 ? 213 HOH A O   1 
HETATM 980  O  O   . HOH F 6 .   ? -14.764 10.306  5.734   1.00 31.01 ? 214 HOH A O   1 
HETATM 981  O  O   . HOH F 6 .   ? -12.098 0.060   -11.903 1.00 27.06 ? 215 HOH A O   1 
HETATM 982  O  O   . HOH F 6 .   ? 12.019  3.692   8.512   1.00 24.84 ? 216 HOH A O   1 
HETATM 983  O  O   . HOH F 6 .   ? 4.150   18.199  13.356  1.00 42.88 ? 217 HOH A O   1 
HETATM 984  O  O   . HOH F 6 .   ? 16.775  6.239   -3.933  1.00 31.46 ? 218 HOH A O   1 
HETATM 985  O  O   . HOH F 6 .   ? -5.375  -2.720  -10.927 1.00 35.87 ? 219 HOH A O   1 
HETATM 986  O  O   . HOH F 6 .   ? 5.580   -0.464  11.163  1.00 22.16 ? 220 HOH A O   1 
HETATM 987  O  O   . HOH F 6 .   ? 17.532  2.583   -1.601  1.00 30.70 ? 221 HOH A O   1 
HETATM 988  O  O   . HOH F 6 .   ? 11.350  -11.122 -4.974  1.00 27.05 ? 222 HOH A O   1 
HETATM 989  O  O   . HOH F 6 .   ? 8.501   11.692  0.641   1.00 28.45 ? 223 HOH A O   1 
HETATM 990  O  O   . HOH F 6 .   ? 5.388   11.020  -8.519  1.00 24.84 ? 224 HOH A O   1 
HETATM 991  O  O   . HOH F 6 .   ? -0.410  12.732  -0.226  1.00 32.54 ? 225 HOH A O   1 
HETATM 992  O  O   . HOH F 6 .   ? -14.303 -5.261  -8.474  1.00 36.15 ? 226 HOH A O   1 
HETATM 993  O  O   . HOH F 6 .   ? -11.539 -1.619  8.258   1.00 26.68 ? 227 HOH A O   1 
HETATM 994  O  O   . HOH F 6 .   ? 7.808   8.088   -7.293  1.00 34.97 ? 228 HOH A O   1 
HETATM 995  O  O   . HOH F 6 .   ? 14.947  6.386   1.367   1.00 49.52 ? 229 HOH A O   1 
HETATM 996  O  O   . HOH F 6 .   ? 5.082   4.714   13.919  1.00 30.87 ? 230 HOH A O   1 
HETATM 997  O  O   . HOH F 6 .   ? 0.712   13.465  11.023  1.00 23.12 ? 231 HOH A O   1 
HETATM 998  O  O   . HOH F 6 .   ? -15.557 4.907   1.648   1.00 24.94 ? 232 HOH A O   1 
HETATM 999  O  O   . HOH F 6 .   ? 5.727   11.555  -1.192  1.00 26.53 ? 233 HOH A O   1 
HETATM 1000 O  O   . HOH F 6 .   ? -17.336 0.943   3.956   1.00 35.11 ? 234 HOH A O   1 
HETATM 1001 O  O   . HOH F 6 .   ? 10.617  -0.152  -11.178 1.00 44.57 ? 235 HOH A O   1 
HETATM 1002 O  O   . HOH F 6 .   ? 11.179  -8.650  -8.849  1.00 29.43 ? 236 HOH A O   1 
HETATM 1003 O  O   . HOH F 6 .   ? 12.406  6.708   -6.521  1.00 39.47 ? 237 HOH A O   1 
HETATM 1004 O  O   . HOH F 6 .   ? -0.900  14.915  -2.103  1.00 53.16 ? 238 HOH A O   1 
HETATM 1005 O  O   . HOH F 6 .   ? 10.725  -13.469 2.982   1.00 25.37 ? 239 HOH A O   1 
HETATM 1006 O  O   . HOH F 6 .   ? -20.468 2.509   -0.024  1.00 38.74 ? 240 HOH A O   1 
HETATM 1007 O  O   . HOH F 6 .   ? -2.818  17.149  0.088   1.00 37.81 ? 241 HOH A O   1 
HETATM 1008 O  O   . HOH F 6 .   ? 2.350   8.421   19.089  1.00 46.75 ? 242 HOH A O   1 
HETATM 1009 O  O   . HOH F 6 .   ? -3.175  17.049  4.999   1.00 42.85 ? 243 HOH A O   1 
HETATM 1010 O  O   . HOH F 6 .   ? 2.140   4.958   -10.446 1.00 62.39 ? 244 HOH A O   1 
HETATM 1011 O  O   . HOH F 6 .   ? 16.388  -7.736  -7.700  1.00 29.07 ? 245 HOH A O   1 
HETATM 1012 O  O   . HOH F 6 .   ? 2.055   -10.265 -10.855 1.00 44.45 ? 246 HOH A O   1 
HETATM 1013 O  O   . HOH F 6 .   ? -12.569 -11.684 -2.644  1.00 37.14 ? 247 HOH A O   1 
HETATM 1014 O  O   . HOH F 6 .   ? -6.277  10.183  -7.350  1.00 45.12 ? 248 HOH A O   1 
HETATM 1015 O  O   . HOH F 6 .   ? -3.160  8.618   16.389  1.00 40.32 ? 249 HOH A O   1 
HETATM 1016 O  O   . HOH F 6 .   ? -10.865 3.521   -10.628 1.00 34.36 ? 250 HOH A O   1 
HETATM 1017 O  O   . HOH F 6 .   ? -5.971  11.175  11.790  1.00 37.13 ? 251 HOH A O   1 
HETATM 1018 O  O   . HOH F 6 .   ? -8.612  -0.353  -11.660 1.00 31.25 ? 252 HOH A O   1 
HETATM 1019 O  O   . HOH F 6 .   ? -0.315  -8.120  7.391   1.00 32.30 ? 253 HOH A O   1 
HETATM 1020 O  O   . HOH F 6 .   ? 13.415  -0.570  -11.218 1.00 46.05 ? 254 HOH A O   1 
HETATM 1021 O  O   . HOH F 6 .   ? -4.370  -9.502  3.539   1.00 32.57 ? 255 HOH A O   1 
HETATM 1022 O  O   . HOH F 6 .   ? -6.837  8.689   -11.413 1.00 33.85 ? 256 HOH A O   1 
HETATM 1023 O  O   . HOH F 6 .   ? -5.278  -13.666 -2.127  1.00 28.66 ? 257 HOH A O   1 
HETATM 1024 O  O   . HOH F 6 .   ? -11.969 3.946   10.182  1.00 40.55 ? 258 HOH A O   1 
HETATM 1025 O  O   . HOH F 6 .   ? -0.953  -9.319  2.621   1.00 38.71 ? 259 HOH A O   1 
HETATM 1026 O  O   . HOH F 6 .   ? 0.242   17.496  6.775   1.00 37.62 ? 260 HOH A O   1 
HETATM 1027 O  O   . HOH F 6 .   ? -3.265  8.012   -10.573 1.00 39.57 ? 261 HOH A O   1 
HETATM 1028 O  O   . HOH F 6 .   ? -9.939  -2.743  11.947  1.00 41.62 ? 262 HOH A O   1 
HETATM 1029 O  O   . HOH F 6 .   ? -4.632  -12.557 2.978   1.00 32.89 ? 263 HOH A O   1 
HETATM 1030 O  O   . HOH F 6 .   ? -9.466  12.295  10.391  1.00 45.35 ? 264 HOH A O   1 
HETATM 1031 O  O   . HOH F 6 .   ? -5.279  16.196  -6.445  1.00 47.79 ? 265 HOH A O   1 
HETATM 1032 O  O   . HOH F 6 .   ? -7.659  -0.377  13.074  1.00 46.20 ? 266 HOH A O   1 
# 
